data_2C9B
#
_entry.id   2C9B
#
_cell.length_a   78.045
_cell.length_b   78.364
_cell.length_c   88.843
_cell.angle_alpha   64.39
_cell.angle_beta   64.69
_cell.angle_gamma   65.03
#
_symmetry.space_group_name_H-M   'P 1'
#
loop_
_entity.id
_entity.type
_entity.pdbx_description
1 polymer '6,7-DIMETHYL-8-RIBITYLLUMAZINE SYNTHASE'
2 non-polymer 3-(1,3,7-TRIHYDRO-9-D-RIBITYL-2,6,8-PURINETRIONE-7-YL)
3 non-polymer 'POTASSIUM ION'
4 non-polymer 'PHOSPHATE ION'
5 non-polymer (4S)-2-METHYL-2,4-PENTANEDIOL
6 water water
#
_entity_poly.entity_id   1
_entity_poly.type   'polypeptide(L)'
_entity_poly.pdbx_seq_one_letter_code
;MKGGAGVPDLPSLDASGVRLAIVASSWHGKICDALLDGARKVAAGCGLDDPTVVRVLGAIEIPVVAQELARNHDAVVALG
VVIRGQTPHFDYVCDAVTQGLTRVSLDSSTPIANGVLTTNTEEQALDRAGLPTSAEDKGAQATVAALATALTLRELRAHS
;
_entity_poly.pdbx_strand_id   A,B,C,D,E,F,G,H,I,J
#
# COMPACT_ATOMS: atom_id res chain seq x y z
N ASP A 14 -18.18 21.55 26.82
CA ASP A 14 -16.73 21.60 26.44
C ASP A 14 -16.55 21.54 24.91
N ALA A 15 -16.08 20.39 24.39
CA ALA A 15 -15.71 20.17 22.97
C ALA A 15 -14.55 21.05 22.51
N SER A 16 -13.69 21.44 23.45
CA SER A 16 -12.63 22.40 23.19
C SER A 16 -11.25 21.78 22.91
N GLY A 17 -11.14 20.45 23.03
CA GLY A 17 -9.86 19.76 22.81
C GLY A 17 -9.54 19.43 21.35
N VAL A 18 -10.52 19.60 20.48
CA VAL A 18 -10.42 19.22 19.08
C VAL A 18 -9.69 20.31 18.30
N ARG A 19 -8.73 19.90 17.45
CA ARG A 19 -8.09 20.85 16.54
C ARG A 19 -8.71 20.81 15.14
N LEU A 20 -9.16 21.98 14.69
CA LEU A 20 -9.99 22.10 13.48
C LEU A 20 -9.30 22.87 12.37
N ALA A 21 -9.48 22.38 11.14
CA ALA A 21 -8.96 23.04 9.95
C ALA A 21 -10.07 23.28 8.94
N ILE A 22 -10.07 24.47 8.34
CA ILE A 22 -11.05 24.85 7.31
C ILE A 22 -10.37 25.28 6.02
N VAL A 23 -10.75 24.64 4.91
CA VAL A 23 -10.26 25.05 3.60
C VAL A 23 -11.43 25.47 2.71
N ALA A 24 -11.36 26.71 2.21
CA ALA A 24 -12.43 27.27 1.36
C ALA A 24 -11.88 27.82 0.05
N SER A 25 -12.53 27.47 -1.05
CA SER A 25 -12.14 27.98 -2.38
C SER A 25 -12.58 29.43 -2.60
N SER A 26 -12.12 30.03 -3.69
CA SER A 26 -12.33 31.47 -3.93
C SER A 26 -13.33 31.77 -5.04
N TRP A 27 -13.47 30.84 -5.98
CA TRP A 27 -14.42 30.96 -7.09
C TRP A 27 -15.80 31.37 -6.56
N HIS A 28 -16.30 32.51 -7.06
CA HIS A 28 -17.47 33.21 -6.50
C HIS A 28 -17.13 33.84 -5.15
N GLY A 29 -16.99 35.17 -5.15
CA GLY A 29 -16.51 35.92 -3.98
C GLY A 29 -17.44 35.98 -2.77
N LYS A 30 -18.61 36.60 -2.97
CA LYS A 30 -19.61 36.79 -1.92
C LYS A 30 -19.97 35.53 -1.13
N ILE A 31 -20.25 34.44 -1.85
CA ILE A 31 -20.80 33.22 -1.24
C ILE A 31 -19.79 32.44 -0.39
N CYS A 32 -18.56 32.31 -0.88
CA CYS A 32 -17.49 31.62 -0.14
C CYS A 32 -17.21 32.28 1.22
N ASP A 33 -17.18 33.61 1.24
CA ASP A 33 -17.00 34.34 2.49
C ASP A 33 -18.17 34.14 3.45
N ALA A 34 -19.37 34.01 2.89
CA ALA A 34 -20.59 33.75 3.68
C ALA A 34 -20.56 32.34 4.29
N LEU A 35 -20.00 31.38 3.57
CA LEU A 35 -19.85 30.01 4.04
C LEU A 35 -18.82 29.92 5.16
N LEU A 36 -17.69 30.61 4.98
CA LEU A 36 -16.62 30.61 5.97
C LEU A 36 -17.07 31.26 7.27
N ASP A 37 -17.92 32.27 7.15
CA ASP A 37 -18.42 33.01 8.31
C ASP A 37 -19.24 32.12 9.24
N GLY A 38 -20.20 31.40 8.68
CA GLY A 38 -21.01 30.43 9.43
C GLY A 38 -20.17 29.34 10.06
N ALA A 39 -19.16 28.88 9.33
CA ALA A 39 -18.20 27.90 9.85
C ALA A 39 -17.43 28.46 11.06
N ARG A 40 -16.97 29.71 10.94
CA ARG A 40 -16.21 30.38 12.00
C ARG A 40 -17.05 30.63 13.25
N LYS A 41 -18.34 30.94 13.06
CA LYS A 41 -19.26 31.18 14.18
C LYS A 41 -19.43 29.95 15.05
N VAL A 42 -19.63 28.80 14.41
CA VAL A 42 -19.85 27.51 15.10
C VAL A 42 -18.64 27.06 15.92
N ALA A 43 -17.45 27.18 15.33
CA ALA A 43 -16.20 26.83 16.00
C ALA A 43 -15.95 27.62 17.28
N ALA A 44 -16.12 28.94 17.20
CA ALA A 44 -15.96 29.81 18.37
C ALA A 44 -16.99 29.53 19.45
N GLY A 45 -18.22 29.19 19.02
CA GLY A 45 -19.29 28.82 19.93
C GLY A 45 -19.07 27.48 20.60
N CYS A 46 -18.26 26.63 19.97
CA CYS A 46 -17.93 25.31 20.53
C CYS A 46 -16.64 25.31 21.36
N GLY A 47 -16.02 26.48 21.52
CA GLY A 47 -14.83 26.62 22.35
C GLY A 47 -13.54 26.80 21.58
N LEU A 48 -13.62 26.70 20.25
CA LEU A 48 -12.45 26.78 19.36
C LEU A 48 -12.30 28.16 18.72
N ASP A 49 -11.49 29.02 19.34
CA ASP A 49 -11.37 30.42 18.93
C ASP A 49 -10.64 30.63 17.61
N ASP A 50 -9.46 30.04 17.44
CA ASP A 50 -8.68 30.27 16.21
C ASP A 50 -8.31 28.97 15.49
N PRO A 51 -9.19 28.49 14.59
CA PRO A 51 -8.91 27.33 13.75
C PRO A 51 -7.98 27.66 12.57
N THR A 52 -7.42 26.63 11.93
CA THR A 52 -6.51 26.80 10.81
C THR A 52 -7.29 27.04 9.51
N VAL A 53 -7.21 28.26 8.98
CA VAL A 53 -7.96 28.63 7.76
C VAL A 53 -7.01 28.80 6.57
N VAL A 54 -7.28 28.06 5.49
CA VAL A 54 -6.48 28.13 4.26
C VAL A 54 -7.37 28.35 3.03
N ARG A 55 -6.94 29.24 2.14
CA ARG A 55 -7.69 29.57 0.94
C ARG A 55 -7.10 28.93 -0.31
N VAL A 56 -7.97 28.42 -1.18
CA VAL A 56 -7.55 27.93 -2.50
C VAL A 56 -8.34 28.64 -3.61
N LEU A 57 -7.91 28.46 -4.85
CA LEU A 57 -8.55 29.12 -5.99
C LEU A 57 -9.85 28.43 -6.41
N GLY A 58 -9.76 27.14 -6.74
CA GLY A 58 -10.91 26.40 -7.23
C GLY A 58 -11.21 25.15 -6.41
N ALA A 59 -12.38 24.57 -6.64
CA ALA A 59 -12.86 23.40 -5.91
C ALA A 59 -12.02 22.14 -6.16
N ILE A 60 -11.38 22.08 -7.33
CA ILE A 60 -10.53 20.93 -7.68
C ILE A 60 -9.25 20.87 -6.84
N GLU A 61 -8.81 22.03 -6.36
CA GLU A 61 -7.60 22.14 -5.54
C GLU A 61 -7.83 21.86 -4.05
N ILE A 62 -9.08 21.66 -3.65
CA ILE A 62 -9.42 21.42 -2.24
C ILE A 62 -8.85 20.09 -1.68
N PRO A 63 -9.13 18.95 -2.36
CA PRO A 63 -8.63 17.65 -1.82
C PRO A 63 -7.14 17.63 -1.42
N VAL A 64 -6.26 18.18 -2.25
CA VAL A 64 -4.81 18.11 -2.01
C VAL A 64 -4.31 18.93 -0.81
N VAL A 65 -5.02 20.01 -0.49
CA VAL A 65 -4.73 20.82 0.71
C VAL A 65 -5.35 20.15 1.94
N ALA A 66 -6.53 19.55 1.76
CA ALA A 66 -7.19 18.78 2.82
C ALA A 66 -6.37 17.56 3.27
N GLN A 67 -5.60 16.99 2.34
CA GLN A 67 -4.70 15.88 2.64
C GLN A 67 -3.55 16.30 3.54
N GLU A 68 -3.08 17.53 3.34
CA GLU A 68 -1.98 18.11 4.13
C GLU A 68 -2.44 18.50 5.54
N LEU A 69 -3.63 19.08 5.64
CA LEU A 69 -4.20 19.52 6.92
C LEU A 69 -4.58 18.38 7.85
N ALA A 70 -4.87 17.22 7.26
CA ALA A 70 -5.27 16.04 8.01
C ALA A 70 -4.13 15.41 8.82
N ARG A 71 -2.90 15.84 8.54
CA ARG A 71 -1.70 15.28 9.20
C ARG A 71 -1.48 15.79 10.63
N ASN A 72 -2.12 16.90 11.00
CA ASN A 72 -2.13 17.37 12.39
C ASN A 72 -3.41 18.09 12.84
N HIS A 73 -4.56 17.55 12.41
CA HIS A 73 -5.88 18.04 12.82
C HIS A 73 -6.84 16.86 12.99
N ASP A 74 -7.83 17.02 13.87
CA ASP A 74 -8.78 15.93 14.16
C ASP A 74 -9.99 15.98 13.22
N ALA A 75 -10.19 17.12 12.55
CA ALA A 75 -11.31 17.32 11.61
C ALA A 75 -11.03 18.44 10.61
N VAL A 76 -11.52 18.26 9.38
CA VAL A 76 -11.33 19.25 8.31
C VAL A 76 -12.66 19.56 7.61
N VAL A 77 -12.90 20.86 7.38
CA VAL A 77 -14.13 21.32 6.73
C VAL A 77 -13.81 21.94 5.37
N ALA A 78 -14.42 21.41 4.32
CA ALA A 78 -14.22 21.91 2.96
C ALA A 78 -15.42 22.74 2.51
N LEU A 79 -15.16 23.97 2.04
CA LEU A 79 -16.22 24.88 1.64
C LEU A 79 -16.00 25.42 0.22
N GLY A 80 -17.10 25.62 -0.51
CA GLY A 80 -17.02 26.14 -1.88
C GLY A 80 -18.36 26.22 -2.58
N VAL A 81 -18.33 26.72 -3.82
CA VAL A 81 -19.55 26.88 -4.64
C VAL A 81 -19.27 26.52 -6.09
N VAL A 82 -20.11 25.66 -6.65
CA VAL A 82 -20.03 25.29 -8.07
C VAL A 82 -21.42 25.43 -8.69
N ILE A 83 -21.58 26.40 -9.59
CA ILE A 83 -22.88 26.68 -10.23
C ILE A 83 -22.90 26.24 -11.70
N ARG A 84 -24.01 25.61 -12.11
CA ARG A 84 -24.13 25.03 -13.45
C ARG A 84 -24.14 26.08 -14.55
N GLY A 85 -23.35 25.82 -15.60
CA GLY A 85 -23.29 26.70 -16.78
C GLY A 85 -23.99 26.09 -17.98
N GLN A 86 -23.42 26.34 -19.17
CA GLN A 86 -24.02 25.87 -20.42
C GLN A 86 -23.40 24.58 -20.95
N THR A 87 -22.17 24.27 -20.51
CA THR A 87 -21.50 23.02 -20.88
C THR A 87 -21.58 22.02 -19.71
N PRO A 88 -21.39 20.70 -20.00
CA PRO A 88 -21.43 19.69 -18.94
C PRO A 88 -20.28 19.81 -17.93
N HIS A 89 -19.54 20.92 -17.97
CA HIS A 89 -18.44 21.20 -17.05
C HIS A 89 -18.84 20.98 -15.58
N PHE A 90 -20.06 21.40 -15.25
CA PHE A 90 -20.60 21.28 -13.88
C PHE A 90 -20.45 19.88 -13.30
N ASP A 91 -20.84 18.86 -14.08
CA ASP A 91 -20.80 17.47 -13.64
C ASP A 91 -19.44 16.98 -13.18
N TYR A 92 -18.38 17.47 -13.84
CA TYR A 92 -17.03 16.96 -13.62
C TYR A 92 -16.26 17.68 -12.52
N VAL A 93 -16.67 18.91 -12.19
CA VAL A 93 -16.11 19.62 -11.05
C VAL A 93 -16.61 18.98 -9.75
N CYS A 94 -17.88 18.59 -9.75
CA CYS A 94 -18.52 17.95 -8.60
C CYS A 94 -18.13 16.49 -8.40
N ASP A 95 -17.69 15.81 -9.47
CA ASP A 95 -17.16 14.45 -9.36
C ASP A 95 -15.81 14.44 -8.62
N ALA A 96 -14.91 15.31 -9.05
CA ALA A 96 -13.57 15.43 -8.48
C ALA A 96 -13.60 15.75 -6.99
N VAL A 97 -14.57 16.56 -6.58
CA VAL A 97 -14.76 16.94 -5.17
C VAL A 97 -15.29 15.76 -4.36
N THR A 98 -16.26 15.04 -4.94
CA THR A 98 -16.87 13.88 -4.29
C THR A 98 -15.85 12.73 -4.11
N GLN A 99 -15.03 12.50 -5.14
CA GLN A 99 -14.04 11.42 -5.15
C GLN A 99 -12.84 11.73 -4.26
N GLY A 100 -12.36 12.97 -4.34
CA GLY A 100 -11.18 13.43 -3.62
C GLY A 100 -11.33 13.41 -2.11
N LEU A 101 -12.40 14.03 -1.60
CA LEU A 101 -12.63 14.11 -0.16
C LEU A 101 -12.91 12.75 0.46
N THR A 102 -13.65 11.89 -0.26
CA THR A 102 -13.95 10.53 0.21
C THR A 102 -12.66 9.70 0.39
N ARG A 103 -11.72 9.85 -0.54
CA ARG A 103 -10.42 9.17 -0.41
C ARG A 103 -9.61 9.71 0.75
N VAL A 104 -9.66 11.02 0.97
CA VAL A 104 -8.89 11.67 2.04
C VAL A 104 -9.38 11.26 3.44
N SER A 105 -10.70 11.19 3.60
CA SER A 105 -11.31 10.88 4.89
C SER A 105 -10.95 9.50 5.41
N LEU A 106 -10.88 8.53 4.52
CA LEU A 106 -10.60 7.15 4.90
C LEU A 106 -9.09 6.84 4.98
N ASP A 107 -8.27 7.51 4.16
CA ASP A 107 -6.81 7.38 4.20
C ASP A 107 -6.23 7.78 5.54
N SER A 108 -6.75 8.86 6.11
CA SER A 108 -6.22 9.43 7.34
C SER A 108 -7.09 9.12 8.57
N SER A 109 -8.22 8.45 8.35
CA SER A 109 -9.22 8.18 9.39
C SER A 109 -9.66 9.47 10.12
N THR A 110 -10.01 10.48 9.33
CA THR A 110 -10.38 11.80 9.82
C THR A 110 -11.64 12.26 9.10
N PRO A 111 -12.63 12.78 9.85
CA PRO A 111 -13.82 13.35 9.21
C PRO A 111 -13.47 14.57 8.34
N ILE A 112 -13.95 14.55 7.10
CA ILE A 112 -13.79 15.67 6.19
C ILE A 112 -15.18 16.11 5.75
N ALA A 113 -15.66 17.22 6.32
CA ALA A 113 -17.01 17.69 6.07
C ALA A 113 -17.15 18.30 4.68
N ASN A 114 -18.21 17.91 3.98
CA ASN A 114 -18.48 18.41 2.64
C ASN A 114 -19.47 19.56 2.68
N GLY A 115 -18.92 20.78 2.62
CA GLY A 115 -19.72 21.99 2.55
C GLY A 115 -19.50 22.74 1.24
N VAL A 116 -19.42 22.00 0.14
CA VAL A 116 -19.34 22.60 -1.19
C VAL A 116 -20.72 22.51 -1.86
N LEU A 117 -21.28 23.67 -2.19
CA LEU A 117 -22.64 23.75 -2.76
C LEU A 117 -22.69 23.42 -4.24
N THR A 118 -23.74 22.70 -4.63
CA THR A 118 -24.00 22.37 -6.05
C THR A 118 -25.40 22.84 -6.41
N THR A 119 -25.49 23.89 -7.22
CA THR A 119 -26.78 24.51 -7.52
C THR A 119 -26.99 24.76 -9.02
N ASN A 120 -28.27 24.81 -9.43
CA ASN A 120 -28.64 25.10 -10.81
C ASN A 120 -28.64 26.59 -11.12
N THR A 121 -28.91 27.41 -10.10
CA THR A 121 -28.88 28.87 -10.26
C THR A 121 -28.01 29.51 -9.18
N GLU A 122 -27.74 30.80 -9.33
CA GLU A 122 -26.97 31.56 -8.36
C GLU A 122 -27.82 31.91 -7.14
N GLU A 123 -29.12 32.16 -7.38
CA GLU A 123 -30.08 32.50 -6.31
C GLU A 123 -30.30 31.34 -5.34
N GLN A 124 -30.11 30.11 -5.84
CA GLN A 124 -30.15 28.89 -5.00
C GLN A 124 -28.93 28.80 -4.07
N ALA A 125 -27.76 29.15 -4.61
CA ALA A 125 -26.51 29.10 -3.86
C ALA A 125 -26.41 30.19 -2.79
N LEU A 126 -27.09 31.32 -3.03
CA LEU A 126 -27.18 32.41 -2.06
C LEU A 126 -28.07 32.00 -0.89
N ASP A 127 -29.19 31.36 -1.21
CA ASP A 127 -30.23 30.96 -0.25
C ASP A 127 -29.75 29.91 0.75
N ARG A 128 -28.68 29.21 0.39
CA ARG A 128 -28.11 28.16 1.25
C ARG A 128 -26.71 28.52 1.79
N ALA A 129 -26.42 29.81 1.90
CA ALA A 129 -25.06 30.25 2.29
C ALA A 129 -24.97 30.93 3.65
N GLY A 130 -26.11 31.34 4.19
CA GLY A 130 -26.17 31.97 5.51
C GLY A 130 -26.18 33.49 5.47
N LEU A 131 -26.73 34.05 4.39
CA LEU A 131 -26.86 35.49 4.22
C LEU A 131 -28.05 36.04 5.03
N PRO A 132 -28.08 37.37 5.27
CA PRO A 132 -29.14 38.04 6.04
C PRO A 132 -30.59 37.60 5.76
N THR A 133 -30.85 37.11 4.55
CA THR A 133 -32.22 36.70 4.16
C THR A 133 -32.29 35.25 3.66
N SER A 134 -31.26 34.46 3.94
CA SER A 134 -31.18 33.06 3.50
C SER A 134 -32.13 32.13 4.26
N ALA A 135 -32.52 31.03 3.61
CA ALA A 135 -33.38 30.02 4.21
C ALA A 135 -32.61 29.09 5.15
N GLU A 136 -31.35 28.84 4.83
CA GLU A 136 -30.48 28.00 5.66
C GLU A 136 -29.00 28.32 5.43
N ASP A 137 -28.13 27.69 6.23
CA ASP A 137 -26.70 27.91 6.16
C ASP A 137 -25.96 26.58 6.23
N LYS A 138 -25.31 26.20 5.13
CA LYS A 138 -24.66 24.90 5.03
C LYS A 138 -23.25 24.90 5.63
N GLY A 139 -22.62 26.07 5.68
CA GLY A 139 -21.30 26.24 6.29
C GLY A 139 -21.30 25.94 7.77
N ALA A 140 -22.39 26.33 8.45
CA ALA A 140 -22.56 26.03 9.87
C ALA A 140 -22.87 24.55 10.10
N GLN A 141 -23.65 23.96 9.19
CA GLN A 141 -24.03 22.55 9.28
C GLN A 141 -22.82 21.64 9.07
N ALA A 142 -21.97 22.00 8.13
CA ALA A 142 -20.77 21.22 7.81
C ALA A 142 -19.77 21.19 8.98
N THR A 143 -19.64 22.30 9.68
CA THR A 143 -18.72 22.39 10.82
C THR A 143 -19.22 21.58 12.02
N VAL A 144 -20.52 21.68 12.32
CA VAL A 144 -21.16 20.87 13.36
C VAL A 144 -20.94 19.38 13.08
N ALA A 145 -21.11 18.98 11.81
CA ALA A 145 -20.93 17.59 11.39
C ALA A 145 -19.51 17.08 11.65
N ALA A 146 -18.53 17.97 11.47
CA ALA A 146 -17.12 17.61 11.64
C ALA A 146 -16.76 17.48 13.11
N LEU A 147 -17.18 18.45 13.91
CA LEU A 147 -16.86 18.46 15.33
C LEU A 147 -17.50 17.30 16.08
N ALA A 148 -18.77 17.03 15.77
CA ALA A 148 -19.50 15.92 16.39
C ALA A 148 -18.87 14.57 16.07
N THR A 149 -18.48 14.37 14.80
CA THR A 149 -17.88 13.11 14.35
C THR A 149 -16.51 12.88 15.01
N ALA A 150 -15.73 13.95 15.13
CA ALA A 150 -14.44 13.90 15.80
C ALA A 150 -14.59 13.48 17.27
N LEU A 151 -15.56 14.07 17.96
CA LEU A 151 -15.82 13.77 19.37
C LEU A 151 -16.28 12.34 19.59
N THR A 152 -17.03 11.82 18.62
CA THR A 152 -17.49 10.43 18.61
C THR A 152 -16.30 9.48 18.46
N LEU A 153 -15.42 9.77 17.51
CA LEU A 153 -14.21 8.95 17.29
C LEU A 153 -13.30 8.94 18.52
N ARG A 154 -13.20 10.10 19.18
CA ARG A 154 -12.45 10.26 20.42
C ARG A 154 -12.95 9.28 21.50
N GLU A 155 -14.26 9.12 21.61
CA GLU A 155 -14.85 8.23 22.60
C GLU A 155 -14.66 6.76 22.23
N LEU A 156 -14.84 6.43 20.94
CA LEU A 156 -14.72 5.05 20.47
C LEU A 156 -13.29 4.51 20.54
N ARG A 157 -12.31 5.39 20.32
CA ARG A 157 -10.90 5.01 20.32
C ARG A 157 -10.28 4.85 21.73
N ALA A 158 -9.02 4.45 21.78
CA ALA A 158 -8.34 4.08 23.04
C ALA A 158 -8.04 5.24 23.97
N HIS A 159 -8.55 5.14 25.19
CA HIS A 159 -8.23 6.07 26.27
C HIS A 159 -8.30 5.34 27.61
N SER A 160 -7.48 5.81 28.55
CA SER A 160 -7.17 5.12 29.79
C SER A 160 -8.35 4.94 30.73
N ASP B 14 6.03 37.05 -7.97
CA ASP B 14 7.26 36.26 -7.70
C ASP B 14 6.94 34.82 -7.26
N ALA B 15 7.03 33.93 -8.22
CA ALA B 15 6.96 32.50 -8.01
C ALA B 15 8.17 31.91 -8.72
N SER B 16 9.28 32.65 -8.67
CA SER B 16 10.50 32.28 -9.39
C SER B 16 11.13 30.97 -8.92
N GLY B 17 10.79 30.55 -7.71
CA GLY B 17 11.35 29.33 -7.13
C GLY B 17 10.71 28.04 -7.63
N VAL B 18 9.42 28.10 -7.98
CA VAL B 18 8.64 26.89 -8.28
C VAL B 18 9.03 26.22 -9.61
N ARG B 19 9.07 24.89 -9.57
CA ARG B 19 9.35 24.07 -10.75
C ARG B 19 8.04 23.64 -11.41
N LEU B 20 7.79 24.16 -12.61
CA LEU B 20 6.52 23.98 -13.30
C LEU B 20 6.61 23.10 -14.55
N ALA B 21 5.66 22.19 -14.68
CA ALA B 21 5.53 21.34 -15.86
C ALA B 21 4.15 21.53 -16.52
N ILE B 22 4.13 21.51 -17.85
CA ILE B 22 2.88 21.61 -18.61
C ILE B 22 2.75 20.42 -19.57
N VAL B 23 1.59 19.77 -19.55
CA VAL B 23 1.31 18.68 -20.48
C VAL B 23 0.02 18.95 -21.28
N ALA B 24 0.15 19.04 -22.60
CA ALA B 24 -0.97 19.44 -23.47
C ALA B 24 -1.20 18.48 -24.64
N SER B 25 -2.42 17.94 -24.74
CA SER B 25 -2.77 17.02 -25.82
C SER B 25 -2.91 17.74 -27.16
N SER B 26 -2.96 16.98 -28.26
CA SER B 26 -2.91 17.58 -29.60
C SER B 26 -4.23 17.54 -30.38
N TRP B 27 -5.14 16.64 -29.98
CA TRP B 27 -6.46 16.51 -30.60
C TRP B 27 -7.17 17.87 -30.65
N HIS B 28 -7.54 18.30 -31.86
CA HIS B 28 -7.98 19.68 -32.16
C HIS B 28 -6.80 20.65 -32.03
N GLY B 29 -6.00 20.72 -33.10
CA GLY B 29 -4.71 21.42 -33.10
C GLY B 29 -4.68 22.90 -32.74
N LYS B 30 -5.55 23.68 -33.37
CA LYS B 30 -5.57 25.14 -33.16
C LYS B 30 -5.90 25.55 -31.73
N ILE B 31 -6.88 24.89 -31.12
CA ILE B 31 -7.31 25.20 -29.76
C ILE B 31 -6.25 24.83 -28.71
N CYS B 32 -5.60 23.67 -28.91
CA CYS B 32 -4.53 23.20 -28.02
C CYS B 32 -3.29 24.10 -28.08
N ASP B 33 -3.11 24.79 -29.21
CA ASP B 33 -2.07 25.80 -29.35
C ASP B 33 -2.45 27.07 -28.61
N ALA B 34 -3.74 27.42 -28.65
CA ALA B 34 -4.27 28.59 -27.95
C ALA B 34 -4.20 28.44 -26.43
N LEU B 35 -4.49 27.24 -25.95
CA LEU B 35 -4.42 26.94 -24.51
C LEU B 35 -2.99 27.04 -23.99
N LEU B 36 -2.04 26.44 -24.73
CA LEU B 36 -0.64 26.40 -24.31
C LEU B 36 0.02 27.78 -24.36
N ASP B 37 -0.41 28.62 -25.29
CA ASP B 37 0.12 29.98 -25.42
C ASP B 37 -0.23 30.84 -24.20
N GLY B 38 -1.45 30.71 -23.71
CA GLY B 38 -1.89 31.40 -22.50
C GLY B 38 -1.18 30.93 -21.25
N ALA B 39 -0.89 29.62 -21.20
CA ALA B 39 -0.19 29.00 -20.07
C ALA B 39 1.28 29.45 -20.00
N ARG B 40 1.94 29.47 -21.15
CA ARG B 40 3.33 29.95 -21.25
C ARG B 40 3.48 31.41 -20.80
N LYS B 41 2.50 32.25 -21.14
CA LYS B 41 2.55 33.68 -20.83
C LYS B 41 2.39 33.99 -19.34
N VAL B 42 1.50 33.27 -18.66
CA VAL B 42 1.35 33.39 -17.21
C VAL B 42 2.65 32.98 -16.51
N ALA B 43 3.20 31.83 -16.92
CA ALA B 43 4.48 31.34 -16.40
C ALA B 43 5.62 32.36 -16.58
N ALA B 44 5.63 33.01 -17.74
CA ALA B 44 6.68 34.00 -18.07
C ALA B 44 6.55 35.29 -17.25
N GLY B 45 5.31 35.69 -16.96
CA GLY B 45 5.06 36.87 -16.14
C GLY B 45 5.33 36.62 -14.68
N CYS B 46 5.26 35.35 -14.28
CA CYS B 46 5.48 34.93 -12.90
C CYS B 46 6.95 34.74 -12.54
N GLY B 47 7.83 35.04 -13.50
CA GLY B 47 9.28 34.91 -13.30
C GLY B 47 9.85 33.58 -13.75
N LEU B 48 8.99 32.69 -14.24
CA LEU B 48 9.44 31.38 -14.70
C LEU B 48 9.61 31.37 -16.22
N ASP B 49 10.87 31.45 -16.66
CA ASP B 49 11.20 31.55 -18.08
C ASP B 49 11.00 30.26 -18.87
N ASP B 50 11.62 29.16 -18.47
CA ASP B 50 11.62 27.96 -19.27
C ASP B 50 11.03 26.74 -18.55
N PRO B 51 9.69 26.58 -18.58
CA PRO B 51 9.05 25.39 -18.00
C PRO B 51 9.22 24.15 -18.87
N THR B 52 8.90 22.98 -18.31
CA THR B 52 8.94 21.72 -19.05
C THR B 52 7.60 21.51 -19.77
N VAL B 53 7.64 21.59 -21.11
CA VAL B 53 6.44 21.42 -21.95
C VAL B 53 6.50 20.09 -22.70
N VAL B 54 5.51 19.23 -22.47
CA VAL B 54 5.41 17.93 -23.13
C VAL B 54 4.07 17.81 -23.85
N ARG B 55 4.09 17.29 -25.08
CA ARG B 55 2.85 17.05 -25.84
C ARG B 55 2.47 15.59 -25.86
N VAL B 56 1.16 15.34 -25.93
CA VAL B 56 0.60 13.99 -26.14
C VAL B 56 -0.49 14.03 -27.21
N LEU B 57 -0.97 12.87 -27.63
CA LEU B 57 -1.99 12.79 -28.69
C LEU B 57 -3.40 13.11 -28.18
N GLY B 58 -3.81 12.42 -27.11
CA GLY B 58 -5.17 12.58 -26.57
C GLY B 58 -5.24 12.89 -25.07
N ALA B 59 -6.45 13.08 -24.58
CA ALA B 59 -6.68 13.44 -23.17
C ALA B 59 -6.49 12.27 -22.20
N ILE B 60 -6.86 11.06 -22.63
CA ILE B 60 -6.63 9.85 -21.83
C ILE B 60 -5.13 9.67 -21.53
N GLU B 61 -4.29 10.11 -22.47
CA GLU B 61 -2.83 9.99 -22.35
C GLU B 61 -2.17 10.97 -21.37
N ILE B 62 -2.94 11.91 -20.82
CA ILE B 62 -2.39 12.96 -19.94
C ILE B 62 -1.99 12.47 -18.52
N PRO B 63 -2.88 11.74 -17.82
CA PRO B 63 -2.58 11.34 -16.45
C PRO B 63 -1.24 10.59 -16.25
N VAL B 64 -0.90 9.69 -17.19
CA VAL B 64 0.33 8.90 -17.05
C VAL B 64 1.60 9.74 -17.28
N VAL B 65 1.52 10.75 -18.16
CA VAL B 65 2.64 11.66 -18.39
C VAL B 65 2.77 12.67 -17.23
N ALA B 66 1.63 13.05 -16.66
CA ALA B 66 1.57 13.92 -15.49
C ALA B 66 2.15 13.25 -14.24
N GLN B 67 2.00 11.93 -14.17
CA GLN B 67 2.52 11.15 -13.04
C GLN B 67 4.04 11.13 -13.04
N GLU B 68 4.65 11.07 -14.22
CA GLU B 68 6.10 11.09 -14.35
C GLU B 68 6.64 12.49 -14.07
N LEU B 69 5.93 13.51 -14.55
CA LEU B 69 6.33 14.91 -14.37
C LEU B 69 6.36 15.30 -12.88
N ALA B 70 5.43 14.73 -12.11
CA ALA B 70 5.28 15.04 -10.68
C ALA B 70 6.49 14.66 -9.81
N ARG B 71 7.31 13.70 -10.27
CA ARG B 71 8.50 13.28 -9.53
C ARG B 71 9.62 14.31 -9.48
N ASN B 72 9.47 15.41 -10.23
CA ASN B 72 10.56 16.37 -10.44
C ASN B 72 10.09 17.83 -10.48
N HIS B 73 8.79 18.05 -10.32
CA HIS B 73 8.21 19.40 -10.36
C HIS B 73 7.34 19.68 -9.15
N ASP B 74 7.08 20.96 -8.87
CA ASP B 74 6.22 21.34 -7.74
C ASP B 74 4.74 21.46 -8.13
N ALA B 75 4.49 21.57 -9.44
CA ALA B 75 3.13 21.69 -9.97
C ALA B 75 3.07 21.23 -11.42
N VAL B 76 1.92 20.70 -11.83
CA VAL B 76 1.70 20.27 -13.21
C VAL B 76 0.39 20.86 -13.77
N VAL B 77 0.44 21.34 -15.01
CA VAL B 77 -0.73 21.88 -15.71
C VAL B 77 -1.15 20.96 -16.87
N ALA B 78 -2.43 20.57 -16.87
CA ALA B 78 -2.99 19.71 -17.92
C ALA B 78 -3.91 20.50 -18.87
N LEU B 79 -3.65 20.38 -20.17
CA LEU B 79 -4.41 21.15 -21.17
C LEU B 79 -4.93 20.26 -22.30
N GLY B 80 -6.16 20.52 -22.72
CA GLY B 80 -6.79 19.75 -23.80
C GLY B 80 -8.21 20.17 -24.12
N VAL B 81 -8.81 19.51 -25.11
CA VAL B 81 -10.17 19.81 -25.56
C VAL B 81 -10.92 18.52 -25.88
N VAL B 82 -12.12 18.39 -25.32
CA VAL B 82 -13.01 17.26 -25.63
C VAL B 82 -14.38 17.82 -26.06
N ILE B 83 -14.70 17.64 -27.33
CA ILE B 83 -15.97 18.13 -27.90
C ILE B 83 -16.93 16.97 -28.16
N ARG B 84 -18.20 17.16 -27.76
CA ARG B 84 -19.22 16.11 -27.84
C ARG B 84 -19.56 15.70 -29.28
N GLY B 85 -19.77 14.40 -29.47
CA GLY B 85 -20.10 13.85 -30.78
C GLY B 85 -21.50 13.26 -30.86
N GLN B 86 -21.63 12.21 -31.66
CA GLN B 86 -22.91 11.56 -31.93
C GLN B 86 -23.13 10.35 -31.02
N THR B 87 -22.07 9.89 -30.37
CA THR B 87 -22.12 8.73 -29.47
C THR B 87 -21.79 9.11 -28.02
N PRO B 88 -22.21 8.28 -27.04
CA PRO B 88 -21.94 8.52 -25.62
C PRO B 88 -20.45 8.62 -25.26
N HIS B 89 -19.59 8.48 -26.27
CA HIS B 89 -18.13 8.57 -26.12
C HIS B 89 -17.67 9.74 -25.26
N PHE B 90 -18.40 10.85 -25.34
CA PHE B 90 -18.07 12.10 -24.62
C PHE B 90 -17.89 11.88 -23.12
N ASP B 91 -18.88 11.25 -22.50
CA ASP B 91 -18.90 11.02 -21.05
C ASP B 91 -17.66 10.28 -20.59
N TYR B 92 -17.28 9.26 -21.34
CA TYR B 92 -16.24 8.32 -20.91
C TYR B 92 -14.81 8.86 -21.02
N VAL B 93 -14.55 9.70 -22.02
CA VAL B 93 -13.24 10.36 -22.14
C VAL B 93 -13.06 11.38 -21.01
N CYS B 94 -14.14 12.07 -20.65
CA CYS B 94 -14.14 13.01 -19.52
C CYS B 94 -14.02 12.30 -18.16
N ASP B 95 -14.66 11.13 -18.03
CA ASP B 95 -14.61 10.34 -16.79
C ASP B 95 -13.20 9.92 -16.43
N ALA B 96 -12.46 9.43 -17.42
CA ALA B 96 -11.09 8.98 -17.24
C ALA B 96 -10.15 10.11 -16.82
N VAL B 97 -10.30 11.28 -17.43
CA VAL B 97 -9.48 12.45 -17.07
C VAL B 97 -9.75 12.89 -15.63
N THR B 98 -11.03 12.88 -15.23
CA THR B 98 -11.44 13.24 -13.87
C THR B 98 -10.85 12.28 -12.82
N GLN B 99 -10.97 10.97 -13.06
CA GLN B 99 -10.46 9.95 -12.14
C GLN B 99 -8.94 9.97 -12.04
N GLY B 100 -8.28 9.98 -13.19
CA GLY B 100 -6.83 9.93 -13.27
C GLY B 100 -6.13 11.07 -12.55
N LEU B 101 -6.50 12.31 -12.90
CA LEU B 101 -5.85 13.49 -12.34
C LEU B 101 -6.03 13.62 -10.82
N THR B 102 -7.22 13.29 -10.34
CA THR B 102 -7.55 13.33 -8.91
C THR B 102 -6.73 12.34 -8.10
N ARG B 103 -6.49 11.15 -8.68
CA ARG B 103 -5.70 10.11 -8.03
C ARG B 103 -4.21 10.47 -8.08
N VAL B 104 -3.77 11.13 -9.15
CA VAL B 104 -2.36 11.52 -9.29
C VAL B 104 -1.95 12.61 -8.28
N SER B 105 -2.82 13.61 -8.14
CA SER B 105 -2.57 14.73 -7.22
C SER B 105 -2.39 14.28 -5.76
N LEU B 106 -3.20 13.32 -5.33
CA LEU B 106 -3.13 12.81 -3.95
C LEU B 106 -2.01 11.79 -3.72
N ASP B 107 -1.74 10.98 -4.73
CA ASP B 107 -0.62 10.02 -4.69
C ASP B 107 0.72 10.71 -4.51
N SER B 108 0.90 11.84 -5.19
CA SER B 108 2.17 12.55 -5.24
C SER B 108 2.21 13.77 -4.33
N SER B 109 1.06 14.12 -3.75
CA SER B 109 0.90 15.35 -2.96
C SER B 109 1.35 16.59 -3.77
N THR B 110 0.86 16.67 -5.00
CA THR B 110 1.21 17.76 -5.93
C THR B 110 -0.05 18.29 -6.61
N PRO B 111 -0.21 19.64 -6.67
CA PRO B 111 -1.37 20.16 -7.39
C PRO B 111 -1.29 19.90 -8.90
N ILE B 112 -2.37 19.35 -9.44
CA ILE B 112 -2.52 19.13 -10.88
C ILE B 112 -3.70 19.96 -11.37
N ALA B 113 -3.41 21.04 -12.08
CA ALA B 113 -4.45 21.94 -12.59
C ALA B 113 -5.20 21.31 -13.77
N ASN B 114 -6.53 21.36 -13.70
CA ASN B 114 -7.39 20.78 -14.73
C ASN B 114 -7.84 21.81 -15.77
N GLY B 115 -7.05 21.97 -16.83
CA GLY B 115 -7.40 22.85 -17.94
C GLY B 115 -7.79 22.11 -19.21
N VAL B 116 -8.50 20.99 -19.05
CA VAL B 116 -9.02 20.23 -20.18
C VAL B 116 -10.47 20.65 -20.42
N LEU B 117 -10.71 21.37 -21.52
CA LEU B 117 -12.03 21.87 -21.87
C LEU B 117 -12.97 20.74 -22.28
N THR B 118 -14.24 20.86 -21.89
CA THR B 118 -15.29 19.90 -22.28
C THR B 118 -16.52 20.69 -22.72
N THR B 119 -16.78 20.69 -24.04
CA THR B 119 -17.86 21.51 -24.61
C THR B 119 -18.83 20.73 -25.50
N ASN B 120 -19.97 21.35 -25.79
CA ASN B 120 -20.98 20.76 -26.67
C ASN B 120 -20.78 21.12 -28.15
N THR B 121 -20.34 22.36 -28.40
CA THR B 121 -20.00 22.79 -29.75
C THR B 121 -18.54 23.22 -29.85
N GLU B 122 -18.03 23.29 -31.07
CA GLU B 122 -16.65 23.74 -31.34
C GLU B 122 -16.50 25.23 -31.04
N GLU B 123 -17.59 25.97 -31.27
CA GLU B 123 -17.63 27.42 -31.04
C GLU B 123 -17.50 27.76 -29.55
N GLN B 124 -17.91 26.84 -28.69
CA GLN B 124 -17.81 27.01 -27.24
C GLN B 124 -16.38 26.78 -26.73
N ALA B 125 -15.69 25.79 -27.30
CA ALA B 125 -14.30 25.50 -26.95
C ALA B 125 -13.34 26.60 -27.42
N LEU B 126 -13.68 27.25 -28.54
CA LEU B 126 -12.91 28.37 -29.06
C LEU B 126 -13.02 29.59 -28.13
N ASP B 127 -14.21 29.80 -27.58
CA ASP B 127 -14.52 30.98 -26.76
C ASP B 127 -13.84 30.97 -25.39
N ARG B 128 -13.44 29.79 -24.92
CA ARG B 128 -12.78 29.64 -23.62
C ARG B 128 -11.28 29.31 -23.72
N ALA B 129 -10.74 29.39 -24.94
CA ALA B 129 -9.34 29.05 -25.20
C ALA B 129 -8.40 30.25 -25.09
N GLY B 130 -8.91 31.44 -25.41
CA GLY B 130 -8.14 32.67 -25.32
C GLY B 130 -7.58 33.15 -26.65
N LEU B 131 -8.41 33.06 -27.69
CA LEU B 131 -8.09 33.62 -29.01
C LEU B 131 -8.35 35.13 -28.99
N PRO B 132 -7.92 35.85 -30.05
CA PRO B 132 -8.09 37.31 -30.16
C PRO B 132 -9.48 37.87 -29.83
N THR B 133 -10.53 37.07 -30.04
CA THR B 133 -11.91 37.52 -29.79
C THR B 133 -12.67 36.66 -28.75
N SER B 134 -11.94 35.80 -28.05
CA SER B 134 -12.55 34.91 -27.05
C SER B 134 -13.02 35.64 -25.80
N ALA B 135 -13.97 35.02 -25.10
CA ALA B 135 -14.51 35.57 -23.85
C ALA B 135 -13.54 35.37 -22.69
N GLU B 136 -12.87 34.24 -22.67
CA GLU B 136 -11.94 33.90 -21.59
C GLU B 136 -10.80 32.98 -22.06
N ASP B 137 -9.82 32.79 -21.18
CA ASP B 137 -8.66 31.95 -21.46
C ASP B 137 -8.46 31.00 -20.28
N LYS B 138 -8.93 29.76 -20.42
CA LYS B 138 -8.88 28.79 -19.33
C LYS B 138 -7.49 28.15 -19.16
N GLY B 139 -6.66 28.25 -20.20
CA GLY B 139 -5.27 27.81 -20.14
C GLY B 139 -4.49 28.62 -19.13
N ALA B 140 -4.65 29.95 -19.19
CA ALA B 140 -4.05 30.86 -18.23
C ALA B 140 -4.60 30.66 -16.81
N GLN B 141 -5.90 30.38 -16.71
CA GLN B 141 -6.58 30.15 -15.42
C GLN B 141 -6.04 28.91 -14.69
N ALA B 142 -5.72 27.87 -15.45
CA ALA B 142 -5.19 26.63 -14.87
C ALA B 142 -3.79 26.83 -14.28
N THR B 143 -2.93 27.53 -15.00
CA THR B 143 -1.57 27.79 -14.53
C THR B 143 -1.55 28.61 -13.24
N VAL B 144 -2.37 29.67 -13.19
CA VAL B 144 -2.51 30.48 -11.97
C VAL B 144 -2.98 29.62 -10.78
N ALA B 145 -3.81 28.61 -11.07
CA ALA B 145 -4.30 27.68 -10.06
C ALA B 145 -3.19 26.76 -9.56
N ALA B 146 -2.34 26.28 -10.47
CA ALA B 146 -1.24 25.39 -10.12
C ALA B 146 -0.14 26.11 -9.34
N LEU B 147 0.20 27.31 -9.78
CA LEU B 147 1.29 28.07 -9.16
C LEU B 147 0.93 28.57 -7.76
N ALA B 148 -0.31 29.04 -7.59
CA ALA B 148 -0.77 29.56 -6.31
C ALA B 148 -0.85 28.46 -5.24
N THR B 149 -1.32 27.28 -5.64
CA THR B 149 -1.46 26.15 -4.73
C THR B 149 -0.09 25.62 -4.32
N ALA B 150 0.86 25.62 -5.24
CA ALA B 150 2.23 25.18 -4.97
C ALA B 150 2.90 26.05 -3.90
N LEU B 151 2.74 27.37 -4.03
CA LEU B 151 3.31 28.33 -3.08
C LEU B 151 2.69 28.20 -1.69
N THR B 152 1.41 27.84 -1.67
CA THR B 152 0.66 27.61 -0.43
C THR B 152 1.16 26.37 0.32
N LEU B 153 1.30 25.26 -0.40
CA LEU B 153 1.86 24.04 0.19
C LEU B 153 3.29 24.25 0.69
N ARG B 154 4.05 25.09 0.00
CA ARG B 154 5.40 25.48 0.42
C ARG B 154 5.38 26.22 1.78
N GLU B 155 4.40 27.11 1.95
CA GLU B 155 4.22 27.86 3.19
C GLU B 155 3.80 26.95 4.34
N LEU B 156 2.91 26.00 4.04
CA LEU B 156 2.39 25.07 5.04
C LEU B 156 3.39 24.02 5.50
N ARG B 157 4.28 23.60 4.59
CA ARG B 157 5.24 22.53 4.89
C ARG B 157 6.50 23.02 5.63
N ALA B 158 7.36 22.08 5.99
CA ALA B 158 8.54 22.33 6.82
C ALA B 158 9.56 23.29 6.21
N HIS B 159 9.92 24.30 7.01
CA HIS B 159 10.97 25.26 6.64
C HIS B 159 11.49 25.97 7.89
N SER B 160 12.76 26.35 7.84
CA SER B 160 13.51 26.81 9.00
C SER B 160 13.14 28.22 9.42
N ALA C 15 10.29 4.59 -33.60
CA ALA C 15 9.52 3.72 -32.67
C ALA C 15 9.88 2.24 -32.87
N SER C 16 11.14 1.99 -33.21
CA SER C 16 11.63 0.64 -33.46
C SER C 16 11.86 -0.19 -32.20
N GLY C 17 12.29 0.47 -31.12
CA GLY C 17 12.69 -0.23 -29.90
C GLY C 17 11.62 -0.37 -28.83
N VAL C 18 10.38 -0.02 -29.16
CA VAL C 18 9.29 -0.05 -28.16
C VAL C 18 8.51 -1.37 -28.19
N ARG C 19 8.32 -1.94 -27.00
CA ARG C 19 7.58 -3.19 -26.82
C ARG C 19 6.08 -2.89 -26.71
N LEU C 20 5.31 -3.42 -27.65
CA LEU C 20 3.87 -3.14 -27.75
C LEU C 20 3.01 -4.38 -27.52
N ALA C 21 1.91 -4.21 -26.82
CA ALA C 21 0.94 -5.28 -26.59
C ALA C 21 -0.47 -4.82 -26.96
N ILE C 22 -1.26 -5.74 -27.51
CA ILE C 22 -2.64 -5.45 -27.89
C ILE C 22 -3.58 -6.52 -27.31
N VAL C 23 -4.65 -6.07 -26.66
CA VAL C 23 -5.70 -6.97 -26.16
C VAL C 23 -7.07 -6.52 -26.64
N ALA C 24 -7.78 -7.44 -27.31
CA ALA C 24 -9.06 -7.13 -27.97
C ALA C 24 -10.16 -8.14 -27.61
N SER C 25 -11.35 -7.63 -27.28
CA SER C 25 -12.49 -8.47 -26.93
C SER C 25 -13.18 -9.06 -28.17
N SER C 26 -14.12 -9.98 -27.96
CA SER C 26 -14.72 -10.76 -29.06
C SER C 26 -16.22 -10.57 -29.27
N TRP C 27 -16.89 -9.94 -28.31
CA TRP C 27 -18.31 -9.58 -28.43
C TRP C 27 -18.50 -8.63 -29.62
N HIS C 28 -19.34 -9.04 -30.57
CA HIS C 28 -19.44 -8.41 -31.90
C HIS C 28 -18.14 -8.63 -32.69
N GLY C 29 -18.02 -9.83 -33.26
CA GLY C 29 -16.80 -10.28 -33.92
C GLY C 29 -16.30 -9.46 -35.10
N LYS C 30 -17.20 -9.14 -36.03
CA LYS C 30 -16.84 -8.44 -37.27
C LYS C 30 -16.15 -7.09 -37.03
N ILE C 31 -16.68 -6.30 -36.10
CA ILE C 31 -16.12 -4.99 -35.79
C ILE C 31 -14.75 -5.09 -35.09
N CYS C 32 -14.64 -6.01 -34.14
CA CYS C 32 -13.40 -6.23 -33.39
C CYS C 32 -12.23 -6.60 -34.29
N ASP C 33 -12.50 -7.42 -35.32
CA ASP C 33 -11.49 -7.83 -36.27
C ASP C 33 -11.00 -6.66 -37.11
N ALA C 34 -11.90 -5.71 -37.38
CA ALA C 34 -11.56 -4.49 -38.11
C ALA C 34 -10.67 -3.58 -37.25
N LEU C 35 -11.00 -3.48 -35.96
CA LEU C 35 -10.25 -2.64 -35.02
C LEU C 35 -8.84 -3.18 -34.80
N LEU C 36 -8.72 -4.51 -34.73
CA LEU C 36 -7.42 -5.16 -34.57
C LEU C 36 -6.56 -5.02 -35.83
N ASP C 37 -7.23 -4.97 -37.00
CA ASP C 37 -6.55 -4.82 -38.30
C ASP C 37 -5.86 -3.45 -38.47
N GLY C 38 -6.54 -2.38 -38.03
CA GLY C 38 -5.96 -1.03 -38.07
C GLY C 38 -4.78 -0.91 -37.12
N ALA C 39 -4.91 -1.52 -35.93
CA ALA C 39 -3.87 -1.53 -34.92
C ALA C 39 -2.60 -2.22 -35.43
N ARG C 40 -2.76 -3.41 -36.02
CA ARG C 40 -1.63 -4.16 -36.55
C ARG C 40 -0.91 -3.42 -37.68
N LYS C 41 -1.67 -2.77 -38.56
CA LYS C 41 -1.11 -2.03 -39.69
C LYS C 41 -0.29 -0.81 -39.26
N VAL C 42 -0.73 -0.14 -38.20
CA VAL C 42 -0.01 1.02 -37.64
C VAL C 42 1.33 0.60 -37.04
N ALA C 43 1.34 -0.55 -36.39
CA ALA C 43 2.55 -1.08 -35.74
C ALA C 43 3.64 -1.43 -36.73
N ALA C 44 3.26 -2.15 -37.80
CA ALA C 44 4.20 -2.62 -38.81
C ALA C 44 4.82 -1.47 -39.60
N GLY C 45 4.04 -0.42 -39.83
CA GLY C 45 4.51 0.79 -40.50
C GLY C 45 5.39 1.66 -39.61
N CYS C 46 5.30 1.44 -38.29
CA CYS C 46 6.14 2.16 -37.35
C CYS C 46 7.35 1.33 -36.88
N GLY C 47 7.63 0.27 -37.62
CA GLY C 47 8.84 -0.53 -37.39
C GLY C 47 8.72 -1.65 -36.38
N LEU C 48 7.49 -1.94 -35.96
CA LEU C 48 7.25 -3.04 -35.02
C LEU C 48 6.57 -4.22 -35.71
N ASP C 49 7.35 -5.26 -35.97
CA ASP C 49 6.84 -6.53 -36.50
C ASP C 49 6.14 -7.22 -35.34
N ASP C 50 5.30 -8.21 -35.57
CA ASP C 50 4.67 -8.98 -34.45
C ASP C 50 4.69 -8.48 -32.98
N PRO C 51 3.78 -7.56 -32.61
CA PRO C 51 3.46 -7.29 -31.19
C PRO C 51 2.70 -8.44 -30.50
N THR C 52 2.55 -8.37 -29.18
CA THR C 52 1.83 -9.40 -28.41
C THR C 52 0.33 -9.13 -28.48
N VAL C 53 -0.41 -10.02 -29.16
CA VAL C 53 -1.86 -9.88 -29.29
C VAL C 53 -2.64 -10.95 -28.50
N VAL C 54 -3.50 -10.49 -27.59
CA VAL C 54 -4.28 -11.34 -26.71
C VAL C 54 -5.78 -11.13 -26.92
N ARG C 55 -6.54 -12.21 -27.04
CA ARG C 55 -7.99 -12.09 -27.16
C ARG C 55 -8.74 -12.42 -25.87
N VAL C 56 -9.83 -11.68 -25.62
CA VAL C 56 -10.76 -11.96 -24.51
C VAL C 56 -12.21 -11.97 -24.99
N LEU C 57 -13.13 -12.43 -24.14
CA LEU C 57 -14.54 -12.55 -24.54
C LEU C 57 -15.28 -11.21 -24.53
N GLY C 58 -15.30 -10.54 -23.38
CA GLY C 58 -16.02 -9.28 -23.22
C GLY C 58 -15.14 -8.13 -22.78
N ALA C 59 -15.74 -6.93 -22.75
CA ALA C 59 -15.01 -5.70 -22.38
C ALA C 59 -14.62 -5.63 -20.89
N ILE C 60 -15.38 -6.29 -20.04
CA ILE C 60 -15.12 -6.28 -18.59
C ILE C 60 -13.88 -7.09 -18.21
N GLU C 61 -13.51 -8.06 -19.05
CA GLU C 61 -12.35 -8.91 -18.80
C GLU C 61 -11.03 -8.30 -19.29
N ILE C 62 -11.10 -7.16 -19.98
CA ILE C 62 -9.92 -6.47 -20.52
C ILE C 62 -8.92 -6.00 -19.45
N PRO C 63 -9.36 -5.21 -18.45
CA PRO C 63 -8.38 -4.60 -17.53
C PRO C 63 -7.50 -5.58 -16.75
N VAL C 64 -8.01 -6.77 -16.42
CA VAL C 64 -7.23 -7.78 -15.69
C VAL C 64 -6.14 -8.43 -16.57
N VAL C 65 -6.35 -8.47 -17.87
CA VAL C 65 -5.36 -9.00 -18.82
C VAL C 65 -4.31 -7.94 -19.16
N ALA C 66 -4.71 -6.66 -19.17
CA ALA C 66 -3.78 -5.55 -19.39
C ALA C 66 -2.81 -5.33 -18.22
N GLN C 67 -3.28 -5.69 -17.01
CA GLN C 67 -2.45 -5.60 -15.80
C GLN C 67 -1.29 -6.59 -15.88
N GLU C 68 -1.55 -7.76 -16.45
CA GLU C 68 -0.51 -8.77 -16.66
C GLU C 68 0.46 -8.35 -17.76
N LEU C 69 -0.08 -7.81 -18.85
CA LEU C 69 0.71 -7.40 -20.02
C LEU C 69 1.64 -6.21 -19.77
N ALA C 70 1.29 -5.38 -18.78
CA ALA C 70 2.06 -4.18 -18.49
C ALA C 70 3.34 -4.44 -17.71
N ARG C 71 3.56 -5.68 -17.29
CA ARG C 71 4.79 -6.06 -16.55
C ARG C 71 5.93 -6.45 -17.48
N ASN C 72 5.67 -6.44 -18.79
CA ASN C 72 6.60 -6.93 -19.80
C ASN C 72 6.71 -6.01 -21.03
N HIS C 73 5.80 -5.05 -21.14
CA HIS C 73 5.72 -4.18 -22.33
C HIS C 73 5.83 -2.68 -21.99
N ASP C 74 6.11 -1.88 -23.02
CA ASP C 74 6.18 -0.43 -22.87
C ASP C 74 4.81 0.25 -23.07
N ALA C 75 3.92 -0.42 -23.81
CA ALA C 75 2.60 0.14 -24.13
C ALA C 75 1.55 -0.97 -24.34
N VAL C 76 0.30 -0.67 -23.94
CA VAL C 76 -0.82 -1.59 -24.18
C VAL C 76 -1.99 -0.90 -24.88
N VAL C 77 -2.52 -1.56 -25.91
CA VAL C 77 -3.69 -1.07 -26.65
C VAL C 77 -4.89 -1.99 -26.43
N ALA C 78 -5.95 -1.45 -25.83
CA ALA C 78 -7.18 -2.20 -25.57
C ALA C 78 -8.27 -1.91 -26.60
N LEU C 79 -8.82 -2.95 -27.22
CA LEU C 79 -9.83 -2.76 -28.28
C LEU C 79 -11.14 -3.51 -28.01
N GLY C 80 -12.27 -2.82 -28.24
CA GLY C 80 -13.59 -3.42 -28.01
C GLY C 80 -14.75 -2.64 -28.60
N VAL C 81 -15.95 -3.19 -28.46
CA VAL C 81 -17.18 -2.57 -28.96
C VAL C 81 -18.33 -2.84 -27.98
N VAL C 82 -19.00 -1.77 -27.54
CA VAL C 82 -20.16 -1.88 -26.66
C VAL C 82 -21.32 -1.06 -27.23
N ILE C 83 -22.39 -1.76 -27.62
CA ILE C 83 -23.58 -1.13 -28.23
C ILE C 83 -24.74 -1.09 -27.24
N ARG C 84 -25.49 0.01 -27.24
CA ARG C 84 -26.63 0.19 -26.33
C ARG C 84 -27.80 -0.73 -26.69
N GLY C 85 -28.36 -1.39 -25.67
CA GLY C 85 -29.53 -2.24 -25.84
C GLY C 85 -30.80 -1.57 -25.35
N GLN C 86 -31.64 -2.34 -24.65
CA GLN C 86 -32.90 -1.82 -24.12
C GLN C 86 -32.97 -1.77 -22.60
N THR C 87 -31.90 -2.24 -21.94
CA THR C 87 -31.74 -2.13 -20.49
C THR C 87 -30.56 -1.20 -20.16
N PRO C 88 -30.50 -0.68 -18.93
CA PRO C 88 -29.40 0.18 -18.50
C PRO C 88 -28.03 -0.54 -18.41
N HIS C 89 -27.97 -1.74 -18.99
CA HIS C 89 -26.76 -2.58 -18.99
C HIS C 89 -25.56 -1.90 -19.67
N PHE C 90 -25.85 -1.08 -20.68
CA PHE C 90 -24.83 -0.33 -21.42
C PHE C 90 -23.94 0.48 -20.48
N ASP C 91 -24.58 1.23 -19.57
CA ASP C 91 -23.89 2.16 -18.67
C ASP C 91 -22.81 1.47 -17.82
N TYR C 92 -23.14 0.30 -17.29
CA TYR C 92 -22.27 -0.37 -16.32
C TYR C 92 -21.11 -1.13 -16.94
N VAL C 93 -21.30 -1.62 -18.16
CA VAL C 93 -20.21 -2.29 -18.90
C VAL C 93 -19.12 -1.29 -19.25
N CYS C 94 -19.53 -0.05 -19.56
CA CYS C 94 -18.59 1.01 -19.93
C CYS C 94 -17.92 1.65 -18.72
N ASP C 95 -18.63 1.69 -17.59
CA ASP C 95 -18.09 2.25 -16.35
C ASP C 95 -16.92 1.43 -15.82
N ALA C 96 -17.03 0.12 -15.91
CA ALA C 96 -15.95 -0.79 -15.50
C ALA C 96 -14.69 -0.56 -16.33
N VAL C 97 -14.83 -0.56 -17.66
CA VAL C 97 -13.69 -0.36 -18.56
C VAL C 97 -12.97 0.97 -18.26
N THR C 98 -13.75 2.02 -18.02
CA THR C 98 -13.21 3.35 -17.65
C THR C 98 -12.38 3.28 -16.37
N GLN C 99 -12.96 2.74 -15.30
CA GLN C 99 -12.29 2.59 -14.00
C GLN C 99 -11.07 1.67 -14.09
N GLY C 100 -11.26 0.51 -14.69
CA GLY C 100 -10.21 -0.50 -14.81
C GLY C 100 -8.95 -0.04 -15.50
N LEU C 101 -9.10 0.49 -16.71
CA LEU C 101 -7.95 0.88 -17.54
C LEU C 101 -7.18 2.05 -16.94
N THR C 102 -7.90 3.00 -16.36
CA THR C 102 -7.31 4.15 -15.68
C THR C 102 -6.50 3.69 -14.46
N ARG C 103 -6.99 2.67 -13.76
CA ARG C 103 -6.28 2.16 -12.58
C ARG C 103 -5.08 1.30 -12.96
N VAL C 104 -5.10 0.71 -14.15
CA VAL C 104 -3.97 -0.09 -14.60
C VAL C 104 -2.83 0.81 -15.10
N SER C 105 -3.20 1.89 -15.79
CA SER C 105 -2.24 2.87 -16.31
C SER C 105 -1.37 3.50 -15.21
N LEU C 106 -1.99 3.89 -14.11
CA LEU C 106 -1.28 4.60 -13.05
C LEU C 106 -0.57 3.67 -12.07
N ASP C 107 -1.08 2.44 -11.92
CA ASP C 107 -0.41 1.41 -11.12
C ASP C 107 0.95 0.99 -11.67
N SER C 108 1.07 0.93 -13.00
CA SER C 108 2.25 0.40 -13.66
C SER C 108 3.08 1.45 -14.38
N SER C 109 2.56 2.68 -14.41
CA SER C 109 3.21 3.80 -15.13
C SER C 109 3.48 3.45 -16.59
N THR C 110 2.39 3.08 -17.28
CA THR C 110 2.41 2.58 -18.65
C THR C 110 1.17 3.13 -19.36
N PRO C 111 1.35 3.61 -20.61
CA PRO C 111 0.18 4.06 -21.37
C PRO C 111 -0.73 2.89 -21.73
N ILE C 112 -1.99 2.98 -21.31
CA ILE C 112 -3.03 2.06 -21.78
C ILE C 112 -4.00 2.87 -22.66
N ALA C 113 -3.96 2.60 -23.96
CA ALA C 113 -4.84 3.28 -24.91
C ALA C 113 -6.22 2.64 -24.94
N ASN C 114 -7.25 3.47 -24.76
CA ASN C 114 -8.63 2.99 -24.84
C ASN C 114 -9.16 3.07 -26.26
N GLY C 115 -9.26 1.91 -26.90
CA GLY C 115 -9.86 1.79 -28.23
C GLY C 115 -11.16 1.01 -28.19
N VAL C 116 -11.92 1.19 -27.12
CA VAL C 116 -13.21 0.52 -26.93
C VAL C 116 -14.33 1.45 -27.39
N LEU C 117 -15.09 1.02 -28.40
CA LEU C 117 -16.17 1.82 -28.97
C LEU C 117 -17.45 1.75 -28.15
N THR C 118 -18.08 2.90 -27.93
CA THR C 118 -19.37 2.98 -27.22
C THR C 118 -20.36 3.74 -28.08
N THR C 119 -21.29 3.01 -28.68
CA THR C 119 -22.22 3.57 -29.66
C THR C 119 -23.68 3.30 -29.28
N ASN C 120 -24.60 4.00 -29.95
CA ASN C 120 -26.02 3.79 -29.77
C ASN C 120 -26.54 2.72 -30.72
N THR C 121 -26.28 2.91 -32.02
CA THR C 121 -26.65 1.93 -33.04
C THR C 121 -25.41 1.22 -33.57
N GLU C 122 -25.61 0.08 -34.24
CA GLU C 122 -24.48 -0.72 -34.73
C GLU C 122 -23.85 -0.16 -36.01
N GLU C 123 -24.58 0.72 -36.70
CA GLU C 123 -24.04 1.40 -37.89
C GLU C 123 -22.95 2.40 -37.51
N GLN C 124 -23.10 3.02 -36.35
CA GLN C 124 -22.11 3.95 -35.81
C GLN C 124 -20.81 3.22 -35.48
N ALA C 125 -20.95 2.02 -34.92
CA ALA C 125 -19.83 1.16 -34.56
C ALA C 125 -19.08 0.67 -35.80
N LEU C 126 -19.81 0.49 -36.90
CA LEU C 126 -19.22 0.08 -38.18
C LEU C 126 -18.46 1.24 -38.83
N ASP C 127 -18.94 2.46 -38.61
CA ASP C 127 -18.38 3.67 -39.23
C ASP C 127 -17.07 4.13 -38.57
N ARG C 128 -16.76 3.56 -37.40
CA ARG C 128 -15.57 3.96 -36.64
C ARG C 128 -14.55 2.82 -36.46
N ALA C 129 -14.70 1.77 -37.27
CA ALA C 129 -13.84 0.58 -37.15
C ALA C 129 -12.77 0.49 -38.24
N GLY C 130 -12.98 1.18 -39.36
CA GLY C 130 -12.00 1.19 -40.44
C GLY C 130 -12.28 0.20 -41.56
N LEU C 131 -13.56 -0.07 -41.80
CA LEU C 131 -13.98 -0.91 -42.90
C LEU C 131 -13.97 -0.11 -44.21
N PRO C 132 -13.94 -0.82 -45.37
CA PRO C 132 -13.96 -0.22 -46.70
C PRO C 132 -14.68 1.13 -46.82
N THR C 133 -15.88 1.22 -46.26
CA THR C 133 -16.71 2.43 -46.37
C THR C 133 -16.88 3.20 -45.07
N SER C 134 -16.01 2.95 -44.09
CA SER C 134 -16.03 3.69 -42.82
C SER C 134 -15.50 5.10 -42.99
N ALA C 135 -15.84 5.97 -42.04
CA ALA C 135 -15.34 7.34 -42.06
C ALA C 135 -14.14 7.51 -41.10
N GLU C 136 -13.84 6.46 -40.35
CA GLU C 136 -12.88 6.55 -39.24
C GLU C 136 -12.38 5.17 -38.84
N ASP C 137 -11.17 5.12 -38.25
CA ASP C 137 -10.66 3.90 -37.61
C ASP C 137 -9.98 4.22 -36.28
N LYS C 138 -10.75 4.11 -35.21
CA LYS C 138 -10.27 4.47 -33.87
C LYS C 138 -9.28 3.45 -33.31
N GLY C 139 -9.26 2.25 -33.91
CA GLY C 139 -8.27 1.22 -33.58
C GLY C 139 -6.88 1.65 -34.00
N ALA C 140 -6.78 2.33 -35.15
CA ALA C 140 -5.51 2.86 -35.64
C ALA C 140 -5.07 4.08 -34.82
N GLN C 141 -6.03 4.91 -34.44
CA GLN C 141 -5.78 6.09 -33.61
C GLN C 141 -5.22 5.70 -32.24
N ALA C 142 -5.78 4.65 -31.65
CA ALA C 142 -5.40 4.19 -30.32
C ALA C 142 -3.94 3.73 -30.25
N THR C 143 -3.49 3.03 -31.28
CA THR C 143 -2.12 2.50 -31.31
C THR C 143 -1.10 3.65 -31.44
N VAL C 144 -1.39 4.62 -32.30
CA VAL C 144 -0.56 5.82 -32.43
C VAL C 144 -0.49 6.56 -31.08
N ALA C 145 -1.60 6.55 -30.35
CA ALA C 145 -1.68 7.17 -29.03
C ALA C 145 -0.76 6.50 -28.03
N ALA C 146 -0.76 5.17 -28.02
CA ALA C 146 0.07 4.40 -27.10
C ALA C 146 1.56 4.53 -27.42
N LEU C 147 1.91 4.40 -28.69
CA LEU C 147 3.31 4.41 -29.13
C LEU C 147 4.01 5.76 -28.97
N ALA C 148 3.31 6.85 -29.28
CA ALA C 148 3.85 8.19 -29.09
C ALA C 148 4.12 8.47 -27.60
N THR C 149 3.19 8.05 -26.75
CA THR C 149 3.32 8.24 -25.30
C THR C 149 4.52 7.46 -24.75
N ALA C 150 4.70 6.22 -25.22
CA ALA C 150 5.82 5.39 -24.81
C ALA C 150 7.17 6.05 -25.13
N LEU C 151 7.30 6.59 -26.33
CA LEU C 151 8.50 7.30 -26.75
C LEU C 151 8.76 8.58 -25.94
N THR C 152 7.68 9.24 -25.52
CA THR C 152 7.75 10.45 -24.71
C THR C 152 8.29 10.15 -23.32
N LEU C 153 7.77 9.08 -22.72
CA LEU C 153 8.19 8.61 -21.40
C LEU C 153 9.65 8.20 -21.40
N ARG C 154 10.11 7.61 -22.50
CA ARG C 154 11.51 7.22 -22.66
C ARG C 154 12.46 8.43 -22.68
N GLU C 155 12.05 9.52 -23.32
CA GLU C 155 12.83 10.76 -23.32
C GLU C 155 12.87 11.42 -21.94
N LEU C 156 11.74 11.39 -21.25
CA LEU C 156 11.61 12.03 -19.94
C LEU C 156 12.26 11.25 -18.80
N ARG C 157 12.63 9.99 -19.05
CA ARG C 157 13.20 9.15 -18.01
C ARG C 157 14.72 9.07 -18.03
N ALA C 158 15.29 8.30 -17.10
CA ALA C 158 16.73 8.20 -16.89
C ALA C 158 17.44 7.48 -18.04
N HIS C 159 18.36 8.20 -18.68
CA HIS C 159 19.21 7.63 -19.73
C HIS C 159 20.47 8.44 -19.95
N SER C 160 21.45 7.76 -20.54
CA SER C 160 22.69 8.34 -21.04
C SER C 160 23.59 8.96 -20.02
N ASP D 14 -11.20 -26.86 -23.46
CA ASP D 14 -11.40 -27.54 -22.14
C ASP D 14 -10.81 -26.70 -21.00
N ALA D 15 -11.27 -26.96 -19.77
CA ALA D 15 -10.95 -26.12 -18.61
C ALA D 15 -10.96 -26.93 -17.32
N SER D 16 -10.48 -28.16 -17.40
CA SER D 16 -10.57 -29.12 -16.29
C SER D 16 -9.75 -28.76 -15.05
N GLY D 17 -8.71 -27.95 -15.22
CA GLY D 17 -7.77 -27.68 -14.12
C GLY D 17 -7.97 -26.39 -13.35
N VAL D 18 -9.09 -25.70 -13.60
CA VAL D 18 -9.32 -24.41 -12.93
C VAL D 18 -10.22 -24.51 -11.71
N ARG D 19 -9.89 -23.72 -10.70
CA ARG D 19 -10.68 -23.60 -9.48
C ARG D 19 -11.70 -22.48 -9.66
N LEU D 20 -12.98 -22.81 -9.56
CA LEU D 20 -14.07 -21.86 -9.84
C LEU D 20 -15.04 -21.73 -8.67
N ALA D 21 -15.46 -20.50 -8.39
CA ALA D 21 -16.49 -20.23 -7.39
C ALA D 21 -17.63 -19.38 -7.95
N ILE D 22 -18.86 -19.73 -7.57
CA ILE D 22 -20.05 -18.96 -7.93
C ILE D 22 -20.71 -18.40 -6.67
N VAL D 23 -20.97 -17.09 -6.68
CA VAL D 23 -21.70 -16.43 -5.60
C VAL D 23 -22.95 -15.74 -6.14
N ALA D 24 -24.10 -16.11 -5.59
CA ALA D 24 -25.39 -15.63 -6.10
C ALA D 24 -26.32 -15.14 -4.99
N SER D 25 -27.02 -14.03 -5.25
CA SER D 25 -27.95 -13.45 -4.28
C SER D 25 -29.32 -14.13 -4.32
N SER D 26 -30.22 -13.72 -3.42
CA SER D 26 -31.51 -14.40 -3.25
C SER D 26 -32.73 -13.52 -3.53
N TRP D 27 -32.49 -12.21 -3.69
CA TRP D 27 -33.55 -11.27 -4.03
C TRP D 27 -34.16 -11.66 -5.38
N HIS D 28 -35.47 -11.87 -5.40
CA HIS D 28 -36.17 -12.53 -6.53
C HIS D 28 -35.65 -13.96 -6.68
N GLY D 29 -36.34 -14.90 -6.04
CA GLY D 29 -35.91 -16.29 -6.01
C GLY D 29 -35.77 -16.97 -7.37
N LYS D 30 -36.86 -16.98 -8.13
CA LYS D 30 -36.93 -17.68 -9.43
C LYS D 30 -35.83 -17.32 -10.42
N ILE D 31 -35.61 -16.02 -10.62
CA ILE D 31 -34.62 -15.54 -11.60
C ILE D 31 -33.19 -15.93 -11.16
N CYS D 32 -32.92 -15.79 -9.87
CA CYS D 32 -31.64 -16.17 -9.29
C CYS D 32 -31.39 -17.67 -9.43
N ASP D 33 -32.44 -18.47 -9.24
CA ASP D 33 -32.36 -19.91 -9.40
C ASP D 33 -32.15 -20.32 -10.84
N ALA D 34 -32.55 -19.46 -11.77
CA ALA D 34 -32.34 -19.70 -13.20
C ALA D 34 -30.93 -19.34 -13.62
N LEU D 35 -30.39 -18.26 -13.05
CA LEU D 35 -29.03 -17.82 -13.34
C LEU D 35 -27.99 -18.81 -12.82
N LEU D 36 -28.25 -19.37 -11.64
CA LEU D 36 -27.37 -20.37 -11.05
C LEU D 36 -27.39 -21.68 -11.84
N ASP D 37 -28.58 -22.01 -12.38
CA ASP D 37 -28.78 -23.22 -13.17
C ASP D 37 -27.94 -23.22 -14.46
N GLY D 38 -27.96 -22.10 -15.18
CA GLY D 38 -27.21 -21.97 -16.43
C GLY D 38 -25.71 -21.92 -16.22
N ALA D 39 -25.30 -21.32 -15.10
CA ALA D 39 -23.88 -21.25 -14.73
C ALA D 39 -23.32 -22.64 -14.41
N ARG D 40 -24.12 -23.43 -13.68
CA ARG D 40 -23.74 -24.79 -13.33
C ARG D 40 -23.62 -25.72 -14.54
N LYS D 41 -24.48 -25.51 -15.53
CA LYS D 41 -24.48 -26.35 -16.74
C LYS D 41 -23.24 -26.12 -17.62
N VAL D 42 -22.77 -24.88 -17.68
CA VAL D 42 -21.54 -24.55 -18.40
C VAL D 42 -20.31 -25.11 -17.69
N ALA D 43 -20.28 -24.99 -16.36
CA ALA D 43 -19.18 -25.52 -15.54
C ALA D 43 -18.98 -27.02 -15.75
N ALA D 44 -20.10 -27.76 -15.74
CA ALA D 44 -20.11 -29.21 -15.89
C ALA D 44 -19.65 -29.63 -17.28
N GLY D 45 -20.08 -28.88 -18.29
CA GLY D 45 -19.72 -29.14 -19.68
C GLY D 45 -18.27 -28.81 -19.98
N CYS D 46 -17.66 -28.00 -19.12
CA CYS D 46 -16.24 -27.64 -19.26
C CYS D 46 -15.31 -28.49 -18.40
N GLY D 47 -15.85 -29.51 -17.75
CA GLY D 47 -15.06 -30.47 -16.98
C GLY D 47 -15.12 -30.28 -15.46
N LEU D 48 -15.72 -29.19 -15.01
CA LEU D 48 -15.82 -28.89 -13.57
C LEU D 48 -17.15 -29.35 -12.98
N ASP D 49 -17.12 -30.44 -12.22
CA ASP D 49 -18.36 -31.02 -11.67
C ASP D 49 -18.91 -30.29 -10.43
N ASP D 50 -18.08 -30.05 -9.43
CA ASP D 50 -18.55 -29.36 -8.22
C ASP D 50 -17.75 -28.12 -7.89
N PRO D 51 -18.21 -26.95 -8.36
CA PRO D 51 -17.62 -25.68 -7.98
C PRO D 51 -18.11 -25.21 -6.60
N THR D 52 -17.45 -24.18 -6.06
CA THR D 52 -17.84 -23.62 -4.76
C THR D 52 -19.00 -22.64 -4.96
N VAL D 53 -20.18 -23.02 -4.47
CA VAL D 53 -21.37 -22.16 -4.60
C VAL D 53 -21.78 -21.58 -3.25
N VAL D 54 -21.91 -20.26 -3.20
CA VAL D 54 -22.29 -19.55 -1.98
C VAL D 54 -23.49 -18.63 -2.23
N ARG D 55 -24.45 -18.66 -1.30
CA ARG D 55 -25.62 -17.77 -1.37
C ARG D 55 -25.54 -16.59 -0.41
N VAL D 56 -26.03 -15.44 -0.86
CA VAL D 56 -26.12 -14.23 -0.04
C VAL D 56 -27.52 -13.62 -0.19
N LEU D 57 -27.82 -12.62 0.64
CA LEU D 57 -29.13 -11.96 0.61
C LEU D 57 -29.28 -11.08 -0.63
N GLY D 58 -28.57 -9.95 -0.65
CA GLY D 58 -28.68 -8.97 -1.72
C GLY D 58 -27.42 -8.82 -2.56
N ALA D 59 -27.51 -7.98 -3.59
CA ALA D 59 -26.39 -7.76 -4.50
C ALA D 59 -25.23 -6.96 -3.90
N ILE D 60 -25.52 -6.15 -2.88
CA ILE D 60 -24.50 -5.35 -2.19
C ILE D 60 -23.53 -6.21 -1.36
N GLU D 61 -24.01 -7.37 -0.91
CA GLU D 61 -23.19 -8.31 -0.13
C GLU D 61 -22.22 -9.14 -0.98
N ILE D 62 -22.35 -9.06 -2.30
CA ILE D 62 -21.54 -9.89 -3.21
C ILE D 62 -20.02 -9.60 -3.17
N PRO D 63 -19.60 -8.32 -3.31
CA PRO D 63 -18.16 -8.04 -3.38
C PRO D 63 -17.34 -8.53 -2.19
N VAL D 64 -17.87 -8.41 -0.96
CA VAL D 64 -17.15 -8.85 0.24
C VAL D 64 -16.99 -10.38 0.33
N VAL D 65 -17.97 -11.12 -0.18
CA VAL D 65 -17.91 -12.58 -0.19
C VAL D 65 -16.98 -13.05 -1.32
N ALA D 66 -17.00 -12.30 -2.42
CA ALA D 66 -16.17 -12.59 -3.59
C ALA D 66 -14.68 -12.36 -3.32
N GLN D 67 -14.38 -11.42 -2.42
CA GLN D 67 -13.01 -11.15 -1.98
C GLN D 67 -12.46 -12.35 -1.22
N GLU D 68 -13.30 -13.01 -0.44
CA GLU D 68 -12.92 -14.20 0.31
C GLU D 68 -12.66 -15.38 -0.61
N LEU D 69 -13.50 -15.54 -1.63
CA LEU D 69 -13.38 -16.63 -2.60
C LEU D 69 -12.15 -16.45 -3.50
N ALA D 70 -11.74 -15.20 -3.71
CA ALA D 70 -10.61 -14.87 -4.58
C ALA D 70 -9.27 -15.44 -4.10
N ARG D 71 -9.09 -15.55 -2.79
CA ARG D 71 -7.81 -16.02 -2.25
C ARG D 71 -7.68 -17.55 -2.17
N ASN D 72 -8.57 -18.25 -2.89
CA ASN D 72 -8.58 -19.71 -2.94
C ASN D 72 -9.01 -20.25 -4.31
N HIS D 73 -9.36 -19.35 -5.22
CA HIS D 73 -9.91 -19.73 -6.54
C HIS D 73 -9.27 -18.98 -7.71
N ASP D 74 -9.41 -19.55 -8.91
CA ASP D 74 -8.86 -18.94 -10.14
C ASP D 74 -9.90 -18.09 -10.84
N ALA D 75 -11.18 -18.37 -10.58
CA ALA D 75 -12.28 -17.66 -11.20
C ALA D 75 -13.46 -17.53 -10.25
N VAL D 76 -14.05 -16.33 -10.20
CA VAL D 76 -15.24 -16.07 -9.40
C VAL D 76 -16.33 -15.52 -10.31
N VAL D 77 -17.55 -16.05 -10.15
CA VAL D 77 -18.71 -15.62 -10.92
C VAL D 77 -19.79 -15.05 -9.99
N ALA D 78 -20.21 -13.81 -10.26
CA ALA D 78 -21.26 -13.14 -9.48
C ALA D 78 -22.61 -13.20 -10.19
N LEU D 79 -23.65 -13.60 -9.47
CA LEU D 79 -25.00 -13.69 -10.04
C LEU D 79 -26.05 -12.95 -9.20
N GLY D 80 -26.96 -12.25 -9.87
CA GLY D 80 -28.05 -11.54 -9.20
C GLY D 80 -29.03 -10.84 -10.12
N VAL D 81 -30.05 -10.22 -9.53
CA VAL D 81 -31.00 -9.40 -10.27
C VAL D 81 -31.35 -8.12 -9.51
N VAL D 82 -31.32 -7.00 -10.23
CA VAL D 82 -31.70 -5.70 -9.68
C VAL D 82 -32.74 -5.07 -10.61
N ILE D 83 -33.98 -4.96 -10.13
CA ILE D 83 -35.08 -4.39 -10.92
C ILE D 83 -35.41 -2.96 -10.46
N ARG D 84 -35.65 -2.08 -11.43
CA ARG D 84 -35.97 -0.67 -11.16
C ARG D 84 -37.34 -0.51 -10.47
N GLY D 85 -37.34 0.22 -9.35
CA GLY D 85 -38.56 0.55 -8.63
C GLY D 85 -39.00 1.98 -8.91
N GLN D 86 -39.66 2.60 -7.94
CA GLN D 86 -40.17 3.97 -8.10
C GLN D 86 -39.27 5.03 -7.46
N THR D 87 -38.17 4.57 -6.86
CA THR D 87 -37.17 5.47 -6.30
C THR D 87 -35.83 5.25 -7.01
N PRO D 88 -34.95 6.28 -7.03
CA PRO D 88 -33.64 6.15 -7.68
C PRO D 88 -32.73 5.11 -7.02
N HIS D 89 -33.30 4.32 -6.11
CA HIS D 89 -32.61 3.25 -5.38
C HIS D 89 -31.94 2.23 -6.30
N PHE D 90 -32.47 2.09 -7.52
CA PHE D 90 -31.90 1.19 -8.54
C PHE D 90 -30.46 1.57 -8.93
N ASP D 91 -30.22 2.87 -9.09
CA ASP D 91 -28.92 3.38 -9.51
C ASP D 91 -27.78 3.00 -8.56
N TYR D 92 -28.00 3.21 -7.28
CA TYR D 92 -26.93 3.10 -6.29
C TYR D 92 -26.64 1.68 -5.82
N VAL D 93 -27.63 0.79 -5.98
CA VAL D 93 -27.41 -0.64 -5.78
C VAL D 93 -26.45 -1.16 -6.85
N CYS D 94 -26.70 -0.76 -8.11
CA CYS D 94 -25.85 -1.13 -9.23
C CYS D 94 -24.45 -0.50 -9.16
N ASP D 95 -24.38 0.78 -8.76
CA ASP D 95 -23.10 1.47 -8.62
C ASP D 95 -22.15 0.76 -7.65
N ALA D 96 -22.72 0.20 -6.58
CA ALA D 96 -21.98 -0.55 -5.58
C ALA D 96 -21.34 -1.81 -6.18
N VAL D 97 -22.13 -2.57 -6.94
CA VAL D 97 -21.68 -3.79 -7.60
C VAL D 97 -20.57 -3.51 -8.63
N THR D 98 -20.72 -2.42 -9.38
CA THR D 98 -19.70 -1.98 -10.35
C THR D 98 -18.33 -1.76 -9.71
N GLN D 99 -18.27 -0.83 -8.74
CA GLN D 99 -17.01 -0.44 -8.10
C GLN D 99 -16.38 -1.57 -7.30
N GLY D 100 -17.23 -2.36 -6.63
CA GLY D 100 -16.79 -3.48 -5.81
C GLY D 100 -16.10 -4.58 -6.61
N LEU D 101 -16.81 -5.12 -7.60
CA LEU D 101 -16.28 -6.23 -8.41
C LEU D 101 -15.04 -5.86 -9.21
N THR D 102 -14.95 -4.60 -9.62
CA THR D 102 -13.80 -4.10 -10.38
C THR D 102 -12.56 -3.95 -9.50
N ARG D 103 -12.74 -3.46 -8.26
CA ARG D 103 -11.61 -3.34 -7.33
C ARG D 103 -11.11 -4.70 -6.84
N VAL D 104 -12.04 -5.62 -6.58
CA VAL D 104 -11.69 -6.98 -6.14
C VAL D 104 -10.82 -7.67 -7.19
N SER D 105 -11.21 -7.52 -8.47
CA SER D 105 -10.52 -8.17 -9.58
C SER D 105 -9.05 -7.77 -9.71
N LEU D 106 -8.76 -6.50 -9.42
CA LEU D 106 -7.41 -5.96 -9.65
C LEU D 106 -6.51 -6.13 -8.42
N ASP D 107 -7.11 -6.16 -7.23
CA ASP D 107 -6.39 -6.45 -5.99
C ASP D 107 -5.88 -7.89 -5.95
N SER D 108 -6.68 -8.80 -6.48
CA SER D 108 -6.38 -10.24 -6.42
C SER D 108 -5.81 -10.77 -7.72
N SER D 109 -5.79 -9.94 -8.76
CA SER D 109 -5.36 -10.35 -10.11
C SER D 109 -6.10 -11.61 -10.55
N THR D 110 -7.42 -11.58 -10.41
CA THR D 110 -8.28 -12.72 -10.68
C THR D 110 -9.51 -12.21 -11.42
N PRO D 111 -9.91 -12.92 -12.51
CA PRO D 111 -11.12 -12.49 -13.24
C PRO D 111 -12.39 -12.72 -12.43
N ILE D 112 -13.18 -11.67 -12.28
CA ILE D 112 -14.49 -11.74 -11.61
C ILE D 112 -15.57 -11.45 -12.65
N ALA D 113 -16.43 -12.42 -12.90
CA ALA D 113 -17.51 -12.29 -13.86
C ALA D 113 -18.70 -11.54 -13.29
N ASN D 114 -19.19 -10.54 -14.03
CA ASN D 114 -20.39 -9.82 -13.65
C ASN D 114 -21.62 -10.41 -14.32
N GLY D 115 -22.38 -11.20 -13.55
CA GLY D 115 -23.62 -11.80 -14.04
C GLY D 115 -24.83 -11.33 -13.24
N VAL D 116 -24.79 -10.08 -12.80
CA VAL D 116 -25.90 -9.46 -12.09
C VAL D 116 -26.74 -8.65 -13.08
N LEU D 117 -28.01 -9.01 -13.22
CA LEU D 117 -28.89 -8.38 -14.20
C LEU D 117 -29.36 -7.01 -13.74
N THR D 118 -29.42 -6.07 -14.69
CA THR D 118 -29.94 -4.73 -14.45
C THR D 118 -31.04 -4.45 -15.46
N THR D 119 -32.29 -4.51 -15.01
CA THR D 119 -33.44 -4.37 -15.92
C THR D 119 -34.42 -3.28 -15.48
N ASN D 120 -35.23 -2.83 -16.42
CA ASN D 120 -36.32 -1.90 -16.12
C ASN D 120 -37.56 -2.63 -15.61
N THR D 121 -37.96 -3.69 -16.32
CA THR D 121 -39.16 -4.46 -15.97
C THR D 121 -38.80 -5.89 -15.55
N GLU D 122 -39.79 -6.60 -15.02
CA GLU D 122 -39.63 -7.99 -14.57
C GLU D 122 -39.57 -8.97 -15.74
N GLU D 123 -40.25 -8.63 -16.84
CA GLU D 123 -40.24 -9.44 -18.07
C GLU D 123 -38.84 -9.54 -18.68
N GLN D 124 -38.19 -8.39 -18.82
CA GLN D 124 -36.82 -8.33 -19.35
C GLN D 124 -35.87 -9.23 -18.56
N ALA D 125 -35.97 -9.17 -17.23
CA ALA D 125 -35.15 -9.98 -16.34
C ALA D 125 -35.37 -11.49 -16.54
N LEU D 126 -36.62 -11.87 -16.81
CA LEU D 126 -36.96 -13.27 -17.09
C LEU D 126 -36.42 -13.70 -18.45
N ASP D 127 -36.40 -12.76 -19.40
CA ASP D 127 -36.02 -13.05 -20.79
C ASP D 127 -34.51 -13.27 -20.97
N ARG D 128 -33.72 -12.81 -20.00
CA ARG D 128 -32.27 -12.95 -20.07
C ARG D 128 -31.74 -13.87 -18.96
N ALA D 129 -32.62 -14.74 -18.46
CA ALA D 129 -32.29 -15.64 -17.35
C ALA D 129 -32.14 -17.12 -17.74
N GLY D 130 -32.46 -17.45 -18.98
CA GLY D 130 -32.27 -18.81 -19.49
C GLY D 130 -33.40 -19.78 -19.15
N LEU D 131 -34.60 -19.23 -18.96
CA LEU D 131 -35.79 -20.03 -18.70
C LEU D 131 -36.29 -20.67 -20.01
N PRO D 132 -37.17 -21.69 -19.91
CA PRO D 132 -37.71 -22.41 -21.07
C PRO D 132 -37.91 -21.59 -22.35
N THR D 133 -38.47 -20.37 -22.22
CA THR D 133 -38.79 -19.54 -23.38
C THR D 133 -38.10 -18.17 -23.34
N SER D 134 -36.86 -18.15 -22.85
CA SER D 134 -36.07 -16.92 -22.76
C SER D 134 -35.26 -16.65 -24.03
N ALA D 135 -34.98 -15.38 -24.29
CA ALA D 135 -34.20 -14.97 -25.46
C ALA D 135 -32.71 -15.28 -25.30
N GLU D 136 -32.23 -15.24 -24.06
CA GLU D 136 -30.82 -15.54 -23.77
C GLU D 136 -30.59 -15.96 -22.31
N ASP D 137 -29.33 -16.27 -21.99
CA ASP D 137 -28.93 -16.66 -20.65
C ASP D 137 -27.61 -15.96 -20.29
N LYS D 138 -27.70 -14.93 -19.46
CA LYS D 138 -26.53 -14.15 -19.05
C LYS D 138 -25.66 -14.89 -18.03
N GLY D 139 -26.29 -15.77 -17.23
CA GLY D 139 -25.60 -16.58 -16.24
C GLY D 139 -24.64 -17.59 -16.86
N ALA D 140 -25.02 -18.12 -18.01
CA ALA D 140 -24.16 -19.01 -18.78
C ALA D 140 -23.02 -18.22 -19.43
N GLN D 141 -23.37 -17.05 -19.97
CA GLN D 141 -22.42 -16.13 -20.60
C GLN D 141 -21.29 -15.70 -19.65
N ALA D 142 -21.68 -15.33 -18.43
CA ALA D 142 -20.73 -14.86 -17.41
C ALA D 142 -19.73 -15.94 -16.99
N THR D 143 -20.17 -17.20 -16.97
CA THR D 143 -19.31 -18.31 -16.58
C THR D 143 -18.30 -18.64 -17.69
N VAL D 144 -18.70 -18.44 -18.94
CA VAL D 144 -17.78 -18.62 -20.07
C VAL D 144 -16.73 -17.52 -20.05
N ALA D 145 -17.15 -16.32 -19.64
CA ALA D 145 -16.24 -15.18 -19.54
C ALA D 145 -15.14 -15.41 -18.50
N ALA D 146 -15.51 -16.01 -17.37
CA ALA D 146 -14.56 -16.21 -16.27
C ALA D 146 -13.56 -17.34 -16.50
N LEU D 147 -14.05 -18.48 -17.00
CA LEU D 147 -13.16 -19.62 -17.27
C LEU D 147 -12.15 -19.34 -18.38
N ALA D 148 -12.61 -18.70 -19.45
CA ALA D 148 -11.75 -18.37 -20.60
C ALA D 148 -10.65 -17.37 -20.24
N THR D 149 -10.98 -16.40 -19.38
CA THR D 149 -10.01 -15.39 -18.94
C THR D 149 -9.01 -15.98 -17.93
N ALA D 150 -9.44 -17.02 -17.20
CA ALA D 150 -8.55 -17.75 -16.30
C ALA D 150 -7.52 -18.59 -17.05
N LEU D 151 -7.94 -19.18 -18.17
CA LEU D 151 -7.04 -19.99 -19.01
C LEU D 151 -6.01 -19.12 -19.73
N THR D 152 -6.42 -17.91 -20.10
CA THR D 152 -5.54 -16.96 -20.79
C THR D 152 -4.42 -16.48 -19.87
N LEU D 153 -4.78 -16.14 -18.63
CA LEU D 153 -3.81 -15.68 -17.64
C LEU D 153 -2.77 -16.74 -17.30
N ARG D 154 -3.19 -18.00 -17.33
CA ARG D 154 -2.28 -19.12 -17.11
C ARG D 154 -1.23 -19.24 -18.20
N GLU D 155 -1.63 -19.06 -19.46
CA GLU D 155 -0.69 -19.09 -20.58
C GLU D 155 0.29 -17.91 -20.52
N LEU D 156 -0.24 -16.72 -20.23
CA LEU D 156 0.58 -15.52 -20.09
C LEU D 156 1.56 -15.62 -18.91
N ARG D 157 1.11 -16.18 -17.80
CA ARG D 157 1.95 -16.29 -16.59
C ARG D 157 3.03 -17.38 -16.68
N ALA D 158 3.84 -17.49 -15.62
CA ALA D 158 5.06 -18.28 -15.64
C ALA D 158 4.86 -19.80 -15.52
N HIS D 159 5.40 -20.53 -16.49
CA HIS D 159 5.46 -21.99 -16.48
C HIS D 159 6.66 -22.48 -17.26
N SER D 160 7.08 -23.71 -16.93
CA SER D 160 8.27 -24.33 -17.51
C SER D 160 8.16 -24.50 -19.00
N ALA E 15 -26.63 -17.67 15.95
CA ALA E 15 -26.31 -16.25 15.61
C ALA E 15 -25.79 -15.47 16.82
N SER E 16 -25.79 -16.13 17.98
CA SER E 16 -25.48 -15.48 19.25
C SER E 16 -24.00 -15.10 19.46
N GLY E 17 -23.11 -15.66 18.63
CA GLY E 17 -21.68 -15.40 18.77
C GLY E 17 -21.17 -14.26 17.89
N VAL E 18 -22.11 -13.50 17.33
CA VAL E 18 -21.78 -12.45 16.39
C VAL E 18 -21.68 -11.09 17.09
N ARG E 19 -20.57 -10.39 16.87
CA ARG E 19 -20.45 -8.98 17.29
C ARG E 19 -21.14 -8.09 16.27
N LEU E 20 -22.11 -7.30 16.72
CA LEU E 20 -22.88 -6.46 15.81
C LEU E 20 -22.85 -4.98 16.19
N ALA E 21 -22.43 -4.15 15.23
CA ALA E 21 -22.47 -2.69 15.39
C ALA E 21 -23.43 -2.05 14.40
N ILE E 22 -24.20 -1.09 14.90
CA ILE E 22 -25.13 -0.34 14.05
C ILE E 22 -24.80 1.15 14.14
N VAL E 23 -24.69 1.80 12.98
CA VAL E 23 -24.46 3.24 12.94
C VAL E 23 -25.58 3.94 12.16
N ALA E 24 -26.37 4.75 12.87
CA ALA E 24 -27.55 5.40 12.31
C ALA E 24 -27.38 6.92 12.23
N SER E 25 -27.79 7.49 11.11
CA SER E 25 -27.75 8.94 10.91
C SER E 25 -28.95 9.63 11.60
N SER E 26 -28.92 10.96 11.66
CA SER E 26 -29.92 11.73 12.40
C SER E 26 -30.82 12.58 11.51
N TRP E 27 -30.32 12.94 10.33
CA TRP E 27 -31.08 13.73 9.35
C TRP E 27 -32.41 13.03 9.05
N HIS E 28 -33.51 13.77 9.20
CA HIS E 28 -34.87 13.22 9.21
C HIS E 28 -35.04 12.25 10.38
N GLY E 29 -35.25 12.83 11.57
CA GLY E 29 -35.25 12.08 12.83
C GLY E 29 -36.30 11.00 12.99
N LYS E 30 -37.55 11.32 12.63
CA LYS E 30 -38.69 10.40 12.79
C LYS E 30 -38.47 9.06 12.07
N ILE E 31 -37.97 9.12 10.83
CA ILE E 31 -37.74 7.92 10.02
C ILE E 31 -36.53 7.13 10.52
N CYS E 32 -35.48 7.85 10.93
CA CYS E 32 -34.25 7.20 11.43
C CYS E 32 -34.49 6.34 12.66
N ASP E 33 -35.36 6.81 13.56
CA ASP E 33 -35.71 6.07 14.78
C ASP E 33 -36.58 4.84 14.48
N ALA E 34 -37.36 4.91 13.40
CA ALA E 34 -38.15 3.77 12.94
C ALA E 34 -37.25 2.69 12.36
N LEU E 35 -36.27 3.12 11.57
CA LEU E 35 -35.26 2.23 11.02
C LEU E 35 -34.50 1.51 12.14
N LEU E 36 -34.00 2.29 13.09
CA LEU E 36 -33.14 1.77 14.17
C LEU E 36 -33.86 0.77 15.07
N ASP E 37 -35.15 0.95 15.28
CA ASP E 37 -35.89 0.02 16.15
C ASP E 37 -36.24 -1.28 15.41
N GLY E 38 -36.38 -1.21 14.09
CA GLY E 38 -36.51 -2.40 13.26
C GLY E 38 -35.28 -3.28 13.32
N ALA E 39 -34.11 -2.64 13.28
CA ALA E 39 -32.82 -3.30 13.40
C ALA E 39 -32.61 -3.92 14.79
N ARG E 40 -33.10 -3.23 15.83
CA ARG E 40 -33.03 -3.69 17.22
C ARG E 40 -33.81 -4.99 17.43
N LYS E 41 -35.03 -5.03 16.93
CA LYS E 41 -35.94 -6.18 17.09
C LYS E 41 -35.39 -7.44 16.46
N VAL E 42 -34.81 -7.32 15.27
CA VAL E 42 -34.26 -8.47 14.55
C VAL E 42 -32.90 -8.90 15.13
N ALA E 43 -32.24 -7.98 15.82
CA ALA E 43 -31.02 -8.31 16.55
C ALA E 43 -31.37 -9.14 17.80
N ALA E 44 -32.34 -8.65 18.57
CA ALA E 44 -32.78 -9.30 19.80
C ALA E 44 -33.41 -10.66 19.54
N GLY E 45 -34.10 -10.79 18.41
CA GLY E 45 -34.75 -12.03 18.02
C GLY E 45 -33.77 -13.11 17.60
N CYS E 46 -32.62 -12.70 17.08
CA CYS E 46 -31.57 -13.62 16.68
C CYS E 46 -30.56 -13.89 17.80
N GLY E 47 -30.93 -13.56 19.03
CA GLY E 47 -30.14 -13.86 20.22
C GLY E 47 -29.23 -12.74 20.71
N LEU E 48 -29.08 -11.69 19.90
CA LEU E 48 -28.19 -10.58 20.23
C LEU E 48 -28.91 -9.46 20.96
N ASP E 49 -28.83 -9.46 22.28
CA ASP E 49 -29.57 -8.53 23.13
C ASP E 49 -29.11 -7.07 23.06
N ASP E 50 -27.82 -6.82 23.01
CA ASP E 50 -27.34 -5.44 23.08
C ASP E 50 -26.20 -5.16 22.10
N PRO E 51 -26.54 -4.72 20.87
CA PRO E 51 -25.56 -4.33 19.86
C PRO E 51 -24.94 -2.96 20.15
N THR E 52 -23.81 -2.68 19.50
CA THR E 52 -23.14 -1.39 19.63
C THR E 52 -23.82 -0.38 18.71
N VAL E 53 -24.56 0.56 19.29
CA VAL E 53 -25.32 1.55 18.52
C VAL E 53 -24.69 2.95 18.63
N VAL E 54 -24.31 3.50 17.48
CA VAL E 54 -23.66 4.80 17.40
C VAL E 54 -24.47 5.74 16.49
N ARG E 55 -24.66 6.99 16.93
CA ARG E 55 -25.39 7.97 16.12
C ARG E 55 -24.45 8.98 15.46
N VAL E 56 -24.81 9.37 14.24
CA VAL E 56 -24.12 10.44 13.50
C VAL E 56 -25.15 11.42 12.93
N LEU E 57 -24.71 12.59 12.47
CA LEU E 57 -25.64 13.59 11.97
C LEU E 57 -26.06 13.39 10.51
N GLY E 58 -25.09 13.47 9.61
CA GLY E 58 -25.35 13.30 8.17
C GLY E 58 -24.91 11.95 7.65
N ALA E 59 -25.44 11.55 6.49
CA ALA E 59 -25.06 10.29 5.86
C ALA E 59 -23.58 10.25 5.42
N ILE E 60 -23.04 11.40 5.02
CA ILE E 60 -21.63 11.52 4.62
C ILE E 60 -20.66 11.04 5.72
N GLU E 61 -21.09 11.18 6.97
CA GLU E 61 -20.25 10.86 8.13
C GLU E 61 -20.32 9.38 8.54
N ILE E 62 -21.10 8.58 7.82
CA ILE E 62 -21.23 7.15 8.10
C ILE E 62 -19.94 6.32 7.81
N PRO E 63 -19.36 6.46 6.59
CA PRO E 63 -18.16 5.69 6.24
C PRO E 63 -16.98 5.77 7.23
N VAL E 64 -16.67 6.96 7.74
CA VAL E 64 -15.53 7.13 8.64
C VAL E 64 -15.74 6.45 10.01
N VAL E 65 -16.99 6.44 10.49
CA VAL E 65 -17.34 5.84 11.78
C VAL E 65 -17.43 4.32 11.64
N ALA E 66 -17.96 3.85 10.52
CA ALA E 66 -18.01 2.42 10.21
C ALA E 66 -16.60 1.80 10.11
N GLN E 67 -15.66 2.59 9.56
CA GLN E 67 -14.26 2.20 9.45
C GLN E 67 -13.65 1.88 10.83
N GLU E 68 -14.04 2.67 11.83
CA GLU E 68 -13.61 2.45 13.20
C GLU E 68 -14.28 1.22 13.82
N LEU E 69 -15.59 1.08 13.58
CA LEU E 69 -16.40 0.00 14.17
C LEU E 69 -16.07 -1.38 13.59
N ALA E 70 -15.52 -1.39 12.39
CA ALA E 70 -15.09 -2.63 11.73
C ALA E 70 -13.88 -3.28 12.42
N ARG E 71 -13.14 -2.51 13.21
CA ARG E 71 -11.94 -2.99 13.90
C ARG E 71 -12.17 -4.04 15.00
N ASN E 72 -13.38 -4.09 15.57
CA ASN E 72 -13.73 -5.13 16.55
C ASN E 72 -15.19 -5.63 16.53
N HIS E 73 -15.78 -5.63 15.34
CA HIS E 73 -17.12 -6.21 15.14
C HIS E 73 -17.13 -7.11 13.90
N ASP E 74 -18.04 -8.08 13.89
CA ASP E 74 -18.15 -9.03 12.78
C ASP E 74 -18.98 -8.47 11.62
N ALA E 75 -19.89 -7.54 11.95
CA ALA E 75 -20.78 -6.94 10.96
C ALA E 75 -21.21 -5.52 11.34
N VAL E 76 -21.34 -4.65 10.34
CA VAL E 76 -21.78 -3.28 10.56
C VAL E 76 -23.02 -2.99 9.71
N VAL E 77 -24.04 -2.38 10.33
CA VAL E 77 -25.24 -1.93 9.63
C VAL E 77 -25.32 -0.39 9.61
N ALA E 78 -25.53 0.18 8.42
CA ALA E 78 -25.59 1.62 8.24
C ALA E 78 -27.01 2.06 7.87
N LEU E 79 -27.61 2.89 8.72
CA LEU E 79 -28.99 3.32 8.51
C LEU E 79 -29.11 4.84 8.39
N GLY E 80 -29.89 5.30 7.40
CA GLY E 80 -30.08 6.73 7.16
C GLY E 80 -31.18 7.02 6.14
N VAL E 81 -31.44 8.31 5.92
CA VAL E 81 -32.46 8.76 4.96
C VAL E 81 -31.92 9.91 4.11
N VAL E 82 -32.07 9.77 2.79
CA VAL E 82 -31.70 10.82 1.84
C VAL E 82 -32.90 11.10 0.92
N ILE E 83 -33.41 12.32 0.96
CA ILE E 83 -34.57 12.71 0.12
C ILE E 83 -34.19 13.81 -0.89
N ARG E 84 -34.74 13.71 -2.10
CA ARG E 84 -34.39 14.60 -3.21
C ARG E 84 -35.04 15.98 -3.09
N GLY E 85 -34.25 17.02 -3.39
CA GLY E 85 -34.72 18.40 -3.33
C GLY E 85 -34.74 19.09 -4.69
N GLN E 86 -34.60 20.41 -4.68
CA GLN E 86 -34.62 21.22 -5.91
C GLN E 86 -33.26 21.35 -6.62
N THR E 87 -32.20 20.87 -5.95
CA THR E 87 -30.83 20.92 -6.51
C THR E 87 -30.26 19.50 -6.69
N PRO E 88 -29.27 19.35 -7.61
CA PRO E 88 -28.60 18.07 -7.83
C PRO E 88 -27.79 17.56 -6.62
N HIS E 89 -27.99 18.20 -5.47
CA HIS E 89 -27.30 17.84 -4.22
C HIS E 89 -27.58 16.40 -3.77
N PHE E 90 -28.80 15.92 -4.04
CA PHE E 90 -29.22 14.56 -3.73
C PHE E 90 -28.28 13.50 -4.30
N ASP E 91 -27.90 13.67 -5.57
CA ASP E 91 -27.05 12.71 -6.26
C ASP E 91 -25.66 12.54 -5.64
N TYR E 92 -25.08 13.65 -5.17
CA TYR E 92 -23.72 13.61 -4.64
C TYR E 92 -23.61 13.08 -3.22
N VAL E 93 -24.66 13.28 -2.43
CA VAL E 93 -24.75 12.68 -1.09
C VAL E 93 -24.78 11.15 -1.19
N CYS E 94 -25.58 10.64 -2.12
CA CYS E 94 -25.68 9.21 -2.38
C CYS E 94 -24.38 8.63 -2.95
N ASP E 95 -23.72 9.40 -3.82
CA ASP E 95 -22.47 8.97 -4.43
C ASP E 95 -21.37 8.73 -3.39
N ALA E 96 -21.27 9.65 -2.44
CA ALA E 96 -20.31 9.53 -1.34
C ALA E 96 -20.57 8.28 -0.49
N VAL E 97 -21.84 8.07 -0.11
CA VAL E 97 -22.25 6.91 0.68
C VAL E 97 -21.93 5.61 -0.05
N THR E 98 -22.19 5.59 -1.35
CA THR E 98 -21.90 4.41 -2.18
C THR E 98 -20.40 4.06 -2.17
N GLN E 99 -19.54 5.05 -2.47
CA GLN E 99 -18.08 4.86 -2.56
C GLN E 99 -17.42 4.54 -1.22
N GLY E 100 -17.95 5.12 -0.15
CA GLY E 100 -17.37 4.96 1.18
C GLY E 100 -17.55 3.55 1.74
N LEU E 101 -18.81 3.12 1.84
CA LEU E 101 -19.15 1.82 2.40
C LEU E 101 -18.56 0.66 1.60
N THR E 102 -18.50 0.83 0.28
CA THR E 102 -17.85 -0.12 -0.62
C THR E 102 -16.34 -0.23 -0.31
N ARG E 103 -15.70 0.89 -0.03
CA ARG E 103 -14.28 0.89 0.29
C ARG E 103 -13.99 0.43 1.73
N VAL E 104 -14.96 0.63 2.62
CA VAL E 104 -14.79 0.21 4.01
C VAL E 104 -14.94 -1.30 4.17
N SER E 105 -15.87 -1.88 3.40
CA SER E 105 -16.12 -3.32 3.45
C SER E 105 -14.93 -4.13 2.95
N LEU E 106 -14.23 -3.59 1.96
CA LEU E 106 -13.14 -4.30 1.28
C LEU E 106 -11.76 -4.13 1.93
N ASP E 107 -11.57 -3.01 2.62
CA ASP E 107 -10.34 -2.78 3.39
C ASP E 107 -10.28 -3.66 4.64
N SER E 108 -11.43 -3.83 5.31
CA SER E 108 -11.50 -4.56 6.57
C SER E 108 -12.07 -5.98 6.45
N SER E 109 -12.37 -6.40 5.23
CA SER E 109 -13.00 -7.71 4.96
C SER E 109 -14.20 -7.99 5.87
N THR E 110 -15.04 -6.97 6.04
CA THR E 110 -16.21 -7.03 6.91
C THR E 110 -17.45 -6.61 6.12
N PRO E 111 -18.55 -7.38 6.21
CA PRO E 111 -19.77 -6.91 5.56
C PRO E 111 -20.28 -5.63 6.20
N ILE E 112 -20.57 -4.62 5.36
CA ILE E 112 -21.18 -3.37 5.82
C ILE E 112 -22.52 -3.23 5.10
N ALA E 113 -23.60 -3.54 5.81
CA ALA E 113 -24.95 -3.51 5.22
C ALA E 113 -25.45 -2.09 4.91
N ASN E 114 -25.97 -1.90 3.71
CA ASN E 114 -26.44 -0.61 3.22
C ASN E 114 -27.94 -0.40 3.46
N GLY E 115 -28.28 0.14 4.62
CA GLY E 115 -29.67 0.41 4.98
C GLY E 115 -30.05 1.88 4.90
N VAL E 116 -29.33 2.64 4.07
CA VAL E 116 -29.66 4.06 3.86
C VAL E 116 -30.73 4.17 2.78
N LEU E 117 -31.85 4.79 3.14
CA LEU E 117 -32.98 4.95 2.23
C LEU E 117 -32.77 6.13 1.30
N THR E 118 -33.09 5.92 0.02
CA THR E 118 -32.99 6.98 -0.99
C THR E 118 -34.29 7.03 -1.78
N THR E 119 -35.08 8.07 -1.53
CA THR E 119 -36.40 8.22 -2.13
C THR E 119 -36.58 9.58 -2.82
N ASN E 120 -37.65 9.71 -3.60
CA ASN E 120 -38.00 10.97 -4.26
C ASN E 120 -38.86 11.87 -3.37
N THR E 121 -39.96 11.32 -2.85
CA THR E 121 -40.82 12.03 -1.91
C THR E 121 -40.70 11.46 -0.49
N GLU E 122 -41.17 12.22 0.50
CA GLU E 122 -41.05 11.84 1.91
C GLU E 122 -42.00 10.69 2.28
N GLU E 123 -43.14 10.62 1.59
CA GLU E 123 -44.13 9.57 1.82
C GLU E 123 -43.56 8.19 1.48
N GLN E 124 -42.68 8.15 0.47
CA GLN E 124 -41.98 6.93 0.07
C GLN E 124 -41.07 6.42 1.18
N ALA E 125 -40.29 7.34 1.76
CA ALA E 125 -39.33 7.02 2.82
C ALA E 125 -39.99 6.55 4.12
N LEU E 126 -41.21 7.04 4.37
CA LEU E 126 -42.02 6.59 5.51
C LEU E 126 -42.54 5.17 5.27
N ASP E 127 -42.95 4.89 4.03
CA ASP E 127 -43.55 3.62 3.64
C ASP E 127 -42.56 2.45 3.68
N ARG E 128 -41.26 2.76 3.72
CA ARG E 128 -40.20 1.75 3.74
C ARG E 128 -39.49 1.70 5.09
N ALA E 129 -40.04 2.37 6.10
CA ALA E 129 -39.40 2.50 7.42
C ALA E 129 -39.81 1.44 8.44
N GLY E 130 -40.94 0.79 8.21
CA GLY E 130 -41.46 -0.22 9.14
C GLY E 130 -42.39 0.34 10.20
N LEU E 131 -43.16 1.36 9.83
CA LEU E 131 -44.15 1.98 10.70
C LEU E 131 -45.46 1.18 10.65
N PRO E 132 -46.33 1.31 11.69
CA PRO E 132 -47.59 0.59 11.84
C PRO E 132 -48.32 0.20 10.54
N THR E 133 -48.44 1.12 9.59
CA THR E 133 -49.15 0.84 8.34
C THR E 133 -48.30 0.99 7.07
N SER E 134 -46.99 0.83 7.22
CA SER E 134 -46.07 0.88 6.08
C SER E 134 -45.99 -0.47 5.36
N ALA E 135 -45.49 -0.44 4.13
CA ALA E 135 -45.42 -1.63 3.28
C ALA E 135 -44.39 -2.65 3.74
N GLU E 136 -43.14 -2.21 3.93
CA GLU E 136 -42.06 -3.07 4.42
C GLU E 136 -41.00 -2.29 5.22
N ASP E 137 -40.09 -3.02 5.86
CA ASP E 137 -39.08 -2.41 6.72
C ASP E 137 -37.67 -2.76 6.28
N LYS E 138 -36.98 -1.77 5.70
CA LYS E 138 -35.62 -1.96 5.17
C LYS E 138 -34.57 -1.99 6.28
N GLY E 139 -34.91 -1.45 7.45
CA GLY E 139 -34.04 -1.47 8.63
C GLY E 139 -33.82 -2.88 9.15
N ALA E 140 -34.88 -3.69 9.13
CA ALA E 140 -34.81 -5.09 9.51
C ALA E 140 -34.12 -5.93 8.43
N GLN E 141 -34.40 -5.62 7.17
CA GLN E 141 -33.79 -6.31 6.03
C GLN E 141 -32.27 -6.17 6.03
N ALA E 142 -31.79 -4.96 6.30
CA ALA E 142 -30.36 -4.67 6.29
C ALA E 142 -29.60 -5.41 7.38
N THR E 143 -30.25 -5.64 8.52
CA THR E 143 -29.63 -6.34 9.64
C THR E 143 -29.52 -7.85 9.36
N VAL E 144 -30.59 -8.43 8.81
CA VAL E 144 -30.59 -9.82 8.36
C VAL E 144 -29.48 -10.04 7.32
N ALA E 145 -29.27 -9.03 6.47
CA ALA E 145 -28.22 -9.04 5.45
C ALA E 145 -26.83 -9.11 6.07
N ALA E 146 -26.61 -8.34 7.13
CA ALA E 146 -25.31 -8.29 7.80
C ALA E 146 -25.04 -9.56 8.61
N LEU E 147 -26.04 -10.01 9.38
CA LEU E 147 -25.89 -11.19 10.22
C LEU E 147 -25.62 -12.46 9.44
N ALA E 148 -26.38 -12.66 8.36
CA ALA E 148 -26.24 -13.84 7.49
C ALA E 148 -24.88 -13.88 6.77
N THR E 149 -24.43 -12.73 6.28
CA THR E 149 -23.14 -12.62 5.60
C THR E 149 -21.97 -12.85 6.56
N ALA E 150 -22.11 -12.34 7.79
CA ALA E 150 -21.15 -12.61 8.86
C ALA E 150 -21.08 -14.11 9.17
N LEU E 151 -22.24 -14.75 9.28
CA LEU E 151 -22.33 -16.19 9.51
C LEU E 151 -21.80 -17.01 8.33
N THR E 152 -21.88 -16.45 7.13
CA THR E 152 -21.34 -17.09 5.93
C THR E 152 -19.81 -17.04 5.93
N LEU E 153 -19.26 -15.87 6.24
CA LEU E 153 -17.81 -15.70 6.29
C LEU E 153 -17.16 -16.53 7.39
N ARG E 154 -17.91 -16.79 8.45
CA ARG E 154 -17.48 -17.64 9.56
C ARG E 154 -17.26 -19.09 9.14
N GLU E 155 -18.21 -19.64 8.39
CA GLU E 155 -18.14 -21.03 7.91
C GLU E 155 -17.07 -21.24 6.83
N LEU E 156 -16.81 -20.19 6.05
CA LEU E 156 -15.79 -20.25 5.00
C LEU E 156 -14.37 -20.16 5.57
N ARG E 157 -14.20 -19.33 6.59
CA ARG E 157 -12.88 -19.04 7.16
C ARG E 157 -12.30 -20.18 8.04
N ALA E 158 -11.15 -19.90 8.65
CA ALA E 158 -10.34 -20.93 9.33
C ALA E 158 -10.93 -21.47 10.64
N HIS E 159 -11.18 -22.78 10.64
CA HIS E 159 -11.61 -23.56 11.81
C HIS E 159 -11.72 -25.02 11.38
N SER E 160 -11.53 -26.01 12.25
CA SER E 160 -11.01 -25.91 13.56
C SER E 160 -10.07 -27.10 13.62
N ASP F 14 27.30 25.32 -9.01
CA ASP F 14 26.68 26.30 -8.06
C ASP F 14 25.62 25.68 -7.14
N ALA F 15 25.23 24.43 -7.43
CA ALA F 15 24.21 23.66 -6.69
C ALA F 15 23.14 24.51 -5.99
N SER F 16 22.85 25.67 -6.57
CA SER F 16 22.01 26.69 -5.94
C SER F 16 20.55 26.29 -5.85
N GLY F 17 20.05 25.58 -6.85
CA GLY F 17 18.65 25.20 -6.92
C GLY F 17 18.24 24.04 -6.04
N VAL F 18 19.19 23.49 -5.29
CA VAL F 18 18.95 22.31 -4.45
C VAL F 18 18.41 22.70 -3.08
N ARG F 19 17.34 22.04 -2.65
CA ARG F 19 16.73 22.28 -1.35
C ARG F 19 17.25 21.28 -0.32
N LEU F 20 18.10 21.76 0.59
CA LEU F 20 18.80 20.91 1.56
C LEU F 20 18.29 21.10 3.00
N ALA F 21 18.09 19.99 3.69
CA ALA F 21 17.66 19.99 5.10
C ALA F 21 18.61 19.15 5.95
N ILE F 22 18.83 19.59 7.19
CA ILE F 22 19.76 18.91 8.10
C ILE F 22 19.09 18.63 9.44
N VAL F 23 19.12 17.37 9.88
CA VAL F 23 18.65 17.00 11.22
C VAL F 23 19.77 16.36 12.06
N ALA F 24 20.03 16.97 13.22
CA ALA F 24 21.12 16.54 14.11
C ALA F 24 20.65 16.33 15.55
N SER F 25 21.03 15.19 16.13
CA SER F 25 20.68 14.88 17.52
C SER F 25 21.60 15.57 18.53
N SER F 26 21.24 15.50 19.81
CA SER F 26 21.89 16.29 20.86
C SER F 26 22.76 15.49 21.83
N TRP F 27 22.41 14.21 22.02
CA TRP F 27 23.19 13.29 22.86
C TRP F 27 24.67 13.38 22.50
N HIS F 28 25.52 13.64 23.49
CA HIS F 28 26.94 13.98 23.25
C HIS F 28 27.07 15.32 22.52
N GLY F 29 26.52 16.36 23.13
CA GLY F 29 26.40 17.70 22.54
C GLY F 29 27.57 18.28 21.75
N LYS F 30 28.75 18.27 22.37
CA LYS F 30 29.95 18.90 21.78
C LYS F 30 30.32 18.32 20.42
N ILE F 31 30.32 17.00 20.31
CA ILE F 31 30.66 16.31 19.06
C ILE F 31 29.62 16.56 17.97
N CYS F 32 28.37 16.76 18.37
CA CYS F 32 27.27 17.04 17.44
C CYS F 32 27.34 18.44 16.85
N ASP F 33 27.83 19.39 17.64
CA ASP F 33 27.99 20.78 17.21
C ASP F 33 29.06 20.91 16.12
N ALA F 34 30.10 20.08 16.22
CA ALA F 34 31.16 20.04 15.21
C ALA F 34 30.70 19.39 13.91
N LEU F 35 29.88 18.34 14.03
CA LEU F 35 29.29 17.66 12.87
C LEU F 35 28.34 18.58 12.10
N LEU F 36 27.56 19.38 12.84
CA LEU F 36 26.67 20.37 12.23
C LEU F 36 27.48 21.50 11.58
N ASP F 37 28.60 21.85 12.19
CA ASP F 37 29.47 22.93 11.68
C ASP F 37 30.15 22.56 10.37
N GLY F 38 30.61 21.30 10.27
CA GLY F 38 31.21 20.78 9.05
C GLY F 38 30.20 20.71 7.91
N ALA F 39 28.96 20.36 8.25
CA ALA F 39 27.87 20.28 7.27
C ALA F 39 27.48 21.67 6.76
N ARG F 40 27.31 22.61 7.68
CA ARG F 40 26.92 23.98 7.35
C ARG F 40 27.93 24.68 6.45
N LYS F 41 29.21 24.41 6.68
CA LYS F 41 30.28 25.04 5.90
C LYS F 41 30.34 24.56 4.45
N VAL F 42 30.04 23.28 4.23
CA VAL F 42 30.01 22.69 2.89
C VAL F 42 28.83 23.25 2.09
N ALA F 43 27.71 23.46 2.77
CA ALA F 43 26.52 24.06 2.15
C ALA F 43 26.81 25.44 1.62
N ALA F 44 27.47 26.26 2.45
CA ALA F 44 27.79 27.65 2.10
C ALA F 44 28.75 27.76 0.93
N GLY F 45 29.68 26.81 0.83
CA GLY F 45 30.64 26.74 -0.27
C GLY F 45 30.02 26.26 -1.57
N CYS F 46 28.81 25.69 -1.50
CA CYS F 46 28.09 25.22 -2.67
C CYS F 46 26.87 26.10 -3.01
N GLY F 47 26.86 27.32 -2.47
CA GLY F 47 25.81 28.29 -2.77
C GLY F 47 24.48 28.11 -2.05
N LEU F 48 24.53 27.57 -0.82
CA LEU F 48 23.34 27.39 -0.01
C LEU F 48 23.49 28.08 1.35
N ASP F 49 23.03 29.32 1.42
CA ASP F 49 23.20 30.18 2.59
C ASP F 49 22.37 29.74 3.80
N ASP F 50 21.14 29.29 3.56
CA ASP F 50 20.23 28.91 4.65
C ASP F 50 19.53 27.59 4.35
N PRO F 51 20.14 26.46 4.73
CA PRO F 51 19.42 25.18 4.74
C PRO F 51 18.57 25.01 6.02
N THR F 52 17.56 24.15 5.94
CA THR F 52 16.66 23.87 7.07
C THR F 52 17.37 23.02 8.12
N VAL F 53 17.56 23.57 9.31
CA VAL F 53 18.25 22.87 10.40
C VAL F 53 17.28 22.58 11.56
N VAL F 54 17.17 21.31 11.91
CA VAL F 54 16.26 20.84 12.97
C VAL F 54 17.02 19.97 13.97
N ARG F 55 16.76 20.18 15.26
CA ARG F 55 17.45 19.43 16.32
C ARG F 55 16.55 18.44 17.04
N VAL F 56 17.08 17.23 17.30
CA VAL F 56 16.42 16.22 18.13
C VAL F 56 17.29 15.84 19.33
N LEU F 57 16.75 15.04 20.23
CA LEU F 57 17.48 14.61 21.42
C LEU F 57 18.34 13.37 21.15
N GLY F 58 17.72 12.34 20.59
CA GLY F 58 18.42 11.08 20.33
C GLY F 58 18.37 10.65 18.88
N ALA F 59 19.22 9.68 18.54
CA ALA F 59 19.31 9.16 17.17
C ALA F 59 18.11 8.31 16.76
N ILE F 60 17.36 7.78 17.73
CA ILE F 60 16.13 7.03 17.45
C ILE F 60 15.03 7.95 16.93
N GLU F 61 15.11 9.23 17.30
CA GLU F 61 14.11 10.21 16.88
C GLU F 61 14.38 10.85 15.51
N ILE F 62 15.51 10.52 14.89
CA ILE F 62 15.90 11.11 13.59
C ILE F 62 14.98 10.71 12.42
N PRO F 63 14.77 9.39 12.19
CA PRO F 63 14.03 8.96 11.00
C PRO F 63 12.65 9.60 10.85
N VAL F 64 11.88 9.65 11.94
CA VAL F 64 10.53 10.21 11.91
C VAL F 64 10.50 11.71 11.56
N VAL F 65 11.60 12.41 11.83
CA VAL F 65 11.74 13.84 11.49
C VAL F 65 12.21 14.01 10.03
N ALA F 66 13.09 13.12 9.59
CA ALA F 66 13.55 13.08 8.21
C ALA F 66 12.42 12.71 7.23
N GLN F 67 11.44 11.96 7.73
CA GLN F 67 10.24 11.60 6.97
C GLN F 67 9.39 12.83 6.66
N GLU F 68 9.30 13.74 7.61
CA GLU F 68 8.56 14.99 7.43
C GLU F 68 9.34 15.97 6.55
N LEU F 69 10.66 16.01 6.71
CA LEU F 69 11.53 16.94 5.98
C LEU F 69 11.71 16.58 4.50
N ALA F 70 11.41 15.33 4.13
CA ALA F 70 11.54 14.88 2.75
C ALA F 70 10.39 15.33 1.86
N ARG F 71 9.32 15.85 2.47
CA ARG F 71 8.13 16.23 1.72
C ARG F 71 8.29 17.56 0.95
N ASN F 72 9.25 18.39 1.37
CA ASN F 72 9.61 19.57 0.57
C ASN F 72 11.11 19.91 0.54
N HIS F 73 11.93 18.87 0.41
CA HIS F 73 13.38 19.03 0.25
C HIS F 73 13.93 18.02 -0.74
N ASP F 74 15.06 18.37 -1.37
CA ASP F 74 15.73 17.51 -2.35
C ASP F 74 16.74 16.56 -1.70
N ALA F 75 17.23 16.92 -0.51
CA ALA F 75 18.25 16.15 0.20
C ALA F 75 18.18 16.37 1.71
N VAL F 76 18.35 15.29 2.47
CA VAL F 76 18.41 15.36 3.94
C VAL F 76 19.73 14.79 4.48
N VAL F 77 20.34 15.52 5.42
CA VAL F 77 21.55 15.07 6.12
C VAL F 77 21.24 14.75 7.59
N ALA F 78 21.44 13.49 7.98
CA ALA F 78 21.26 13.06 9.37
C ALA F 78 22.59 13.03 10.11
N LEU F 79 22.64 13.68 11.27
CA LEU F 79 23.89 13.81 12.04
C LEU F 79 23.73 13.36 13.50
N GLY F 80 24.72 12.67 14.03
CA GLY F 80 24.69 12.21 15.41
C GLY F 80 25.91 11.45 15.88
N VAL F 81 25.91 11.09 17.16
CA VAL F 81 27.02 10.35 17.78
C VAL F 81 26.46 9.24 18.66
N VAL F 82 26.87 8.01 18.39
CA VAL F 82 26.53 6.87 19.24
C VAL F 82 27.81 6.18 19.75
N ILE F 83 27.98 6.15 21.07
CA ILE F 83 29.18 5.57 21.70
C ILE F 83 28.84 4.31 22.49
N ARG F 84 29.71 3.31 22.42
CA ARG F 84 29.50 2.05 23.14
C ARG F 84 29.66 2.20 24.65
N GLY F 85 28.72 1.61 25.40
CA GLY F 85 28.81 1.57 26.85
C GLY F 85 29.15 0.17 27.33
N GLN F 86 28.44 -0.27 28.37
CA GLN F 86 28.73 -1.56 29.01
C GLN F 86 27.67 -2.62 28.71
N THR F 87 26.56 -2.21 28.11
CA THR F 87 25.44 -3.10 27.77
C THR F 87 25.26 -3.18 26.25
N PRO F 88 24.51 -4.20 25.76
CA PRO F 88 24.24 -4.37 24.33
C PRO F 88 23.42 -3.23 23.71
N HIS F 89 23.03 -2.27 24.54
CA HIS F 89 22.22 -1.11 24.15
C HIS F 89 22.73 -0.40 22.89
N PHE F 90 24.05 -0.39 22.71
CA PHE F 90 24.70 0.17 21.55
C PHE F 90 24.12 -0.41 20.25
N ASP F 91 24.06 -1.75 20.17
CA ASP F 91 23.65 -2.47 18.97
C ASP F 91 22.25 -2.06 18.47
N TYR F 92 21.33 -1.89 19.40
CA TYR F 92 19.92 -1.67 19.07
C TYR F 92 19.59 -0.23 18.73
N VAL F 93 20.40 0.69 19.24
CA VAL F 93 20.30 2.11 18.91
C VAL F 93 20.70 2.33 17.45
N CYS F 94 21.80 1.69 17.06
CA CYS F 94 22.35 1.78 15.69
C CYS F 94 21.50 1.04 14.65
N ASP F 95 20.94 -0.11 15.05
CA ASP F 95 20.04 -0.90 14.19
C ASP F 95 18.80 -0.14 13.74
N ALA F 96 18.20 0.60 14.68
CA ALA F 96 17.04 1.44 14.40
C ALA F 96 17.37 2.54 13.39
N VAL F 97 18.55 3.15 13.54
CA VAL F 97 19.02 4.19 12.64
C VAL F 97 19.15 3.65 11.21
N THR F 98 19.78 2.48 11.08
CA THR F 98 19.93 1.80 9.79
C THR F 98 18.56 1.61 9.11
N GLN F 99 17.68 0.83 9.74
CA GLN F 99 16.35 0.53 9.20
C GLN F 99 15.53 1.80 8.90
N GLY F 100 15.57 2.75 9.82
CA GLY F 100 14.78 3.98 9.69
C GLY F 100 15.19 4.86 8.52
N LEU F 101 16.49 5.13 8.40
CA LEU F 101 17.00 6.06 7.38
C LEU F 101 16.87 5.52 5.97
N THR F 102 17.12 4.22 5.81
CA THR F 102 17.03 3.56 4.52
C THR F 102 15.57 3.49 4.03
N ARG F 103 14.63 3.23 4.96
CA ARG F 103 13.21 3.17 4.60
C ARG F 103 12.69 4.52 4.11
N VAL F 104 13.06 5.58 4.81
CA VAL F 104 12.68 6.94 4.47
C VAL F 104 13.14 7.30 3.06
N SER F 105 14.39 6.96 2.73
CA SER F 105 14.99 7.30 1.43
C SER F 105 14.26 6.69 0.23
N LEU F 106 13.79 5.45 0.38
CA LEU F 106 13.11 4.76 -0.71
C LEU F 106 11.62 5.10 -0.80
N ASP F 107 11.00 5.34 0.36
CA ASP F 107 9.59 5.77 0.44
C ASP F 107 9.35 7.11 -0.26
N SER F 108 10.33 8.00 -0.22
CA SER F 108 10.17 9.35 -0.71
C SER F 108 11.08 9.68 -1.89
N SER F 109 11.85 8.68 -2.35
CA SER F 109 12.80 8.87 -3.46
C SER F 109 13.68 10.09 -3.23
N THR F 110 14.19 10.21 -2.00
CA THR F 110 15.04 11.33 -1.60
C THR F 110 16.31 10.78 -0.93
N PRO F 111 17.49 11.27 -1.35
CA PRO F 111 18.75 10.92 -0.68
C PRO F 111 18.77 11.33 0.80
N ILE F 112 18.82 10.33 1.69
CA ILE F 112 19.06 10.60 3.10
C ILE F 112 20.48 10.14 3.44
N ALA F 113 21.34 11.11 3.74
CA ALA F 113 22.74 10.83 4.07
C ALA F 113 22.94 10.48 5.55
N ASN F 114 23.74 9.45 5.78
CA ASN F 114 24.02 8.99 7.15
C ASN F 114 25.35 9.54 7.67
N GLY F 115 25.26 10.51 8.58
CA GLY F 115 26.42 11.08 9.23
C GLY F 115 26.42 10.84 10.73
N VAL F 116 25.99 9.65 11.13
CA VAL F 116 25.91 9.28 12.55
C VAL F 116 27.12 8.41 12.92
N LEU F 117 27.90 8.89 13.88
CA LEU F 117 29.15 8.24 14.30
C LEU F 117 28.91 7.04 15.22
N THR F 118 29.60 5.93 14.94
CA THR F 118 29.46 4.70 15.72
C THR F 118 30.83 4.21 16.19
N THR F 119 31.29 4.78 17.30
CA THR F 119 32.65 4.52 17.79
C THR F 119 32.66 3.77 19.12
N ASN F 120 33.76 3.05 19.38
CA ASN F 120 33.93 2.36 20.64
C ASN F 120 34.14 3.34 21.79
N THR F 121 35.04 4.30 21.58
CA THR F 121 35.38 5.28 22.61
C THR F 121 35.02 6.70 22.19
N GLU F 122 35.00 7.60 23.18
CA GLU F 122 34.74 9.02 22.97
C GLU F 122 35.91 9.69 22.26
N GLU F 123 37.06 9.01 22.31
CA GLU F 123 38.31 9.50 21.74
C GLU F 123 38.29 9.37 20.21
N GLN F 124 37.67 8.31 19.72
CA GLN F 124 37.55 8.05 18.29
C GLN F 124 36.49 8.93 17.63
N ALA F 125 35.46 9.27 18.41
CA ALA F 125 34.35 10.12 17.93
C ALA F 125 34.80 11.56 17.68
N LEU F 126 35.66 12.08 18.56
CA LEU F 126 36.21 13.43 18.41
C LEU F 126 37.12 13.54 17.20
N ASP F 127 37.76 12.43 16.85
CA ASP F 127 38.70 12.36 15.73
C ASP F 127 37.98 12.38 14.37
N ARG F 128 36.66 12.25 14.40
CA ARG F 128 35.86 12.12 13.17
C ARG F 128 34.83 13.23 12.98
N ALA F 129 34.89 14.28 13.81
CA ALA F 129 33.91 15.37 13.78
C ALA F 129 34.42 16.66 13.15
N GLY F 130 35.73 16.74 12.91
CA GLY F 130 36.31 17.92 12.27
C GLY F 130 36.70 19.04 13.23
N LEU F 131 37.23 18.66 14.39
CA LEU F 131 37.80 19.60 15.35
C LEU F 131 39.23 19.96 14.89
N PRO F 132 39.79 21.06 15.45
CA PRO F 132 41.16 21.49 15.13
C PRO F 132 42.15 20.35 14.82
N THR F 133 42.23 19.37 15.73
CA THR F 133 43.22 18.30 15.63
C THR F 133 42.65 16.95 15.13
N SER F 134 41.44 16.96 14.59
CA SER F 134 40.83 15.75 14.06
C SER F 134 41.45 15.33 12.73
N ALA F 135 41.40 14.03 12.44
CA ALA F 135 41.92 13.48 11.18
C ALA F 135 40.98 13.73 10.00
N GLU F 136 39.67 13.62 10.24
CA GLU F 136 38.66 13.90 9.21
C GLU F 136 37.31 14.36 9.78
N ASP F 137 36.38 14.71 8.89
CA ASP F 137 35.08 15.25 9.28
C ASP F 137 33.94 14.56 8.54
N LYS F 138 33.26 13.66 9.23
CA LYS F 138 32.17 12.87 8.64
C LYS F 138 30.97 13.74 8.25
N GLY F 139 30.74 14.80 9.04
CA GLY F 139 29.65 15.74 8.80
C GLY F 139 29.80 16.48 7.47
N ALA F 140 31.05 16.80 7.12
CA ALA F 140 31.36 17.43 5.84
C ALA F 140 31.25 16.43 4.69
N GLN F 141 31.64 15.18 4.96
CA GLN F 141 31.56 14.11 3.97
C GLN F 141 30.11 13.77 3.61
N ALA F 142 29.27 13.65 4.64
CA ALA F 142 27.86 13.30 4.46
C ALA F 142 27.09 14.31 3.61
N THR F 143 27.39 15.60 3.81
CA THR F 143 26.72 16.68 3.07
C THR F 143 27.07 16.64 1.58
N VAL F 144 28.36 16.51 1.27
CA VAL F 144 28.83 16.33 -0.10
C VAL F 144 28.09 15.18 -0.78
N ALA F 145 27.80 14.13 -0.01
CA ALA F 145 27.06 12.97 -0.51
C ALA F 145 25.63 13.33 -0.87
N ALA F 146 24.96 14.08 0.01
CA ALA F 146 23.57 14.47 -0.18
C ALA F 146 23.37 15.40 -1.38
N LEU F 147 24.24 16.39 -1.50
CA LEU F 147 24.14 17.38 -2.58
C LEU F 147 24.43 16.81 -3.97
N ALA F 148 25.43 15.94 -4.06
CA ALA F 148 25.78 15.30 -5.33
C ALA F 148 24.69 14.35 -5.83
N THR F 149 24.16 13.53 -4.93
CA THR F 149 23.09 12.58 -5.28
C THR F 149 21.81 13.31 -5.71
N ALA F 150 21.60 14.50 -5.16
CA ALA F 150 20.46 15.34 -5.53
C ALA F 150 20.57 15.89 -6.96
N LEU F 151 21.79 16.27 -7.36
CA LEU F 151 22.05 16.77 -8.70
C LEU F 151 22.05 15.66 -9.75
N THR F 152 22.45 14.46 -9.33
CA THR F 152 22.40 13.27 -10.17
C THR F 152 20.97 12.88 -10.51
N LEU F 153 20.11 12.87 -9.50
CA LEU F 153 18.68 12.58 -9.69
C LEU F 153 17.99 13.66 -10.52
N ARG F 154 18.38 14.92 -10.29
CA ARG F 154 17.91 16.05 -11.10
C ARG F 154 18.24 15.84 -12.58
N GLU F 155 19.43 15.33 -12.85
CA GLU F 155 19.91 15.08 -14.20
C GLU F 155 19.20 13.90 -14.86
N LEU F 156 18.87 12.89 -14.08
CA LEU F 156 18.23 11.67 -14.62
C LEU F 156 16.75 11.87 -14.94
N ARG F 157 16.06 12.63 -14.10
CA ARG F 157 14.59 12.78 -14.18
C ARG F 157 14.10 13.65 -15.33
N ALA F 158 12.79 13.93 -15.34
CA ALA F 158 12.11 14.57 -16.46
C ALA F 158 12.38 16.07 -16.58
N HIS F 159 12.99 16.45 -17.70
CA HIS F 159 13.18 17.86 -18.06
C HIS F 159 13.26 17.99 -19.58
N SER F 160 12.67 19.06 -20.09
CA SER F 160 12.59 19.28 -21.52
C SER F 160 13.88 19.86 -22.04
N ASP G 14 7.07 23.87 26.72
CA ASP G 14 5.65 23.83 27.23
C ASP G 14 4.82 22.78 26.48
N ALA G 15 4.64 21.62 27.11
CA ALA G 15 4.00 20.50 26.44
C ALA G 15 2.60 20.18 26.97
N SER G 16 1.84 21.22 27.30
CA SER G 16 0.51 21.04 27.90
C SER G 16 -0.57 20.58 26.91
N GLY G 17 -0.35 20.83 25.61
CA GLY G 17 -1.35 20.49 24.60
C GLY G 17 -1.15 19.15 23.90
N VAL G 18 -0.11 18.41 24.27
CA VAL G 18 0.19 17.13 23.61
C VAL G 18 -0.47 15.93 24.30
N ARG G 19 -0.80 14.92 23.51
CA ARG G 19 -1.52 13.76 24.00
C ARG G 19 -0.59 12.56 24.10
N LEU G 20 -0.21 12.24 25.34
CA LEU G 20 0.76 11.19 25.61
C LEU G 20 0.11 9.90 26.09
N ALA G 21 0.57 8.79 25.53
CA ALA G 21 0.19 7.45 26.00
C ALA G 21 1.44 6.66 26.35
N ILE G 22 1.33 5.82 27.38
CA ILE G 22 2.46 5.02 27.86
C ILE G 22 2.06 3.54 27.91
N VAL G 23 2.90 2.68 27.34
CA VAL G 23 2.69 1.23 27.41
C VAL G 23 3.88 0.51 28.03
N ALA G 24 3.66 -0.06 29.22
CA ALA G 24 4.73 -0.69 30.00
C ALA G 24 4.49 -2.18 30.22
N SER G 25 5.55 -2.98 30.05
CA SER G 25 5.45 -4.42 30.26
C SER G 25 5.53 -4.77 31.76
N SER G 26 5.31 -6.05 32.10
CA SER G 26 5.23 -6.47 33.50
C SER G 26 6.29 -7.48 33.94
N TRP G 27 6.98 -8.08 32.97
CA TRP G 27 8.10 -8.96 33.22
C TRP G 27 9.15 -8.16 33.97
N HIS G 28 9.70 -8.71 35.05
CA HIS G 28 10.57 -7.96 35.98
C HIS G 28 9.78 -6.80 36.59
N GLY G 29 8.87 -7.13 37.51
CA GLY G 29 7.88 -6.20 38.06
C GLY G 29 8.38 -4.90 38.66
N LYS G 30 9.35 -4.99 39.57
CA LYS G 30 9.87 -3.82 40.29
C LYS G 30 10.48 -2.76 39.36
N ILE G 31 11.39 -3.20 38.49
CA ILE G 31 12.10 -2.30 37.57
C ILE G 31 11.12 -1.57 36.63
N CYS G 32 10.08 -2.27 36.19
CA CYS G 32 9.01 -1.68 35.36
C CYS G 32 8.25 -0.59 36.10
N ASP G 33 8.02 -0.79 37.39
CA ASP G 33 7.34 0.18 38.23
C ASP G 33 8.17 1.45 38.41
N ALA G 34 9.50 1.29 38.43
CA ALA G 34 10.42 2.42 38.52
C ALA G 34 10.45 3.23 37.22
N LEU G 35 10.41 2.54 36.09
CA LEU G 35 10.42 3.18 34.78
C LEU G 35 9.13 3.97 34.53
N LEU G 36 8.00 3.39 34.95
CA LEU G 36 6.70 4.05 34.84
C LEU G 36 6.60 5.25 35.78
N ASP G 37 7.30 5.14 36.91
CA ASP G 37 7.34 6.20 37.92
C ASP G 37 8.09 7.43 37.43
N GLY G 38 9.22 7.21 36.76
CA GLY G 38 10.03 8.29 36.17
C GLY G 38 9.39 8.90 34.94
N ALA G 39 8.59 8.11 34.23
CA ALA G 39 7.88 8.58 33.03
C ALA G 39 6.75 9.53 33.43
N ARG G 40 5.93 9.11 34.39
CA ARG G 40 4.77 9.87 34.83
C ARG G 40 5.16 11.18 35.51
N LYS G 41 6.33 11.20 36.15
CA LYS G 41 6.81 12.38 36.84
C LYS G 41 7.20 13.47 35.86
N VAL G 42 7.83 13.08 34.74
CA VAL G 42 8.21 14.02 33.68
C VAL G 42 6.97 14.58 32.98
N ALA G 43 5.98 13.71 32.76
CA ALA G 43 4.71 14.08 32.15
C ALA G 43 4.04 15.21 32.93
N ALA G 44 3.98 15.05 34.25
CA ALA G 44 3.36 16.04 35.14
C ALA G 44 4.15 17.35 35.15
N GLY G 45 5.47 17.24 35.07
CA GLY G 45 6.36 18.40 35.08
C GLY G 45 6.24 19.24 33.83
N CYS G 46 5.80 18.61 32.74
CA CYS G 46 5.62 19.30 31.46
C CYS G 46 4.13 19.64 31.21
N GLY G 47 3.30 19.48 32.24
CA GLY G 47 1.92 19.93 32.20
C GLY G 47 0.86 18.87 31.98
N LEU G 48 1.28 17.61 31.85
CA LEU G 48 0.35 16.50 31.57
C LEU G 48 0.13 15.61 32.80
N ASP G 49 -0.94 15.91 33.55
CA ASP G 49 -1.22 15.19 34.80
C ASP G 49 -1.80 13.80 34.62
N ASP G 50 -2.47 13.53 33.51
CA ASP G 50 -3.21 12.29 33.35
C ASP G 50 -3.05 11.69 31.95
N PRO G 51 -1.92 11.02 31.69
CA PRO G 51 -1.70 10.35 30.40
C PRO G 51 -2.33 8.96 30.36
N THR G 52 -2.45 8.40 29.16
CA THR G 52 -3.03 7.07 28.96
C THR G 52 -1.99 5.98 29.26
N VAL G 53 -2.25 5.19 30.30
CA VAL G 53 -1.30 4.16 30.73
C VAL G 53 -1.90 2.77 30.56
N VAL G 54 -1.23 1.95 29.73
CA VAL G 54 -1.67 0.59 29.45
C VAL G 54 -0.54 -0.39 29.81
N ARG G 55 -0.91 -1.53 30.40
CA ARG G 55 0.07 -2.53 30.82
C ARG G 55 -0.08 -3.84 30.07
N VAL G 56 1.05 -4.38 29.64
CA VAL G 56 1.10 -5.68 28.95
C VAL G 56 2.06 -6.62 29.67
N LEU G 57 1.96 -7.92 29.36
CA LEU G 57 2.74 -8.95 30.05
C LEU G 57 4.22 -8.96 29.66
N GLY G 58 4.51 -8.91 28.36
CA GLY G 58 5.89 -8.96 27.88
C GLY G 58 6.25 -7.87 26.88
N ALA G 59 7.53 -7.82 26.52
CA ALA G 59 8.03 -6.81 25.58
C ALA G 59 7.62 -7.07 24.12
N ILE G 60 7.35 -8.32 23.79
CA ILE G 60 6.94 -8.68 22.41
C ILE G 60 5.53 -8.18 22.06
N GLU G 61 4.68 -7.97 23.07
CA GLU G 61 3.32 -7.46 22.83
C GLU G 61 3.21 -5.92 22.86
N ILE G 62 4.34 -5.24 23.04
CA ILE G 62 4.36 -3.77 23.09
C ILE G 62 3.99 -3.09 21.75
N PRO G 63 4.58 -3.54 20.61
CA PRO G 63 4.31 -2.88 19.31
C PRO G 63 2.84 -2.90 18.88
N VAL G 64 2.15 -4.02 19.09
CA VAL G 64 0.74 -4.15 18.70
C VAL G 64 -0.17 -3.17 19.46
N VAL G 65 0.11 -2.94 20.74
CA VAL G 65 -0.67 -2.00 21.56
C VAL G 65 -0.24 -0.55 21.28
N ALA G 66 1.01 -0.35 20.88
CA ALA G 66 1.53 0.96 20.51
C ALA G 66 0.91 1.46 19.21
N GLN G 67 0.60 0.52 18.32
CA GLN G 67 -0.06 0.83 17.06
C GLN G 67 -1.50 1.28 17.28
N GLU G 68 -2.20 0.62 18.20
CA GLU G 68 -3.58 0.97 18.52
C GLU G 68 -3.68 2.34 19.19
N LEU G 69 -2.71 2.62 20.08
CA LEU G 69 -2.67 3.88 20.81
C LEU G 69 -2.26 5.07 19.93
N ALA G 70 -1.52 4.80 18.85
CA ALA G 70 -1.07 5.85 17.94
C ALA G 70 -2.20 6.51 17.14
N ARG G 71 -3.33 5.82 17.03
CA ARG G 71 -4.48 6.35 16.27
C ARG G 71 -5.21 7.49 17.00
N ASN G 72 -4.85 7.72 18.26
CA ASN G 72 -5.56 8.65 19.13
C ASN G 72 -4.64 9.56 19.96
N HIS G 73 -3.33 9.47 19.71
CA HIS G 73 -2.32 10.18 20.53
C HIS G 73 -1.25 10.86 19.68
N ASP G 74 -0.49 11.77 20.30
CA ASP G 74 0.60 12.50 19.64
C ASP G 74 1.97 11.87 19.90
N ALA G 75 2.09 11.15 21.02
CA ALA G 75 3.34 10.49 21.40
C ALA G 75 3.06 9.21 22.20
N VAL G 76 3.86 8.18 21.93
CA VAL G 76 3.76 6.91 22.67
C VAL G 76 5.11 6.54 23.28
N VAL G 77 5.12 6.27 24.58
CA VAL G 77 6.32 5.84 25.30
C VAL G 77 6.23 4.37 25.67
N ALA G 78 7.22 3.59 25.25
CA ALA G 78 7.28 2.15 25.55
C ALA G 78 8.31 1.90 26.65
N LEU G 79 7.88 1.17 27.67
CA LEU G 79 8.75 0.86 28.80
C LEU G 79 8.82 -0.64 29.08
N GLY G 80 10.01 -1.10 29.45
CA GLY G 80 10.21 -2.52 29.77
C GLY G 80 11.62 -2.90 30.16
N VAL G 81 11.77 -4.18 30.54
CA VAL G 81 13.04 -4.72 30.99
C VAL G 81 13.32 -6.03 30.25
N VAL G 82 14.51 -6.16 29.68
CA VAL G 82 14.95 -7.43 29.09
C VAL G 82 16.34 -7.79 29.61
N ILE G 83 16.40 -8.81 30.47
CA ILE G 83 17.65 -9.24 31.08
C ILE G 83 18.15 -10.52 30.41
N ARG G 84 19.45 -10.54 30.08
CA ARG G 84 20.08 -11.67 29.38
C ARG G 84 20.09 -12.94 30.21
N GLY G 85 19.63 -14.03 29.60
CA GLY G 85 19.59 -15.33 30.25
C GLY G 85 20.73 -16.24 29.84
N GLN G 86 20.43 -17.53 29.75
CA GLN G 86 21.41 -18.57 29.50
C GLN G 86 21.41 -19.01 28.03
N THR G 87 20.39 -18.60 27.30
CA THR G 87 20.21 -18.95 25.89
C THR G 87 20.13 -17.68 25.03
N PRO G 88 20.35 -17.81 23.71
CA PRO G 88 20.27 -16.67 22.77
C PRO G 88 18.91 -15.96 22.73
N HIS G 89 18.01 -16.33 23.65
CA HIS G 89 16.65 -15.79 23.72
C HIS G 89 16.61 -14.27 23.85
N PHE G 90 17.63 -13.71 24.52
CA PHE G 90 17.76 -12.26 24.71
C PHE G 90 17.75 -11.51 23.38
N ASP G 91 18.57 -11.98 22.44
CA ASP G 91 18.76 -11.33 21.14
C ASP G 91 17.49 -11.16 20.32
N TYR G 92 16.60 -12.14 20.36
CA TYR G 92 15.45 -12.17 19.45
C TYR G 92 14.22 -11.45 19.97
N VAL G 93 14.11 -11.34 21.30
CA VAL G 93 13.11 -10.48 21.94
C VAL G 93 13.46 -9.02 21.67
N CYS G 94 14.76 -8.71 21.76
CA CYS G 94 15.27 -7.38 21.50
C CYS G 94 15.16 -6.98 20.03
N ASP G 95 15.31 -7.95 19.13
CA ASP G 95 15.16 -7.71 17.69
C ASP G 95 13.72 -7.35 17.34
N ALA G 96 12.76 -8.07 17.92
CA ALA G 96 11.34 -7.88 17.67
C ALA G 96 10.85 -6.50 18.10
N VAL G 97 11.40 -6.00 19.20
CA VAL G 97 11.08 -4.66 19.72
C VAL G 97 11.65 -3.57 18.79
N THR G 98 12.88 -3.78 18.31
CA THR G 98 13.51 -2.86 17.36
C THR G 98 12.70 -2.72 16.07
N GLN G 99 12.49 -3.85 15.39
CA GLN G 99 11.74 -3.88 14.14
C GLN G 99 10.30 -3.40 14.31
N GLY G 100 9.67 -3.79 15.42
CA GLY G 100 8.27 -3.44 15.70
C GLY G 100 8.02 -1.96 15.91
N LEU G 101 8.82 -1.34 16.79
CA LEU G 101 8.64 0.06 17.15
C LEU G 101 9.02 1.02 16.03
N THR G 102 10.02 0.65 15.23
CA THR G 102 10.44 1.45 14.08
C THR G 102 9.35 1.44 12.99
N ARG G 103 8.74 0.28 12.77
CA ARG G 103 7.69 0.11 11.75
C ARG G 103 6.44 0.91 12.10
N VAL G 104 6.08 0.91 13.39
CA VAL G 104 4.89 1.63 13.87
C VAL G 104 5.07 3.15 13.73
N SER G 105 6.26 3.64 14.12
CA SER G 105 6.57 5.07 14.11
C SER G 105 6.49 5.75 12.73
N LEU G 106 6.86 5.02 11.68
CA LEU G 106 6.81 5.57 10.32
C LEU G 106 5.49 5.28 9.61
N ASP G 107 4.77 4.23 10.06
CA ASP G 107 3.42 3.93 9.58
C ASP G 107 2.41 4.98 10.02
N SER G 108 2.60 5.53 11.22
CA SER G 108 1.66 6.45 11.82
C SER G 108 2.20 7.88 11.92
N SER G 109 3.44 8.08 11.47
CA SER G 109 4.11 9.39 11.56
C SER G 109 4.07 9.96 12.98
N THR G 110 4.27 9.07 13.96
CA THR G 110 4.21 9.42 15.37
C THR G 110 5.54 9.05 16.03
N PRO G 111 6.10 9.93 16.87
CA PRO G 111 7.26 9.54 17.68
C PRO G 111 6.93 8.41 18.65
N ILE G 112 7.58 7.27 18.47
CA ILE G 112 7.49 6.17 19.42
C ILE G 112 8.85 6.05 20.11
N ALA G 113 8.87 6.35 21.41
CA ALA G 113 10.10 6.33 22.20
C ALA G 113 10.42 4.94 22.74
N ASN G 114 11.70 4.59 22.71
CA ASN G 114 12.14 3.29 23.19
C ASN G 114 12.87 3.38 24.54
N GLY G 115 12.17 2.97 25.59
CA GLY G 115 12.73 2.91 26.94
C GLY G 115 12.80 1.49 27.47
N VAL G 116 12.99 0.53 26.57
CA VAL G 116 13.14 -0.87 26.94
C VAL G 116 14.61 -1.14 27.27
N LEU G 117 14.88 -1.40 28.55
CA LEU G 117 16.24 -1.69 29.01
C LEU G 117 16.74 -3.04 28.52
N THR G 118 17.91 -3.04 27.89
CA THR G 118 18.56 -4.27 27.45
C THR G 118 19.92 -4.39 28.12
N THR G 119 20.00 -5.21 29.16
CA THR G 119 21.21 -5.33 29.98
C THR G 119 21.69 -6.77 30.13
N ASN G 120 22.89 -6.94 30.66
CA ASN G 120 23.45 -8.27 30.90
C ASN G 120 23.07 -8.85 32.26
N THR G 121 23.16 -8.02 33.31
CA THR G 121 22.82 -8.45 34.67
C THR G 121 21.66 -7.65 35.27
N GLU G 122 21.07 -8.17 36.34
CA GLU G 122 19.96 -7.53 37.04
C GLU G 122 20.40 -6.25 37.74
N GLU G 123 21.67 -6.20 38.13
CA GLU G 123 22.28 -5.03 38.78
C GLU G 123 22.35 -3.83 37.85
N GLN G 124 22.64 -4.08 36.57
CA GLN G 124 22.75 -3.03 35.57
C GLN G 124 21.39 -2.41 35.25
N ALA G 125 20.35 -3.25 35.24
CA ALA G 125 18.99 -2.80 34.93
C ALA G 125 18.43 -1.89 36.02
N LEU G 126 18.80 -2.18 37.26
CA LEU G 126 18.39 -1.36 38.40
C LEU G 126 19.10 -0.01 38.42
N ASP G 127 20.33 0.01 37.92
CA ASP G 127 21.16 1.21 37.91
C ASP G 127 20.67 2.24 36.87
N ARG G 128 19.82 1.80 35.96
CA ARG G 128 19.32 2.66 34.89
C ARG G 128 17.80 2.85 34.94
N ALA G 129 17.20 2.53 36.09
CA ALA G 129 15.74 2.58 36.25
C ALA G 129 15.24 3.84 36.94
N GLY G 130 16.03 4.42 37.84
CA GLY G 130 15.64 5.63 38.54
C GLY G 130 15.25 5.42 39.99
N LEU G 131 15.85 4.40 40.61
CA LEU G 131 15.70 4.16 42.05
C LEU G 131 16.60 5.12 42.83
N PRO G 132 16.35 5.28 44.14
CA PRO G 132 17.14 6.13 45.03
C PRO G 132 18.62 6.29 44.64
N THR G 133 19.36 5.18 44.60
CA THR G 133 20.81 5.20 44.38
C THR G 133 21.22 4.77 42.97
N SER G 134 20.38 5.06 41.99
CA SER G 134 20.65 4.71 40.59
C SER G 134 21.37 5.85 39.87
N ALA G 135 22.22 5.49 38.92
CA ALA G 135 23.03 6.45 38.16
C ALA G 135 22.23 7.26 37.13
N GLU G 136 21.12 6.69 36.66
CA GLU G 136 20.30 7.34 35.64
C GLU G 136 18.86 6.79 35.61
N ASP G 137 18.01 7.44 34.81
CA ASP G 137 16.61 7.06 34.66
C ASP G 137 16.23 7.14 33.19
N LYS G 138 16.22 5.99 32.51
CA LYS G 138 15.97 5.95 31.07
C LYS G 138 14.49 6.07 30.70
N GLY G 139 13.62 5.84 31.68
CA GLY G 139 12.17 6.04 31.52
C GLY G 139 11.83 7.51 31.46
N ALA G 140 12.54 8.32 32.25
CA ALA G 140 12.41 9.77 32.24
C ALA G 140 13.00 10.34 30.96
N GLN G 141 14.12 9.76 30.52
CA GLN G 141 14.82 10.20 29.31
C GLN G 141 13.96 9.99 28.05
N ALA G 142 13.42 8.78 27.90
CA ALA G 142 12.59 8.44 26.74
C ALA G 142 11.32 9.31 26.63
N THR G 143 10.80 9.74 27.77
CA THR G 143 9.59 10.57 27.80
C THR G 143 9.90 11.99 27.33
N VAL G 144 11.06 12.52 27.76
CA VAL G 144 11.57 13.81 27.27
C VAL G 144 11.74 13.76 25.74
N ALA G 145 12.19 12.61 25.24
CA ALA G 145 12.41 12.41 23.82
C ALA G 145 11.10 12.43 23.01
N ALA G 146 10.07 11.79 23.54
CA ALA G 146 8.76 11.74 22.89
C ALA G 146 8.11 13.11 22.79
N LEU G 147 8.08 13.84 23.91
CA LEU G 147 7.39 15.12 23.98
C LEU G 147 8.06 16.20 23.14
N ALA G 148 9.39 16.13 23.02
CA ALA G 148 10.15 17.11 22.25
C ALA G 148 10.05 16.85 20.74
N THR G 149 9.86 15.59 20.36
CA THR G 149 9.70 15.23 18.94
C THR G 149 8.25 15.46 18.48
N ALA G 150 7.33 15.52 19.44
CA ALA G 150 5.92 15.83 19.15
C ALA G 150 5.72 17.33 18.90
N LEU G 151 6.45 18.15 19.64
CA LEU G 151 6.38 19.61 19.51
C LEU G 151 7.06 20.12 18.24
N THR G 152 8.12 19.42 17.84
CA THR G 152 8.86 19.76 16.63
C THR G 152 8.04 19.45 15.38
N LEU G 153 7.43 18.27 15.34
CA LEU G 153 6.55 17.87 14.23
C LEU G 153 5.32 18.78 14.13
N ARG G 154 4.81 19.21 15.29
CA ARG G 154 3.71 20.16 15.38
C ARG G 154 4.12 21.51 14.79
N GLU G 155 5.38 21.87 14.99
CA GLU G 155 5.92 23.13 14.50
C GLU G 155 6.21 23.07 12.99
N LEU G 156 6.62 21.91 12.51
CA LEU G 156 6.93 21.74 11.09
C LEU G 156 5.66 21.59 10.24
N ARG G 157 4.63 20.97 10.81
CA ARG G 157 3.39 20.68 10.07
C ARG G 157 2.51 21.92 9.81
N ALA G 158 1.39 21.71 9.13
CA ALA G 158 0.52 22.80 8.67
C ALA G 158 -0.25 23.52 9.78
N HIS G 159 0.02 24.82 9.89
CA HIS G 159 -0.73 25.72 10.75
C HIS G 159 -0.69 27.12 10.16
N SER G 160 -1.80 27.84 10.26
CA SER G 160 -1.94 29.15 9.66
C SER G 160 -1.09 30.18 10.38
N ALA H 15 -11.14 -15.00 29.68
CA ALA H 15 -12.53 -14.60 29.31
C ALA H 15 -13.09 -15.49 28.21
N SER H 16 -14.36 -15.85 28.41
CA SER H 16 -15.06 -16.79 27.54
C SER H 16 -15.30 -16.28 26.11
N GLY H 17 -15.39 -14.97 25.94
CA GLY H 17 -15.78 -14.39 24.64
C GLY H 17 -14.65 -14.17 23.65
N VAL H 18 -13.46 -14.64 23.99
CA VAL H 18 -12.29 -14.44 23.13
C VAL H 18 -12.09 -15.65 22.21
N ARG H 19 -11.66 -15.39 20.97
CA ARG H 19 -11.43 -16.43 19.96
C ARG H 19 -9.95 -16.71 19.85
N LEU H 20 -9.56 -17.95 20.13
CA LEU H 20 -8.15 -18.31 20.23
C LEU H 20 -7.75 -19.38 19.22
N ALA H 21 -6.66 -19.12 18.50
CA ALA H 21 -6.07 -20.09 17.59
C ALA H 21 -4.60 -20.29 17.95
N ILE H 22 -4.15 -21.54 17.89
CA ILE H 22 -2.75 -21.87 18.18
C ILE H 22 -2.11 -22.68 17.05
N VAL H 23 -0.94 -22.22 16.61
CA VAL H 23 -0.17 -22.93 15.59
C VAL H 23 1.16 -23.40 16.19
N ALA H 24 1.46 -24.69 16.01
CA ALA H 24 2.62 -25.32 16.62
C ALA H 24 3.48 -26.09 15.64
N SER H 25 4.80 -25.93 15.77
CA SER H 25 5.78 -26.68 14.98
C SER H 25 5.83 -28.14 15.43
N SER H 26 6.53 -28.98 14.68
CA SER H 26 6.69 -30.39 15.05
C SER H 26 8.12 -30.88 14.94
N TRP H 27 9.03 -29.95 14.63
CA TRP H 27 10.44 -30.28 14.46
C TRP H 27 11.07 -31.04 15.63
N HIS H 28 10.89 -30.66 16.87
CA HIS H 28 11.40 -31.49 17.95
C HIS H 28 10.22 -32.14 18.69
N GLY H 29 9.46 -32.96 17.95
CA GLY H 29 8.29 -33.69 18.45
C GLY H 29 7.85 -33.58 19.90
N LYS H 30 8.56 -34.30 20.78
CA LYS H 30 8.21 -34.40 22.21
C LYS H 30 8.06 -33.04 22.90
N ILE H 31 9.01 -32.14 22.69
CA ILE H 31 9.04 -30.82 23.34
C ILE H 31 7.87 -29.92 22.89
N CYS H 32 7.42 -30.10 21.64
CA CYS H 32 6.26 -29.34 21.13
C CYS H 32 4.97 -29.77 21.80
N ASP H 33 4.85 -31.07 22.08
CA ASP H 33 3.66 -31.64 22.70
C ASP H 33 3.45 -31.11 24.12
N ALA H 34 4.55 -30.86 24.83
CA ALA H 34 4.49 -30.25 26.16
C ALA H 34 4.05 -28.79 26.06
N LEU H 35 4.62 -28.05 25.11
CA LEU H 35 4.25 -26.66 24.87
C LEU H 35 2.76 -26.52 24.56
N LEU H 36 2.27 -27.35 23.63
CA LEU H 36 0.85 -27.33 23.24
C LEU H 36 -0.06 -27.74 24.38
N ASP H 37 0.42 -28.66 25.22
CA ASP H 37 -0.34 -29.15 26.36
C ASP H 37 -0.60 -28.03 27.37
N GLY H 38 0.44 -27.27 27.69
CA GLY H 38 0.34 -26.14 28.60
C GLY H 38 -0.59 -25.05 28.09
N ALA H 39 -0.55 -24.83 26.77
CA ALA H 39 -1.41 -23.86 26.11
C ALA H 39 -2.89 -24.22 26.26
N ARG H 40 -3.22 -25.48 25.96
CA ARG H 40 -4.60 -25.98 26.08
C ARG H 40 -5.11 -25.89 27.52
N LYS H 41 -4.22 -26.15 28.47
CA LYS H 41 -4.55 -26.17 29.89
C LYS H 41 -4.93 -24.79 30.41
N VAL H 42 -4.19 -23.76 29.99
CA VAL H 42 -4.49 -22.37 30.36
C VAL H 42 -5.78 -21.88 29.71
N ALA H 43 -5.93 -22.17 28.42
CA ALA H 43 -7.15 -21.86 27.68
C ALA H 43 -8.41 -22.38 28.39
N ALA H 44 -8.35 -23.65 28.80
CA ALA H 44 -9.48 -24.31 29.48
C ALA H 44 -9.80 -23.68 30.83
N GLY H 45 -8.75 -23.28 31.55
CA GLY H 45 -8.90 -22.65 32.86
C GLY H 45 -9.53 -21.26 32.80
N CYS H 46 -9.34 -20.59 31.67
CA CYS H 46 -9.92 -19.25 31.47
C CYS H 46 -11.26 -19.32 30.72
N GLY H 47 -11.84 -20.52 30.66
CA GLY H 47 -13.18 -20.73 30.09
C GLY H 47 -13.26 -20.97 28.60
N LEU H 48 -12.20 -21.52 28.02
CA LEU H 48 -12.15 -21.78 26.57
C LEU H 48 -11.86 -23.25 26.24
N ASP H 49 -12.92 -24.03 26.02
CA ASP H 49 -12.75 -25.41 25.54
C ASP H 49 -12.59 -25.34 24.03
N ASP H 50 -11.79 -26.18 23.42
CA ASP H 50 -11.68 -26.21 21.94
C ASP H 50 -11.32 -24.90 21.21
N PRO H 51 -10.08 -24.40 21.40
CA PRO H 51 -9.53 -23.40 20.49
C PRO H 51 -9.11 -24.04 19.16
N THR H 52 -8.89 -23.22 18.14
CA THR H 52 -8.46 -23.70 16.83
C THR H 52 -6.98 -24.10 16.88
N VAL H 53 -6.71 -25.38 16.67
CA VAL H 53 -5.35 -25.91 16.73
C VAL H 53 -4.87 -26.34 15.34
N VAL H 54 -3.73 -25.78 14.92
CA VAL H 54 -3.12 -26.12 13.63
C VAL H 54 -1.65 -26.51 13.82
N ARG H 55 -1.20 -27.52 13.08
CA ARG H 55 0.18 -27.99 13.15
C ARG H 55 0.96 -27.67 11.87
N VAL H 56 2.25 -27.37 12.04
CA VAL H 56 3.17 -27.14 10.92
C VAL H 56 4.48 -27.90 11.16
N LEU H 57 5.25 -28.12 10.10
CA LEU H 57 6.47 -28.95 10.20
C LEU H 57 7.68 -28.18 10.74
N GLY H 58 7.88 -26.95 10.28
CA GLY H 58 9.01 -26.13 10.72
C GLY H 58 8.63 -24.77 11.27
N ALA H 59 9.62 -24.08 11.84
CA ALA H 59 9.39 -22.75 12.41
C ALA H 59 9.22 -21.66 11.35
N ILE H 60 9.82 -21.87 10.18
CA ILE H 60 9.73 -20.91 9.08
C ILE H 60 8.33 -20.88 8.45
N GLU H 61 7.57 -21.97 8.64
CA GLU H 61 6.23 -22.09 8.08
C GLU H 61 5.14 -21.49 8.97
N ILE H 62 5.52 -21.04 10.17
CA ILE H 62 4.58 -20.48 11.15
C ILE H 62 3.87 -19.17 10.69
N PRO H 63 4.65 -18.14 10.25
CA PRO H 63 4.04 -16.83 9.94
C PRO H 63 2.90 -16.85 8.92
N VAL H 64 3.03 -17.64 7.86
CA VAL H 64 2.03 -17.68 6.79
C VAL H 64 0.70 -18.30 7.27
N VAL H 65 0.77 -19.30 8.16
CA VAL H 65 -0.44 -19.93 8.72
C VAL H 65 -1.07 -19.00 9.76
N ALA H 66 -0.22 -18.30 10.52
CA ALA H 66 -0.69 -17.31 11.48
C ALA H 66 -1.39 -16.14 10.80
N GLN H 67 -0.92 -15.79 9.58
CA GLN H 67 -1.53 -14.73 8.77
C GLN H 67 -2.96 -15.07 8.36
N GLU H 68 -3.20 -16.34 8.04
CA GLU H 68 -4.56 -16.82 7.72
C GLU H 68 -5.45 -16.87 8.95
N LEU H 69 -4.90 -17.40 10.05
CA LEU H 69 -5.68 -17.63 11.28
C LEU H 69 -6.13 -16.33 11.95
N ALA H 70 -5.38 -15.25 11.71
CA ALA H 70 -5.70 -13.93 12.26
C ALA H 70 -6.95 -13.30 11.63
N ARG H 71 -7.39 -13.82 10.49
CA ARG H 71 -8.56 -13.29 9.79
C ARG H 71 -9.88 -13.73 10.42
N ASN H 72 -9.79 -14.70 11.33
CA ASN H 72 -10.96 -15.29 11.97
C ASN H 72 -10.86 -15.39 13.50
N HIS H 73 -9.76 -14.90 14.05
CA HIS H 73 -9.52 -14.99 15.51
C HIS H 73 -8.99 -13.68 16.07
N ASP H 74 -9.16 -13.47 17.39
CA ASP H 74 -8.59 -12.27 18.01
C ASP H 74 -7.37 -12.53 18.89
N ALA H 75 -6.75 -13.70 18.72
CA ALA H 75 -5.47 -14.03 19.37
C ALA H 75 -4.82 -15.25 18.73
N VAL H 76 -3.54 -15.14 18.39
CA VAL H 76 -2.77 -16.27 17.84
C VAL H 76 -1.56 -16.56 18.72
N VAL H 77 -1.35 -17.84 19.04
CA VAL H 77 -0.17 -18.28 19.80
C VAL H 77 0.70 -19.18 18.93
N ALA H 78 1.98 -18.81 18.80
CA ALA H 78 2.94 -19.58 18.01
C ALA H 78 3.83 -20.40 18.92
N LEU H 79 3.98 -21.69 18.63
CA LEU H 79 4.76 -22.59 19.47
C LEU H 79 5.73 -23.44 18.65
N GLY H 80 6.94 -23.63 19.19
CA GLY H 80 7.98 -24.41 18.52
C GLY H 80 9.32 -24.41 19.24
N VAL H 81 10.26 -25.19 18.70
CA VAL H 81 11.58 -25.37 19.31
C VAL H 81 12.67 -25.21 18.24
N VAL H 82 13.69 -24.42 18.56
CA VAL H 82 14.85 -24.23 17.68
C VAL H 82 16.13 -24.46 18.48
N ILE H 83 16.81 -25.57 18.19
CA ILE H 83 18.04 -25.95 18.91
C ILE H 83 19.27 -25.74 18.04
N ARG H 84 20.32 -25.15 18.64
CA ARG H 84 21.55 -24.80 17.92
C ARG H 84 22.40 -26.02 17.54
N GLY H 85 22.82 -26.05 16.27
CA GLY H 85 23.72 -27.08 15.76
C GLY H 85 25.12 -26.53 15.53
N GLN H 86 25.90 -27.17 14.67
CA GLN H 86 27.30 -26.76 14.42
C GLN H 86 27.45 -25.61 13.41
N THR H 87 26.42 -25.36 12.63
CA THR H 87 26.46 -24.30 11.61
C THR H 87 25.65 -23.07 12.06
N PRO H 88 25.95 -21.88 11.50
CA PRO H 88 25.22 -20.65 11.80
C PRO H 88 23.74 -20.66 11.34
N HIS H 89 23.21 -21.83 11.02
CA HIS H 89 21.83 -21.98 10.55
C HIS H 89 20.80 -21.67 11.65
N PHE H 90 21.20 -21.84 12.91
CA PHE H 90 20.39 -21.46 14.07
C PHE H 90 19.91 -20.01 13.98
N ASP H 91 20.84 -19.11 13.68
CA ASP H 91 20.58 -17.67 13.65
C ASP H 91 19.53 -17.25 12.62
N TYR H 92 19.53 -17.89 11.46
CA TYR H 92 18.68 -17.46 10.36
C TYR H 92 17.25 -18.01 10.41
N VAL H 93 17.07 -19.12 11.12
CA VAL H 93 15.73 -19.66 11.38
C VAL H 93 15.03 -18.75 12.38
N CYS H 94 15.78 -18.32 13.40
CA CYS H 94 15.27 -17.40 14.41
C CYS H 94 15.05 -15.99 13.85
N ASP H 95 15.84 -15.61 12.85
CA ASP H 95 15.64 -14.33 12.16
C ASP H 95 14.30 -14.26 11.45
N ALA H 96 14.03 -15.26 10.62
CA ALA H 96 12.79 -15.36 9.87
C ALA H 96 11.54 -15.35 10.76
N VAL H 97 11.62 -16.06 11.88
CA VAL H 97 10.54 -16.09 12.88
C VAL H 97 10.29 -14.69 13.46
N THR H 98 11.36 -14.02 13.89
CA THR H 98 11.29 -12.66 14.44
C THR H 98 10.65 -11.69 13.45
N GLN H 99 11.17 -11.66 12.22
CA GLN H 99 10.72 -10.73 11.18
C GLN H 99 9.33 -11.05 10.66
N GLY H 100 8.96 -12.33 10.65
CA GLY H 100 7.67 -12.78 10.18
C GLY H 100 6.52 -12.48 11.14
N LEU H 101 6.69 -12.91 12.38
CA LEU H 101 5.65 -12.74 13.42
C LEU H 101 5.43 -11.27 13.79
N THR H 102 6.49 -10.46 13.71
CA THR H 102 6.38 -9.03 13.95
C THR H 102 5.59 -8.31 12.84
N ARG H 103 5.76 -8.75 11.59
CA ARG H 103 4.99 -8.20 10.48
C ARG H 103 3.51 -8.61 10.52
N VAL H 104 3.25 -9.90 10.71
CA VAL H 104 1.87 -10.42 10.75
C VAL H 104 1.04 -9.69 11.80
N SER H 105 1.60 -9.57 13.00
CA SER H 105 0.99 -8.89 14.14
C SER H 105 0.49 -7.48 13.82
N LEU H 106 1.29 -6.73 13.06
CA LEU H 106 1.01 -5.32 12.77
C LEU H 106 0.15 -5.13 11.51
N ASP H 107 0.28 -6.07 10.58
CA ASP H 107 -0.58 -6.11 9.38
C ASP H 107 -2.04 -6.31 9.76
N SER H 108 -2.28 -7.19 10.74
CA SER H 108 -3.63 -7.54 11.15
C SER H 108 -4.03 -6.93 12.49
N SER H 109 -3.16 -6.07 13.05
CA SER H 109 -3.35 -5.47 14.38
C SER H 109 -3.92 -6.48 15.39
N THR H 110 -3.26 -7.63 15.43
CA THR H 110 -3.68 -8.78 16.22
C THR H 110 -2.48 -9.25 17.04
N PRO H 111 -2.68 -9.56 18.34
CA PRO H 111 -1.59 -10.11 19.12
C PRO H 111 -1.18 -11.50 18.64
N ILE H 112 0.08 -11.62 18.21
CA ILE H 112 0.67 -12.91 17.87
C ILE H 112 1.70 -13.25 18.94
N ALA H 113 1.34 -14.17 19.83
CA ALA H 113 2.22 -14.57 20.93
C ALA H 113 3.40 -15.42 20.46
N ASN H 114 4.58 -15.12 20.99
CA ASN H 114 5.79 -15.86 20.66
C ASN H 114 6.13 -16.92 21.72
N GLY H 115 5.94 -18.18 21.38
CA GLY H 115 6.29 -19.30 22.25
C GLY H 115 7.25 -20.25 21.56
N VAL H 116 8.14 -19.68 20.75
CA VAL H 116 9.17 -20.46 20.06
C VAL H 116 10.47 -20.42 20.86
N LEU H 117 10.81 -21.54 21.47
CA LEU H 117 12.00 -21.66 22.32
C LEU H 117 13.28 -21.57 21.49
N THR H 118 14.25 -20.81 21.99
CA THR H 118 15.53 -20.61 21.29
C THR H 118 16.71 -20.90 22.22
N THR H 119 17.07 -22.18 22.32
CA THR H 119 18.07 -22.65 23.28
C THR H 119 19.35 -23.19 22.63
N ASN H 120 20.40 -23.34 23.42
CA ASN H 120 21.67 -23.90 22.95
C ASN H 120 21.67 -25.43 22.90
N THR H 121 21.36 -26.06 24.04
CA THR H 121 21.30 -27.53 24.14
C THR H 121 19.86 -28.04 24.17
N GLU H 122 19.71 -29.37 24.15
CA GLU H 122 18.40 -30.01 24.18
C GLU H 122 17.81 -30.03 25.59
N GLU H 123 18.68 -30.08 26.60
CA GLU H 123 18.25 -30.09 27.99
C GLU H 123 17.70 -28.74 28.45
N GLN H 124 18.19 -27.66 27.86
CA GLN H 124 17.70 -26.31 28.13
C GLN H 124 16.28 -26.11 27.58
N ALA H 125 16.00 -26.74 26.45
CA ALA H 125 14.68 -26.65 25.81
C ALA H 125 13.60 -27.44 26.58
N LEU H 126 14.01 -28.55 27.19
CA LEU H 126 13.11 -29.37 28.00
C LEU H 126 12.74 -28.67 29.31
N ASP H 127 13.68 -27.94 29.89
CA ASP H 127 13.50 -27.27 31.19
C ASP H 127 12.54 -26.07 31.11
N ARG H 128 12.18 -25.68 29.90
CA ARG H 128 11.28 -24.55 29.69
C ARG H 128 10.00 -24.97 28.95
N ALA H 129 9.73 -26.28 28.95
CA ALA H 129 8.59 -26.85 28.23
C ALA H 129 7.35 -27.07 29.11
N GLY H 130 7.58 -27.51 30.35
CA GLY H 130 6.49 -27.68 31.31
C GLY H 130 6.11 -29.12 31.61
N LEU H 131 7.09 -30.02 31.62
CA LEU H 131 6.85 -31.40 32.03
C LEU H 131 7.16 -31.58 33.53
N PRO H 132 6.79 -32.75 34.12
CA PRO H 132 6.90 -33.03 35.55
C PRO H 132 7.97 -32.25 36.33
N THR H 133 9.23 -32.32 35.88
CA THR H 133 10.35 -31.72 36.63
C THR H 133 10.96 -30.48 35.99
N SER H 134 10.25 -29.86 35.04
CA SER H 134 10.71 -28.64 34.39
C SER H 134 10.56 -27.42 35.30
N ALA H 135 11.46 -26.44 35.14
CA ALA H 135 11.41 -25.22 35.94
C ALA H 135 10.38 -24.20 35.42
N GLU H 136 10.15 -24.21 34.11
CA GLU H 136 9.26 -23.24 33.44
C GLU H 136 8.34 -23.89 32.40
N ASP H 137 7.25 -23.20 32.08
CA ASP H 137 6.32 -23.61 31.03
C ASP H 137 6.01 -22.40 30.15
N LYS H 138 6.85 -22.18 29.15
CA LYS H 138 6.74 -20.99 28.31
C LYS H 138 5.55 -21.03 27.34
N GLY H 139 5.05 -22.24 27.06
CA GLY H 139 3.83 -22.43 26.29
C GLY H 139 2.60 -21.92 27.03
N ALA H 140 2.63 -22.07 28.36
CA ALA H 140 1.59 -21.53 29.21
C ALA H 140 1.74 -20.00 29.36
N GLN H 141 2.98 -19.54 29.52
CA GLN H 141 3.29 -18.10 29.60
C GLN H 141 2.76 -17.33 28.40
N ALA H 142 2.95 -17.93 27.22
CA ALA H 142 2.60 -17.29 25.94
C ALA H 142 1.09 -17.17 25.73
N THR H 143 0.33 -18.15 26.23
CA THR H 143 -1.12 -18.15 26.08
C THR H 143 -1.76 -17.07 26.95
N VAL H 144 -1.27 -16.94 28.18
CA VAL H 144 -1.69 -15.86 29.08
C VAL H 144 -1.44 -14.49 28.42
N ALA H 145 -0.29 -14.35 27.76
CA ALA H 145 0.07 -13.12 27.06
C ALA H 145 -0.93 -12.77 25.96
N ALA H 146 -1.31 -13.78 25.17
CA ALA H 146 -2.21 -13.59 24.04
C ALA H 146 -3.64 -13.24 24.46
N LEU H 147 -4.15 -13.94 25.47
CA LEU H 147 -5.50 -13.72 25.95
C LEU H 147 -5.66 -12.35 26.61
N ALA H 148 -4.67 -11.97 27.42
CA ALA H 148 -4.71 -10.70 28.15
C ALA H 148 -4.64 -9.49 27.22
N THR H 149 -3.77 -9.57 26.21
CA THR H 149 -3.59 -8.50 25.22
C THR H 149 -4.84 -8.36 24.33
N ALA H 150 -5.51 -9.48 24.07
CA ALA H 150 -6.78 -9.48 23.34
C ALA H 150 -7.91 -8.84 24.16
N LEU H 151 -7.93 -9.10 25.46
CA LEU H 151 -8.85 -8.45 26.38
C LEU H 151 -8.60 -6.95 26.50
N THR H 152 -7.32 -6.57 26.49
CA THR H 152 -6.90 -5.17 26.57
C THR H 152 -7.35 -4.38 25.34
N LEU H 153 -7.11 -4.93 24.15
CA LEU H 153 -7.51 -4.27 22.91
C LEU H 153 -9.02 -4.15 22.80
N ARG H 154 -9.72 -5.21 23.14
CA ARG H 154 -11.19 -5.22 23.17
C ARG H 154 -11.75 -4.10 24.04
N GLU H 155 -11.09 -3.86 25.18
CA GLU H 155 -11.51 -2.83 26.12
C GLU H 155 -11.18 -1.43 25.61
N LEU H 156 -10.05 -1.30 24.90
CA LEU H 156 -9.62 -0.01 24.35
C LEU H 156 -10.45 0.39 23.12
N ARG H 157 -10.93 -0.60 22.38
CA ARG H 157 -11.62 -0.37 21.11
C ARG H 157 -13.10 -0.01 21.26
N ALA H 158 -13.74 0.23 20.11
CA ALA H 158 -15.11 0.75 20.02
C ALA H 158 -16.19 -0.17 20.57
N HIS H 159 -16.79 0.24 21.68
CA HIS H 159 -17.95 -0.46 22.24
C HIS H 159 -18.92 0.50 22.91
N SER H 160 -20.19 0.09 22.94
CA SER H 160 -21.29 0.91 23.41
C SER H 160 -21.34 0.96 24.93
N ASP I 14 -1.51 -38.37 -1.24
CA ASP I 14 -1.92 -37.55 -2.42
C ASP I 14 -1.92 -36.04 -2.12
N ALA I 15 -1.18 -35.30 -2.93
CA ALA I 15 -1.22 -33.86 -3.00
C ALA I 15 -1.14 -33.47 -4.47
N SER I 16 -2.09 -33.98 -5.26
CA SER I 16 -2.05 -33.85 -6.70
C SER I 16 -2.60 -32.51 -7.22
N GLY I 17 -3.45 -31.86 -6.42
CA GLY I 17 -4.07 -30.60 -6.83
C GLY I 17 -3.22 -29.35 -6.65
N VAL I 18 -2.04 -29.50 -6.05
CA VAL I 18 -1.21 -28.35 -5.70
C VAL I 18 -0.14 -28.03 -6.76
N ARG I 19 -0.12 -26.76 -7.17
CA ARG I 19 0.84 -26.27 -8.17
C ARG I 19 2.15 -25.88 -7.51
N LEU I 20 3.26 -26.39 -8.04
CA LEU I 20 4.58 -26.25 -7.41
C LEU I 20 5.64 -25.65 -8.33
N ALA I 21 6.43 -24.74 -7.78
CA ALA I 21 7.57 -24.15 -8.48
C ALA I 21 8.84 -24.30 -7.65
N ILE I 22 9.95 -24.57 -8.32
CA ILE I 22 11.26 -24.70 -7.66
C ILE I 22 12.30 -23.80 -8.33
N VAL I 23 12.88 -22.88 -7.55
CA VAL I 23 13.96 -22.02 -8.04
C VAL I 23 15.27 -22.34 -7.32
N ALA I 24 16.28 -22.73 -8.09
CA ALA I 24 17.59 -23.14 -7.54
C ALA I 24 18.75 -22.37 -8.18
N SER I 25 19.64 -21.87 -7.33
CA SER I 25 20.83 -21.15 -7.80
C SER I 25 21.92 -22.09 -8.29
N SER I 26 22.92 -21.53 -8.97
CA SER I 26 23.95 -22.33 -9.64
C SER I 26 25.34 -22.23 -9.01
N TRP I 27 25.56 -21.19 -8.20
CA TRP I 27 26.82 -21.03 -7.46
C TRP I 27 27.04 -22.30 -6.64
N HIS I 28 28.22 -22.91 -6.78
CA HIS I 28 28.49 -24.26 -6.24
C HIS I 28 27.56 -25.29 -6.89
N GLY I 29 27.85 -25.61 -8.15
CA GLY I 29 26.96 -26.43 -8.98
C GLY I 29 26.62 -27.83 -8.48
N LYS I 30 27.65 -28.55 -8.04
CA LYS I 30 27.52 -29.95 -7.62
C LYS I 30 26.51 -30.17 -6.49
N ILE I 31 26.57 -29.31 -5.46
CA ILE I 31 25.70 -29.42 -4.30
C ILE I 31 24.26 -29.01 -4.63
N CYS I 32 24.10 -28.01 -5.50
CA CYS I 32 22.77 -27.54 -5.90
C CYS I 32 21.97 -28.63 -6.63
N ASP I 33 22.63 -29.35 -7.53
CA ASP I 33 21.98 -30.42 -8.27
C ASP I 33 21.55 -31.59 -7.39
N ALA I 34 22.24 -31.78 -6.27
CA ALA I 34 21.83 -32.76 -5.26
C ALA I 34 20.53 -32.32 -4.58
N LEU I 35 20.45 -31.03 -4.25
CA LEU I 35 19.27 -30.45 -3.61
C LEU I 35 18.04 -30.48 -4.53
N LEU I 36 18.23 -30.10 -5.79
CA LEU I 36 17.16 -30.11 -6.78
C LEU I 36 16.66 -31.53 -7.04
N ASP I 37 17.59 -32.50 -7.01
CA ASP I 37 17.25 -33.90 -7.16
C ASP I 37 16.41 -34.40 -5.99
N GLY I 38 16.77 -33.97 -4.78
CA GLY I 38 16.01 -34.29 -3.58
C GLY I 38 14.61 -33.69 -3.61
N ALA I 39 14.50 -32.49 -4.18
CA ALA I 39 13.22 -31.82 -4.36
C ALA I 39 12.30 -32.56 -5.33
N ARG I 40 12.83 -32.86 -6.52
CA ARG I 40 12.09 -33.59 -7.56
C ARG I 40 11.54 -34.93 -7.08
N LYS I 41 12.35 -35.66 -6.31
CA LYS I 41 11.95 -36.96 -5.75
C LYS I 41 10.65 -36.89 -4.95
N VAL I 42 10.59 -35.94 -4.01
CA VAL I 42 9.44 -35.74 -3.12
C VAL I 42 8.21 -35.30 -3.91
N ALA I 43 8.41 -34.35 -4.83
CA ALA I 43 7.34 -33.87 -5.71
C ALA I 43 6.68 -35.02 -6.49
N ALA I 44 7.51 -35.88 -7.09
CA ALA I 44 7.02 -37.06 -7.81
C ALA I 44 6.34 -38.06 -6.88
N GLY I 45 6.81 -38.13 -5.64
CA GLY I 45 6.27 -39.05 -4.64
C GLY I 45 4.86 -38.69 -4.20
N CYS I 46 4.60 -37.40 -4.06
CA CYS I 46 3.29 -36.91 -3.62
C CYS I 46 2.25 -36.86 -4.74
N GLY I 47 2.71 -37.00 -5.99
CA GLY I 47 1.81 -37.07 -7.13
C GLY I 47 1.97 -35.96 -8.15
N LEU I 48 3.15 -35.33 -8.18
CA LEU I 48 3.42 -34.19 -9.06
C LEU I 48 4.66 -34.44 -9.93
N ASP I 49 4.42 -34.76 -11.20
CA ASP I 49 5.49 -35.17 -12.11
C ASP I 49 6.25 -34.02 -12.78
N ASP I 50 5.61 -32.87 -12.98
CA ASP I 50 6.24 -31.78 -13.72
C ASP I 50 6.12 -30.41 -13.06
N PRO I 51 6.86 -30.17 -11.96
CA PRO I 51 6.88 -28.84 -11.34
C PRO I 51 7.71 -27.84 -12.15
N THR I 52 7.38 -26.55 -12.03
CA THR I 52 8.09 -25.50 -12.76
C THR I 52 9.48 -25.28 -12.16
N VAL I 53 10.52 -25.56 -12.94
CA VAL I 53 11.90 -25.43 -12.45
C VAL I 53 12.65 -24.32 -13.19
N VAL I 54 13.12 -23.34 -12.43
CA VAL I 54 13.89 -22.22 -12.97
C VAL I 54 15.27 -22.21 -12.31
N ARG I 55 16.28 -21.79 -13.07
CA ARG I 55 17.65 -21.66 -12.53
C ARG I 55 18.08 -20.19 -12.46
N VAL I 56 18.89 -19.88 -11.43
CA VAL I 56 19.48 -18.55 -11.28
C VAL I 56 20.98 -18.66 -10.99
N LEU I 57 21.68 -17.52 -11.00
CA LEU I 57 23.15 -17.53 -10.85
C LEU I 57 23.60 -17.54 -9.40
N GLY I 58 23.01 -16.65 -8.59
CA GLY I 58 23.34 -16.54 -7.18
C GLY I 58 22.12 -16.57 -6.28
N ALA I 59 22.35 -16.58 -4.97
CA ALA I 59 21.28 -16.63 -3.98
C ALA I 59 20.54 -15.29 -3.86
N ILE I 60 21.24 -14.20 -4.17
CA ILE I 60 20.65 -12.85 -4.16
C ILE I 60 19.57 -12.68 -5.24
N GLU I 61 19.65 -13.49 -6.29
CA GLU I 61 18.71 -13.45 -7.41
C GLU I 61 17.42 -14.26 -7.21
N ILE I 62 17.36 -15.04 -6.12
CA ILE I 62 16.22 -15.96 -5.87
C ILE I 62 14.90 -15.25 -5.52
N PRO I 63 14.91 -14.32 -4.53
CA PRO I 63 13.65 -13.67 -4.14
C PRO I 63 12.83 -13.07 -5.29
N VAL I 64 13.48 -12.37 -6.21
CA VAL I 64 12.79 -11.70 -7.32
C VAL I 64 12.09 -12.70 -8.27
N VAL I 65 12.72 -13.85 -8.49
CA VAL I 65 12.16 -14.91 -9.36
C VAL I 65 11.06 -15.68 -8.62
N ALA I 66 11.20 -15.80 -7.29
CA ALA I 66 10.18 -16.42 -6.42
C ALA I 66 8.88 -15.60 -6.39
N GLN I 67 9.03 -14.28 -6.41
CA GLN I 67 7.90 -13.34 -6.46
C GLN I 67 7.07 -13.51 -7.74
N GLU I 68 7.74 -13.72 -8.87
CA GLU I 68 7.10 -13.95 -10.16
C GLU I 68 6.43 -15.34 -10.21
N LEU I 69 7.14 -16.37 -9.74
CA LEU I 69 6.61 -17.74 -9.65
C LEU I 69 5.40 -17.89 -8.73
N ALA I 70 5.29 -17.00 -7.74
CA ALA I 70 4.19 -17.03 -6.78
C ALA I 70 2.84 -16.60 -7.37
N ARG I 71 2.86 -15.87 -8.48
CA ARG I 71 1.64 -15.41 -9.15
C ARG I 71 0.87 -16.53 -9.87
N ASN I 72 1.49 -17.71 -9.98
CA ASN I 72 0.92 -18.84 -10.71
C ASN I 72 1.12 -20.20 -10.01
N HIS I 73 1.46 -20.18 -8.71
CA HIS I 73 1.73 -21.42 -7.94
C HIS I 73 1.26 -21.39 -6.48
N ASP I 74 0.96 -22.58 -5.92
CA ASP I 74 0.50 -22.71 -4.54
C ASP I 74 1.63 -22.78 -3.52
N ALA I 75 2.82 -23.19 -3.98
CA ALA I 75 4.01 -23.31 -3.13
C ALA I 75 5.30 -23.15 -3.93
N VAL I 76 6.28 -22.47 -3.33
CA VAL I 76 7.57 -22.21 -3.99
C VAL I 76 8.72 -22.75 -3.12
N VAL I 77 9.68 -23.43 -3.76
CA VAL I 77 10.85 -23.96 -3.05
C VAL I 77 12.13 -23.27 -3.54
N ALA I 78 12.89 -22.70 -2.58
CA ALA I 78 14.14 -22.01 -2.87
C ALA I 78 15.34 -22.85 -2.44
N LEU I 79 16.24 -23.15 -3.38
CA LEU I 79 17.39 -23.99 -3.10
C LEU I 79 18.70 -23.29 -3.47
N GLY I 80 19.78 -23.64 -2.79
CA GLY I 80 21.11 -23.04 -3.02
C GLY I 80 22.11 -23.32 -1.92
N VAL I 81 23.34 -22.82 -2.11
CA VAL I 81 24.44 -23.02 -1.16
C VAL I 81 25.21 -21.72 -0.95
N VAL I 82 25.53 -21.40 0.31
CA VAL I 82 26.36 -20.24 0.63
C VAL I 82 27.47 -20.64 1.61
N ILE I 83 28.72 -20.65 1.11
CA ILE I 83 29.87 -21.09 1.90
C ILE I 83 30.73 -19.93 2.38
N ARG I 84 31.17 -19.99 3.64
CA ARG I 84 31.94 -18.90 4.24
C ARG I 84 33.38 -18.82 3.73
N GLY I 85 33.76 -17.62 3.30
CA GLY I 85 35.11 -17.38 2.79
C GLY I 85 36.03 -16.84 3.86
N GLN I 86 36.70 -15.72 3.56
CA GLN I 86 37.60 -15.09 4.52
C GLN I 86 37.24 -13.64 4.84
N THR I 87 36.25 -13.09 4.13
CA THR I 87 35.71 -11.76 4.43
C THR I 87 34.28 -11.86 4.98
N PRO I 88 33.80 -10.82 5.68
CA PRO I 88 32.42 -10.81 6.22
C PRO I 88 31.32 -10.92 5.17
N HIS I 89 31.71 -11.07 3.90
CA HIS I 89 30.80 -11.25 2.76
C HIS I 89 29.74 -12.34 3.00
N PHE I 90 30.13 -13.39 3.71
CA PHE I 90 29.26 -14.52 4.01
C PHE I 90 27.90 -14.10 4.56
N ASP I 91 27.90 -13.35 5.66
CA ASP I 91 26.64 -13.04 6.32
C ASP I 91 25.95 -11.77 5.81
N TYR I 92 26.16 -11.43 4.54
CA TYR I 92 25.36 -10.40 3.88
C TYR I 92 24.55 -11.03 2.76
N VAL I 93 25.14 -12.04 2.12
CA VAL I 93 24.44 -12.89 1.15
C VAL I 93 23.31 -13.68 1.85
N CYS I 94 23.56 -14.08 3.09
CA CYS I 94 22.56 -14.76 3.92
C CYS I 94 21.46 -13.82 4.44
N ASP I 95 21.83 -12.57 4.68
CA ASP I 95 20.87 -11.55 5.11
C ASP I 95 19.81 -11.32 4.04
N ALA I 96 20.27 -11.05 2.82
CA ALA I 96 19.40 -10.79 1.68
C ALA I 96 18.38 -11.90 1.46
N VAL I 97 18.81 -13.15 1.65
CA VAL I 97 17.96 -14.32 1.45
C VAL I 97 16.82 -14.37 2.47
N THR I 98 17.17 -14.21 3.75
CA THR I 98 16.19 -14.20 4.85
C THR I 98 15.10 -13.14 4.61
N GLN I 99 15.53 -11.88 4.49
CA GLN I 99 14.62 -10.74 4.27
C GLN I 99 13.74 -10.90 3.04
N GLY I 100 14.34 -11.34 1.94
CA GLY I 100 13.65 -11.49 0.65
C GLY I 100 12.54 -12.54 0.71
N LEU I 101 12.91 -13.77 1.04
CA LEU I 101 11.97 -14.89 1.10
C LEU I 101 10.81 -14.66 2.07
N THR I 102 11.12 -14.13 3.25
CA THR I 102 10.10 -13.78 4.25
C THR I 102 9.09 -12.78 3.72
N ARG I 103 9.56 -11.73 3.04
CA ARG I 103 8.66 -10.73 2.44
C ARG I 103 7.75 -11.35 1.37
N VAL I 104 8.37 -12.10 0.45
CA VAL I 104 7.65 -12.70 -0.68
C VAL I 104 6.49 -13.59 -0.20
N SER I 105 6.73 -14.34 0.87
CA SER I 105 5.74 -15.28 1.40
C SER I 105 4.48 -14.60 1.91
N LEU I 106 4.64 -13.56 2.72
CA LEU I 106 3.51 -12.86 3.32
C LEU I 106 2.79 -11.92 2.34
N ASP I 107 3.53 -11.36 1.40
CA ASP I 107 2.98 -10.52 0.31
C ASP I 107 1.97 -11.29 -0.52
N SER I 108 2.29 -12.55 -0.80
CA SER I 108 1.52 -13.36 -1.74
C SER I 108 0.64 -14.39 -1.07
N SER I 109 0.70 -14.46 0.26
CA SER I 109 0.04 -15.50 1.05
C SER I 109 0.35 -16.90 0.50
N THR I 110 1.64 -17.16 0.26
CA THR I 110 2.12 -18.39 -0.35
C THR I 110 3.34 -18.88 0.42
N PRO I 111 3.38 -20.18 0.76
CA PRO I 111 4.57 -20.76 1.37
C PRO I 111 5.79 -20.71 0.44
N ILE I 112 6.84 -20.02 0.88
CA ILE I 112 8.14 -20.06 0.23
C ILE I 112 9.08 -20.82 1.15
N ALA I 113 9.44 -22.03 0.75
CA ALA I 113 10.33 -22.86 1.57
C ALA I 113 11.79 -22.44 1.43
N ASN I 114 12.49 -22.40 2.56
CA ASN I 114 13.92 -22.05 2.60
C ASN I 114 14.80 -23.30 2.61
N GLY I 115 15.41 -23.58 1.46
CA GLY I 115 16.36 -24.68 1.34
C GLY I 115 17.74 -24.20 0.90
N VAL I 116 18.21 -23.11 1.48
CA VAL I 116 19.55 -22.59 1.20
C VAL I 116 20.51 -22.97 2.34
N LEU I 117 21.56 -23.70 2.00
CA LEU I 117 22.53 -24.20 2.98
C LEU I 117 23.55 -23.14 3.38
N THR I 118 23.68 -22.93 4.69
CA THR I 118 24.53 -21.88 5.23
C THR I 118 25.61 -22.47 6.14
N THR I 119 26.65 -23.04 5.52
CA THR I 119 27.66 -23.78 6.29
C THR I 119 29.03 -23.11 6.30
N ASN I 120 29.87 -23.53 7.26
CA ASN I 120 31.23 -23.02 7.39
C ASN I 120 32.19 -23.60 6.35
N THR I 121 32.12 -24.91 6.13
CA THR I 121 33.00 -25.59 5.17
C THR I 121 32.21 -26.28 4.06
N GLU I 122 32.92 -26.61 2.97
CA GLU I 122 32.32 -27.33 1.84
C GLU I 122 31.80 -28.71 2.22
N GLU I 123 32.53 -29.40 3.11
CA GLU I 123 32.17 -30.74 3.56
C GLU I 123 30.79 -30.78 4.24
N GLN I 124 30.52 -29.75 5.05
CA GLN I 124 29.26 -29.64 5.79
C GLN I 124 28.06 -29.43 4.88
N ALA I 125 28.29 -28.78 3.73
CA ALA I 125 27.25 -28.59 2.71
C ALA I 125 26.94 -29.89 1.97
N LEU I 126 27.97 -30.68 1.70
CA LEU I 126 27.82 -31.98 1.04
C LEU I 126 27.09 -32.97 1.93
N ASP I 127 27.27 -32.84 3.24
CA ASP I 127 26.68 -33.73 4.23
C ASP I 127 25.18 -33.47 4.44
N ARG I 128 24.72 -32.32 3.95
CA ARG I 128 23.32 -31.90 4.09
C ARG I 128 22.64 -31.67 2.74
N ALA I 129 23.20 -32.25 1.68
CA ALA I 129 22.68 -32.09 0.33
C ALA I 129 21.84 -33.30 -0.11
N GLY I 130 22.14 -34.47 0.46
CA GLY I 130 21.43 -35.70 0.12
C GLY I 130 22.13 -36.52 -0.95
N LEU I 131 23.45 -36.66 -0.80
CA LEU I 131 24.27 -37.50 -1.69
C LEU I 131 24.33 -38.93 -1.15
N PRO I 132 24.98 -39.86 -1.90
CA PRO I 132 25.13 -41.26 -1.46
C PRO I 132 25.38 -41.43 0.05
N THR I 133 26.44 -40.82 0.57
CA THR I 133 26.81 -40.95 1.98
C THR I 133 26.69 -39.63 2.72
N SER I 134 25.44 -39.13 2.83
CA SER I 134 25.19 -37.86 3.55
C SER I 134 24.19 -38.07 4.68
N ALA I 135 24.38 -37.32 5.77
CA ALA I 135 23.56 -37.48 6.98
C ALA I 135 22.09 -37.10 6.78
N GLU I 136 21.84 -36.01 6.07
CA GLU I 136 20.46 -35.61 5.74
C GLU I 136 20.35 -34.90 4.38
N ASP I 137 19.12 -34.56 4.01
CA ASP I 137 18.83 -33.91 2.73
C ASP I 137 17.90 -32.73 2.98
N LYS I 138 18.43 -31.53 2.84
CA LYS I 138 17.65 -30.30 3.02
C LYS I 138 16.66 -30.09 1.87
N GLY I 139 17.02 -30.59 0.69
CA GLY I 139 16.19 -30.42 -0.51
C GLY I 139 14.86 -31.12 -0.41
N ALA I 140 14.87 -32.30 0.20
CA ALA I 140 13.65 -33.07 0.42
C ALA I 140 12.84 -32.47 1.57
N GLN I 141 13.53 -32.10 2.65
CA GLN I 141 12.90 -31.47 3.81
C GLN I 141 12.11 -30.24 3.41
N ALA I 142 12.77 -29.34 2.66
CA ALA I 142 12.16 -28.09 2.23
C ALA I 142 10.91 -28.29 1.37
N THR I 143 10.95 -29.28 0.46
CA THR I 143 9.79 -29.58 -0.38
C THR I 143 8.61 -30.17 0.41
N VAL I 144 8.90 -31.08 1.34
CA VAL I 144 7.88 -31.63 2.24
C VAL I 144 7.17 -30.50 3.02
N ALA I 145 7.96 -29.53 3.45
CA ALA I 145 7.43 -28.36 4.16
C ALA I 145 6.47 -27.54 3.29
N ALA I 146 6.85 -27.33 2.04
CA ALA I 146 6.08 -26.50 1.12
C ALA I 146 4.70 -27.08 0.81
N LEU I 147 4.68 -28.34 0.39
CA LEU I 147 3.45 -29.03 0.03
C LEU I 147 2.47 -29.14 1.18
N ALA I 148 2.99 -29.41 2.38
CA ALA I 148 2.15 -29.57 3.58
C ALA I 148 1.48 -28.27 3.99
N THR I 149 2.24 -27.18 3.97
CA THR I 149 1.72 -25.86 4.31
C THR I 149 0.67 -25.39 3.29
N ALA I 150 0.85 -25.80 2.03
CA ALA I 150 -0.13 -25.52 0.98
C ALA I 150 -1.45 -26.25 1.22
N LEU I 151 -1.36 -27.52 1.60
CA LEU I 151 -2.53 -28.35 1.87
C LEU I 151 -3.28 -27.91 3.12
N THR I 152 -2.53 -27.39 4.10
CA THR I 152 -3.11 -26.86 5.33
C THR I 152 -3.91 -25.57 5.06
N LEU I 153 -3.34 -24.66 4.26
CA LEU I 153 -4.02 -23.43 3.87
C LEU I 153 -5.28 -23.71 3.04
N ARG I 154 -5.18 -24.73 2.18
CA ARG I 154 -6.29 -25.22 1.37
C ARG I 154 -7.50 -25.61 2.23
N GLU I 155 -7.23 -26.31 3.33
CA GLU I 155 -8.27 -26.69 4.29
C GLU I 155 -8.87 -25.48 4.99
N LEU I 156 -7.99 -24.59 5.46
CA LEU I 156 -8.40 -23.43 6.25
C LEU I 156 -9.23 -22.41 5.47
N ARG I 157 -8.93 -22.26 4.19
CA ARG I 157 -9.59 -21.27 3.33
C ARG I 157 -11.00 -21.66 2.86
N ALA I 158 -11.64 -20.75 2.13
CA ALA I 158 -13.04 -20.87 1.72
C ALA I 158 -13.31 -21.97 0.69
N HIS I 159 -14.10 -22.96 1.10
CA HIS I 159 -14.56 -24.02 0.20
C HIS I 159 -15.97 -24.51 0.54
N SER I 160 -16.48 -25.39 -0.32
CA SER I 160 -17.87 -25.86 -0.34
C SER I 160 -18.31 -26.63 0.89
N ALA J 15 21.80 -11.12 -25.86
CA ALA J 15 21.18 -10.19 -24.88
C ALA J 15 21.24 -8.73 -25.34
N SER J 16 21.15 -8.52 -26.64
CA SER J 16 21.24 -7.19 -27.23
C SER J 16 19.99 -6.33 -27.01
N GLY J 17 18.88 -6.98 -26.64
CA GLY J 17 17.61 -6.29 -26.45
C GLY J 17 17.31 -5.88 -25.02
N VAL J 18 18.32 -5.94 -24.15
CA VAL J 18 18.11 -5.62 -22.75
C VAL J 18 18.59 -4.20 -22.41
N ARG J 19 17.82 -3.51 -21.58
CA ARG J 19 18.16 -2.17 -21.10
C ARG J 19 18.94 -2.28 -19.79
N LEU J 20 20.21 -1.89 -19.83
CA LEU J 20 21.12 -2.05 -18.68
C LEU J 20 21.63 -0.73 -18.13
N ALA J 21 21.60 -0.60 -16.81
CA ALA J 21 22.17 0.58 -16.14
C ALA J 21 23.16 0.17 -15.04
N ILE J 22 24.27 0.90 -14.97
CA ILE J 22 25.32 0.66 -13.97
C ILE J 22 25.45 1.86 -13.03
N VAL J 23 25.40 1.60 -11.73
CA VAL J 23 25.65 2.63 -10.73
C VAL J 23 26.84 2.25 -9.83
N ALA J 24 27.88 3.09 -9.85
CA ALA J 24 29.13 2.80 -9.16
C ALA J 24 29.56 3.92 -8.21
N SER J 25 29.88 3.54 -6.97
CA SER J 25 30.38 4.46 -5.96
C SER J 25 31.82 4.89 -6.24
N SER J 26 32.32 5.89 -5.50
CA SER J 26 33.63 6.48 -5.76
C SER J 26 34.60 6.45 -4.58
N TRP J 27 34.11 6.06 -3.40
CA TRP J 27 34.94 5.88 -2.21
C TRP J 27 35.97 4.80 -2.52
N HIS J 28 37.25 5.11 -2.36
CA HIS J 28 38.35 4.26 -2.87
C HIS J 28 38.31 4.25 -4.39
N GLY J 29 38.93 5.27 -4.99
CA GLY J 29 38.83 5.56 -6.42
C GLY J 29 39.32 4.50 -7.40
N LYS J 30 40.57 4.09 -7.26
CA LYS J 30 41.21 3.13 -8.18
C LYS J 30 40.43 1.82 -8.32
N ILE J 31 40.01 1.26 -7.18
CA ILE J 31 39.34 -0.04 -7.14
C ILE J 31 37.95 -0.01 -7.79
N CYS J 32 37.23 1.09 -7.62
CA CYS J 32 35.89 1.25 -8.21
C CYS J 32 35.94 1.38 -9.73
N ASP J 33 36.98 2.03 -10.24
CA ASP J 33 37.22 2.14 -11.70
C ASP J 33 37.55 0.79 -12.34
N ALA J 34 38.20 -0.08 -11.56
CA ALA J 34 38.49 -1.44 -11.99
C ALA J 34 37.21 -2.28 -12.06
N LEU J 35 36.30 -2.04 -11.12
CA LEU J 35 34.99 -2.70 -11.11
C LEU J 35 34.15 -2.25 -12.30
N LEU J 36 34.14 -0.94 -12.55
CA LEU J 36 33.40 -0.35 -13.66
C LEU J 36 33.94 -0.83 -15.01
N ASP J 37 35.26 -0.95 -15.11
CA ASP J 37 35.91 -1.39 -16.35
C ASP J 37 35.58 -2.84 -16.69
N GLY J 38 35.46 -3.68 -15.67
CA GLY J 38 35.07 -5.08 -15.85
C GLY J 38 33.62 -5.19 -16.28
N ALA J 39 32.77 -4.33 -15.73
CA ALA J 39 31.35 -4.31 -16.06
C ALA J 39 31.08 -3.92 -17.51
N ARG J 40 31.76 -2.86 -17.98
CA ARG J 40 31.58 -2.35 -19.34
C ARG J 40 32.04 -3.33 -20.41
N LYS J 41 33.05 -4.13 -20.08
CA LYS J 41 33.59 -5.14 -20.99
C LYS J 41 32.60 -6.28 -21.26
N VAL J 42 31.98 -6.79 -20.19
CA VAL J 42 30.96 -7.83 -20.31
C VAL J 42 29.76 -7.29 -21.08
N ALA J 43 29.40 -6.03 -20.80
CA ALA J 43 28.32 -5.34 -21.51
C ALA J 43 28.56 -5.29 -23.01
N ALA J 44 29.79 -4.94 -23.39
CA ALA J 44 30.17 -4.82 -24.78
C ALA J 44 30.21 -6.18 -25.49
N GLY J 45 30.70 -7.19 -24.78
CA GLY J 45 30.77 -8.54 -25.31
C GLY J 45 29.40 -9.15 -25.55
N CYS J 46 28.43 -8.73 -24.74
CA CYS J 46 27.06 -9.20 -24.83
C CYS J 46 26.21 -8.36 -25.80
N GLY J 47 26.87 -7.52 -26.58
CA GLY J 47 26.19 -6.71 -27.60
C GLY J 47 25.51 -5.46 -27.08
N LEU J 48 26.06 -4.87 -26.02
CA LEU J 48 25.56 -3.60 -25.48
C LEU J 48 26.70 -2.60 -25.33
N ASP J 49 26.80 -1.68 -26.29
CA ASP J 49 27.89 -0.71 -26.32
C ASP J 49 27.65 0.55 -25.49
N ASP J 50 26.39 0.84 -25.16
CA ASP J 50 26.05 2.11 -24.55
C ASP J 50 25.06 1.95 -23.39
N PRO J 51 25.49 1.32 -22.27
CA PRO J 51 24.61 1.24 -21.10
C PRO J 51 24.62 2.53 -20.28
N THR J 52 23.57 2.75 -19.49
CA THR J 52 23.46 3.93 -18.63
C THR J 52 24.42 3.83 -17.44
N VAL J 53 25.47 4.65 -17.44
CA VAL J 53 26.46 4.64 -16.37
C VAL J 53 26.34 5.88 -15.50
N VAL J 54 26.05 5.67 -14.22
CA VAL J 54 25.88 6.75 -13.25
C VAL J 54 26.87 6.58 -12.10
N ARG J 55 27.29 7.70 -11.49
CA ARG J 55 28.26 7.65 -10.39
C ARG J 55 27.79 8.36 -9.12
N VAL J 56 28.14 7.80 -7.97
CA VAL J 56 27.82 8.36 -6.66
C VAL J 56 29.05 8.38 -5.74
N LEU J 57 28.98 9.14 -4.63
CA LEU J 57 30.11 9.30 -3.72
C LEU J 57 30.31 8.11 -2.77
N GLY J 58 29.22 7.61 -2.19
CA GLY J 58 29.29 6.52 -1.22
C GLY J 58 28.34 5.37 -1.52
N ALA J 59 28.54 4.25 -0.84
CA ALA J 59 27.71 3.06 -1.03
C ALA J 59 26.27 3.21 -0.51
N ILE J 60 26.09 4.02 0.54
CA ILE J 60 24.75 4.28 1.09
C ILE J 60 23.85 4.93 0.03
N GLU J 61 24.47 5.71 -0.86
CA GLU J 61 23.76 6.48 -1.89
C GLU J 61 23.34 5.67 -3.13
N ILE J 62 23.63 4.37 -3.13
CA ILE J 62 23.33 3.53 -4.30
C ILE J 62 21.84 3.13 -4.46
N PRO J 63 21.21 2.61 -3.40
CA PRO J 63 19.79 2.19 -3.50
C PRO J 63 18.84 3.24 -4.08
N VAL J 64 19.01 4.50 -3.70
CA VAL J 64 18.12 5.58 -4.19
C VAL J 64 18.28 5.88 -5.70
N VAL J 65 19.51 5.75 -6.21
CA VAL J 65 19.79 5.95 -7.64
C VAL J 65 19.37 4.70 -8.43
N ALA J 66 19.49 3.53 -7.81
CA ALA J 66 19.04 2.27 -8.40
C ALA J 66 17.51 2.23 -8.57
N GLN J 67 16.79 2.84 -7.64
CA GLN J 67 15.32 2.90 -7.69
C GLN J 67 14.83 3.73 -8.88
N GLU J 68 15.49 4.86 -9.12
CA GLU J 68 15.18 5.72 -10.25
C GLU J 68 15.50 5.02 -11.58
N LEU J 69 16.66 4.38 -11.66
CA LEU J 69 17.11 3.71 -12.88
C LEU J 69 16.23 2.49 -13.22
N ALA J 70 15.66 1.86 -12.21
CA ALA J 70 14.78 0.70 -12.40
C ALA J 70 13.53 1.00 -13.22
N ARG J 71 13.14 2.28 -13.27
CA ARG J 71 11.91 2.71 -13.95
C ARG J 71 11.94 2.60 -15.48
N ASN J 72 13.13 2.63 -16.07
CA ASN J 72 13.27 2.42 -17.52
C ASN J 72 14.44 1.53 -17.94
N HIS J 73 14.79 0.58 -17.08
CA HIS J 73 15.82 -0.40 -17.37
C HIS J 73 15.36 -1.81 -16.99
N ASP J 74 15.93 -2.82 -17.64
CA ASP J 74 15.58 -4.21 -17.39
C ASP J 74 16.44 -4.83 -16.29
N ALA J 75 17.59 -4.21 -16.02
CA ALA J 75 18.53 -4.68 -15.00
C ALA J 75 19.44 -3.57 -14.52
N VAL J 76 19.81 -3.62 -13.25
CA VAL J 76 20.72 -2.64 -12.65
C VAL J 76 21.88 -3.33 -11.92
N VAL J 77 23.09 -2.82 -12.13
CA VAL J 77 24.31 -3.33 -11.49
C VAL J 77 24.87 -2.33 -10.48
N ALA J 78 25.05 -2.77 -9.23
CA ALA J 78 25.59 -1.92 -8.17
C ALA J 78 27.06 -2.20 -7.89
N LEU J 79 27.89 -1.16 -7.96
CA LEU J 79 29.33 -1.32 -7.78
C LEU J 79 29.89 -0.40 -6.69
N GLY J 80 30.82 -0.94 -5.90
CA GLY J 80 31.47 -0.17 -4.83
C GLY J 80 32.41 -0.98 -3.96
N VAL J 81 33.08 -0.31 -3.04
CA VAL J 81 34.06 -0.95 -2.15
C VAL J 81 33.87 -0.42 -0.73
N VAL J 82 33.85 -1.33 0.24
CA VAL J 82 33.77 -0.97 1.66
C VAL J 82 34.88 -1.71 2.44
N ILE J 83 35.81 -0.95 3.01
CA ILE J 83 36.96 -1.54 3.74
C ILE J 83 36.89 -1.27 5.24
N ARG J 84 37.11 -2.33 6.02
CA ARG J 84 36.98 -2.29 7.49
C ARG J 84 38.01 -1.39 8.17
N GLY J 85 37.51 -0.51 9.04
CA GLY J 85 38.37 0.37 9.81
C GLY J 85 38.52 -0.06 11.27
N GLN J 86 38.64 0.92 12.16
CA GLN J 86 38.87 0.66 13.59
C GLN J 86 37.57 0.65 14.42
N THR J 87 36.48 1.13 13.82
CA THR J 87 35.20 1.23 14.51
C THR J 87 34.14 0.32 13.86
N PRO J 88 33.06 -0.03 14.61
CA PRO J 88 31.98 -0.87 14.09
C PRO J 88 31.29 -0.31 12.83
N HIS J 89 31.71 0.87 12.38
CA HIS J 89 31.14 1.55 11.21
C HIS J 89 31.00 0.64 9.98
N PHE J 90 31.89 -0.34 9.87
CA PHE J 90 31.89 -1.30 8.76
C PHE J 90 30.54 -2.01 8.61
N ASP J 91 30.03 -2.55 9.72
CA ASP J 91 28.80 -3.33 9.73
C ASP J 91 27.60 -2.55 9.22
N TYR J 92 27.51 -1.28 9.63
CA TYR J 92 26.31 -0.48 9.40
C TYR J 92 26.16 0.09 7.97
N VAL J 93 27.28 0.29 7.30
CA VAL J 93 27.27 0.68 5.89
C VAL J 93 26.90 -0.53 5.02
N CYS J 94 27.30 -1.72 5.49
CA CYS J 94 27.00 -2.96 4.79
C CYS J 94 25.54 -3.41 4.99
N ASP J 95 24.96 -3.07 6.14
CA ASP J 95 23.55 -3.38 6.43
C ASP J 95 22.59 -2.59 5.54
N ALA J 96 22.88 -1.29 5.40
CA ALA J 96 22.05 -0.38 4.58
C ALA J 96 22.01 -0.79 3.11
N VAL J 97 23.14 -1.24 2.57
CA VAL J 97 23.21 -1.75 1.20
C VAL J 97 22.32 -2.99 1.04
N THR J 98 22.46 -3.95 1.96
CA THR J 98 21.69 -5.20 1.92
C THR J 98 20.18 -4.95 1.94
N GLN J 99 19.72 -4.25 2.97
CA GLN J 99 18.29 -3.93 3.13
C GLN J 99 17.76 -3.09 1.98
N GLY J 100 18.59 -2.16 1.51
CA GLY J 100 18.19 -1.21 0.47
C GLY J 100 17.96 -1.85 -0.88
N LEU J 101 18.98 -2.56 -1.39
CA LEU J 101 18.90 -3.20 -2.71
C LEU J 101 17.85 -4.30 -2.75
N THR J 102 17.75 -5.08 -1.67
CA THR J 102 16.76 -6.16 -1.58
C THR J 102 15.33 -5.64 -1.73
N ARG J 103 15.02 -4.54 -1.04
CA ARG J 103 13.70 -3.92 -1.13
C ARG J 103 13.44 -3.38 -2.55
N VAL J 104 14.43 -2.68 -3.11
CA VAL J 104 14.31 -2.09 -4.44
C VAL J 104 13.97 -3.15 -5.50
N SER J 105 14.68 -4.27 -5.45
CA SER J 105 14.52 -5.33 -6.46
C SER J 105 13.10 -5.92 -6.49
N LEU J 106 12.47 -5.97 -5.33
CA LEU J 106 11.13 -6.56 -5.18
C LEU J 106 10.01 -5.53 -5.39
N ASP J 107 10.29 -4.27 -5.03
CA ASP J 107 9.39 -3.16 -5.30
C ASP J 107 9.15 -2.97 -6.79
N SER J 108 10.21 -3.10 -7.59
CA SER J 108 10.16 -2.86 -9.03
C SER J 108 10.15 -4.13 -9.88
N SER J 109 10.28 -5.29 -9.24
CA SER J 109 10.40 -6.57 -9.94
C SER J 109 11.50 -6.53 -11.00
N THR J 110 12.69 -6.09 -10.58
CA THR J 110 13.86 -5.97 -11.44
C THR J 110 15.07 -6.58 -10.74
N PRO J 111 15.89 -7.37 -11.47
CA PRO J 111 17.15 -7.82 -10.86
C PRO J 111 18.13 -6.66 -10.59
N ILE J 112 18.53 -6.52 -9.33
CA ILE J 112 19.57 -5.57 -8.93
C ILE J 112 20.77 -6.38 -8.46
N ALA J 113 21.83 -6.40 -9.28
CA ALA J 113 23.04 -7.16 -8.98
C ALA J 113 23.90 -6.48 -7.92
N ASN J 114 24.40 -7.27 -6.98
CA ASN J 114 25.23 -6.76 -5.89
C ASN J 114 26.72 -6.97 -6.14
N GLY J 115 27.41 -5.91 -6.54
CA GLY J 115 28.85 -5.92 -6.72
C GLY J 115 29.54 -4.96 -5.78
N VAL J 116 29.09 -4.94 -4.52
CA VAL J 116 29.69 -4.10 -3.48
C VAL J 116 30.65 -4.96 -2.65
N LEU J 117 31.96 -4.75 -2.84
CA LEU J 117 32.99 -5.52 -2.14
C LEU J 117 33.05 -5.15 -0.65
N THR J 118 33.09 -6.17 0.21
CA THR J 118 33.16 -5.98 1.65
C THR J 118 34.32 -6.81 2.20
N THR J 119 35.50 -6.20 2.26
CA THR J 119 36.72 -6.90 2.67
C THR J 119 37.34 -6.30 3.94
N ASN J 120 38.20 -7.08 4.59
CA ASN J 120 38.89 -6.61 5.79
C ASN J 120 40.02 -5.63 5.49
N THR J 121 40.74 -5.85 4.39
CA THR J 121 41.91 -5.04 4.03
C THR J 121 41.81 -4.47 2.62
N GLU J 122 42.68 -3.50 2.33
CA GLU J 122 42.83 -2.92 0.99
C GLU J 122 43.49 -3.93 0.04
N GLU J 123 44.33 -4.79 0.62
CA GLU J 123 45.03 -5.85 -0.09
C GLU J 123 44.06 -6.88 -0.68
N GLN J 124 42.93 -7.09 0.00
CA GLN J 124 41.94 -8.09 -0.40
C GLN J 124 40.95 -7.57 -1.46
N ALA J 125 40.58 -6.30 -1.35
CA ALA J 125 39.63 -5.68 -2.28
C ALA J 125 40.22 -5.48 -3.68
N LEU J 126 41.54 -5.31 -3.75
CA LEU J 126 42.25 -5.21 -5.02
C LEU J 126 42.26 -6.57 -5.75
N ASP J 127 42.41 -7.64 -4.96
CA ASP J 127 42.48 -9.01 -5.47
C ASP J 127 41.15 -9.47 -6.08
N ARG J 128 40.13 -8.64 -5.92
CA ARG J 128 38.76 -8.98 -6.23
C ARG J 128 38.13 -8.00 -7.24
N ALA J 129 38.95 -7.12 -7.81
CA ALA J 129 38.47 -6.03 -8.67
C ALA J 129 38.73 -6.22 -10.17
N GLY J 130 39.69 -7.05 -10.53
CA GLY J 130 39.97 -7.35 -11.93
C GLY J 130 41.12 -6.57 -12.55
N LEU J 131 42.17 -6.34 -11.78
CA LEU J 131 43.40 -5.73 -12.28
C LEU J 131 44.27 -6.83 -12.89
N PRO J 132 45.29 -6.46 -13.70
CA PRO J 132 46.25 -7.38 -14.33
C PRO J 132 46.66 -8.63 -13.53
N THR J 133 46.92 -8.45 -12.23
CA THR J 133 47.41 -9.55 -11.39
C THR J 133 46.38 -10.06 -10.36
N SER J 134 45.14 -9.57 -10.46
CA SER J 134 44.08 -9.96 -9.53
C SER J 134 43.54 -11.37 -9.83
N ALA J 135 43.04 -12.04 -8.79
CA ALA J 135 42.51 -13.39 -8.91
C ALA J 135 41.19 -13.42 -9.67
N GLU J 136 40.21 -12.65 -9.18
CA GLU J 136 38.88 -12.62 -9.79
C GLU J 136 38.41 -11.18 -10.04
N ASP J 137 37.26 -11.05 -10.70
CA ASP J 137 36.65 -9.76 -10.98
C ASP J 137 35.16 -9.78 -10.67
N LYS J 138 34.81 -9.20 -9.52
CA LYS J 138 33.41 -9.18 -9.06
C LYS J 138 32.53 -8.22 -9.86
N GLY J 139 33.15 -7.26 -10.52
CA GLY J 139 32.44 -6.32 -11.40
C GLY J 139 31.88 -7.01 -12.63
N ALA J 140 32.68 -7.88 -13.24
CA ALA J 140 32.24 -8.72 -14.35
C ALA J 140 31.17 -9.74 -13.91
N GLN J 141 31.38 -10.38 -12.77
CA GLN J 141 30.47 -11.40 -12.23
C GLN J 141 29.07 -10.86 -11.96
N ALA J 142 29.00 -9.60 -11.52
CA ALA J 142 27.73 -8.96 -11.21
C ALA J 142 26.91 -8.69 -12.48
N THR J 143 27.59 -8.19 -13.52
CA THR J 143 26.94 -7.89 -14.80
C THR J 143 26.34 -9.15 -15.43
N VAL J 144 27.08 -10.24 -15.40
CA VAL J 144 26.60 -11.54 -15.90
C VAL J 144 25.34 -12.01 -15.16
N ALA J 145 25.31 -11.79 -13.85
CA ALA J 145 24.15 -12.14 -13.02
C ALA J 145 22.90 -11.32 -13.36
N ALA J 146 23.09 -10.04 -13.68
CA ALA J 146 21.97 -9.14 -13.97
C ALA J 146 21.35 -9.41 -15.34
N LEU J 147 22.19 -9.51 -16.36
CA LEU J 147 21.73 -9.80 -17.72
C LEU J 147 21.02 -11.14 -17.86
N ALA J 148 21.52 -12.16 -17.16
CA ALA J 148 20.95 -13.51 -17.22
C ALA J 148 19.58 -13.59 -16.55
N THR J 149 19.41 -12.90 -15.43
CA THR J 149 18.15 -12.91 -14.69
C THR J 149 17.07 -12.14 -15.46
N ALA J 150 17.46 -11.07 -16.14
CA ALA J 150 16.55 -10.29 -16.97
C ALA J 150 16.05 -11.09 -18.16
N LEU J 151 16.93 -11.88 -18.77
CA LEU J 151 16.56 -12.74 -19.89
C LEU J 151 15.63 -13.87 -19.45
N THR J 152 15.81 -14.31 -18.20
CA THR J 152 14.98 -15.37 -17.61
C THR J 152 13.57 -14.87 -17.32
N LEU J 153 13.47 -13.73 -16.64
CA LEU J 153 12.18 -13.08 -16.41
C LEU J 153 11.46 -12.77 -17.73
N ARG J 154 12.22 -12.27 -18.69
CA ARG J 154 11.72 -12.01 -20.05
C ARG J 154 11.04 -13.24 -20.66
N GLU J 155 11.72 -14.38 -20.57
CA GLU J 155 11.21 -15.65 -21.09
C GLU J 155 10.04 -16.17 -20.26
N LEU J 156 10.00 -15.82 -18.97
CA LEU J 156 8.91 -16.25 -18.08
C LEU J 156 7.65 -15.41 -18.21
N ARG J 157 7.81 -14.13 -18.56
CA ARG J 157 6.70 -13.18 -18.59
C ARG J 157 5.80 -13.27 -19.85
N ALA J 158 4.82 -12.38 -19.93
CA ALA J 158 3.77 -12.42 -20.96
C ALA J 158 4.26 -12.13 -22.39
N HIS J 159 4.19 -13.14 -23.23
CA HIS J 159 4.53 -13.08 -24.65
C HIS J 159 3.98 -14.37 -25.27
N SER J 160 3.83 -14.49 -26.58
CA SER J 160 4.02 -13.47 -27.54
C SER J 160 2.98 -13.81 -28.58
#